data_3JBS
# 
_entry.id   3JBS 
# 
_audit_conform.dict_name       mmcif_pdbx.dic 
_audit_conform.dict_version    5.387 
_audit_conform.dict_location   http://mmcif.pdb.org/dictionaries/ascii/mmcif_pdbx.dic 
# 
loop_
_database_2.database_id 
_database_2.database_code 
_database_2.pdbx_database_accession 
_database_2.pdbx_DOI 
RCSB  RCSB160502   ?            ?                   
PDB   3JBS         pdb_00003jbs 10.2210/pdb3jbs/pdb 
WWPDB D_1000160502 ?            ?                   
# 
loop_
_pdbx_audit_revision_history.ordinal 
_pdbx_audit_revision_history.data_content_type 
_pdbx_audit_revision_history.major_revision 
_pdbx_audit_revision_history.minor_revision 
_pdbx_audit_revision_history.revision_date 
1 'Structure model' 1 0 2015-10-28 
2 'Structure model' 1 1 2015-11-18 
3 'Structure model' 1 2 2018-07-18 
4 'Structure model' 1 3 2024-02-21 
# 
_pdbx_audit_revision_details.ordinal             1 
_pdbx_audit_revision_details.revision_ordinal    1 
_pdbx_audit_revision_details.data_content_type   'Structure model' 
_pdbx_audit_revision_details.provider            repository 
_pdbx_audit_revision_details.type                'Initial release' 
_pdbx_audit_revision_details.description         ? 
_pdbx_audit_revision_details.details             ? 
# 
loop_
_pdbx_audit_revision_group.ordinal 
_pdbx_audit_revision_group.revision_ordinal 
_pdbx_audit_revision_group.data_content_type 
_pdbx_audit_revision_group.group 
1 2 'Structure model' 'Database references'    
2 3 'Structure model' 'Data collection'        
3 4 'Structure model' 'Data collection'        
4 4 'Structure model' 'Database references'    
5 4 'Structure model' 'Refinement description' 
# 
loop_
_pdbx_audit_revision_category.ordinal 
_pdbx_audit_revision_category.revision_ordinal 
_pdbx_audit_revision_category.data_content_type 
_pdbx_audit_revision_category.category 
1 3 'Structure model' em_software                   
2 4 'Structure model' chem_comp_atom                
3 4 'Structure model' chem_comp_bond                
4 4 'Structure model' database_2                    
5 4 'Structure model' em_3d_fitting_list            
6 4 'Structure model' pdbx_initial_refinement_model 
# 
loop_
_pdbx_audit_revision_item.ordinal 
_pdbx_audit_revision_item.revision_ordinal 
_pdbx_audit_revision_item.data_content_type 
_pdbx_audit_revision_item.item 
1 3 'Structure model' '_em_software.image_processing_id'                
2 3 'Structure model' '_em_software.name'                               
3 4 'Structure model' '_database_2.pdbx_DOI'                            
4 4 'Structure model' '_database_2.pdbx_database_accession'             
5 4 'Structure model' '_em_3d_fitting_list.accession_code'              
6 4 'Structure model' '_em_3d_fitting_list.initial_refinement_model_id' 
7 4 'Structure model' '_em_3d_fitting_list.source_name'                 
8 4 'Structure model' '_em_3d_fitting_list.type'                        
# 
_pdbx_database_status.status_code                     REL 
_pdbx_database_status.entry_id                        3JBS 
_pdbx_database_status.recvd_initial_deposition_date   2015-10-13 
_pdbx_database_status.deposit_site                    RCSB 
_pdbx_database_status.process_site                    RCSB 
_pdbx_database_status.status_code_sf                  ? 
_pdbx_database_status.status_code_mr                  ? 
_pdbx_database_status.SG_entry                        ? 
_pdbx_database_status.status_code_cs                  ? 
_pdbx_database_status.methods_development_category    ? 
_pdbx_database_status.pdb_format_compatible           Y 
_pdbx_database_status.status_code_nmr_data            ? 
# 
_pdbx_database_related.db_name        EMDB 
_pdbx_database_related.db_id          EMD-6478 
_pdbx_database_related.content_type   'associated EM volume' 
_pdbx_database_related.details        . 
# 
loop_
_audit_author.name 
_audit_author.pdbx_ordinal 
'Passos, D.O.' 1 
'Lyumkis, D.'  2 
# 
_citation.id                        primary 
_citation.title                     
'Single-particle cryoEM analysis at near-atomic resolution from several thousand asymmetric subunits.' 
_citation.journal_abbrev            J.Struct.Biol. 
_citation.journal_volume            192 
_citation.page_first                235 
_citation.page_last                 244 
_citation.year                      2015 
_citation.journal_id_ASTM           JSBIEM 
_citation.country                   US 
_citation.journal_id_ISSN           1047-8477 
_citation.journal_id_CSD            0803 
_citation.book_publisher            ? 
_citation.pdbx_database_id_PubMed   26470814 
_citation.pdbx_database_id_DOI      10.1016/j.jsb.2015.10.002 
# 
loop_
_citation_author.citation_id 
_citation_author.name 
_citation_author.ordinal 
_citation_author.identifier_ORCID 
primary 'Passos, D.O.' 1 ? 
primary 'Lyumkis, D.'  2 ? 
# 
_entity.id                         1 
_entity.type                       polymer 
_entity.src_method                 nat 
_entity.pdbx_description           eL6 
_entity.formula_weight             20000.564 
_entity.pdbx_number_of_molecules   1 
_entity.pdbx_ec                    ? 
_entity.pdbx_mutation              ? 
_entity.pdbx_fragment              ? 
_entity.details                    ? 
# 
_entity_name_com.entity_id   1 
_entity_name_com.name        'L17, RP18, YL16, 60S ribosomal protein L6-A' 
# 
_entity_poly.entity_id                      1 
_entity_poly.type                           'polypeptide(L)' 
_entity_poly.nstd_linkage                   no 
_entity_poly.nstd_monomer                   no 
_entity_poly.pdbx_seq_one_letter_code       
;MSAQKAPKWYPSEDVAALKKTRKAARPQKLRASLVPGTVLILLAGRFRGKRVVYLKHLEDNTLLISGPFKVNGVPLRRVN
ARYVIATSTKVSVEGVNVEKFNVEYFAKEKLTKKEKKEANLFPEQQNKEIKAERVEDQKVVDKALIAEIKKTPLLKQYLS
ASFSLKNGDKPHMLKF
;
_entity_poly.pdbx_seq_one_letter_code_can   
;MSAQKAPKWYPSEDVAALKKTRKAARPQKLRASLVPGTVLILLAGRFRGKRVVYLKHLEDNTLLISGPFKVNGVPLRRVN
ARYVIATSTKVSVEGVNVEKFNVEYFAKEKLTKKEKKEANLFPEQQNKEIKAERVEDQKVVDKALIAEIKKTPLLKQYLS
ASFSLKNGDKPHMLKF
;
_entity_poly.pdbx_strand_id                 A 
_entity_poly.pdbx_target_identifier         ? 
# 
loop_
_entity_poly_seq.entity_id 
_entity_poly_seq.num 
_entity_poly_seq.mon_id 
_entity_poly_seq.hetero 
1 1   MET n 
1 2   SER n 
1 3   ALA n 
1 4   GLN n 
1 5   LYS n 
1 6   ALA n 
1 7   PRO n 
1 8   LYS n 
1 9   TRP n 
1 10  TYR n 
1 11  PRO n 
1 12  SER n 
1 13  GLU n 
1 14  ASP n 
1 15  VAL n 
1 16  ALA n 
1 17  ALA n 
1 18  LEU n 
1 19  LYS n 
1 20  LYS n 
1 21  THR n 
1 22  ARG n 
1 23  LYS n 
1 24  ALA n 
1 25  ALA n 
1 26  ARG n 
1 27  PRO n 
1 28  GLN n 
1 29  LYS n 
1 30  LEU n 
1 31  ARG n 
1 32  ALA n 
1 33  SER n 
1 34  LEU n 
1 35  VAL n 
1 36  PRO n 
1 37  GLY n 
1 38  THR n 
1 39  VAL n 
1 40  LEU n 
1 41  ILE n 
1 42  LEU n 
1 43  LEU n 
1 44  ALA n 
1 45  GLY n 
1 46  ARG n 
1 47  PHE n 
1 48  ARG n 
1 49  GLY n 
1 50  LYS n 
1 51  ARG n 
1 52  VAL n 
1 53  VAL n 
1 54  TYR n 
1 55  LEU n 
1 56  LYS n 
1 57  HIS n 
1 58  LEU n 
1 59  GLU n 
1 60  ASP n 
1 61  ASN n 
1 62  THR n 
1 63  LEU n 
1 64  LEU n 
1 65  ILE n 
1 66  SER n 
1 67  GLY n 
1 68  PRO n 
1 69  PHE n 
1 70  LYS n 
1 71  VAL n 
1 72  ASN n 
1 73  GLY n 
1 74  VAL n 
1 75  PRO n 
1 76  LEU n 
1 77  ARG n 
1 78  ARG n 
1 79  VAL n 
1 80  ASN n 
1 81  ALA n 
1 82  ARG n 
1 83  TYR n 
1 84  VAL n 
1 85  ILE n 
1 86  ALA n 
1 87  THR n 
1 88  SER n 
1 89  THR n 
1 90  LYS n 
1 91  VAL n 
1 92  SER n 
1 93  VAL n 
1 94  GLU n 
1 95  GLY n 
1 96  VAL n 
1 97  ASN n 
1 98  VAL n 
1 99  GLU n 
1 100 LYS n 
1 101 PHE n 
1 102 ASN n 
1 103 VAL n 
1 104 GLU n 
1 105 TYR n 
1 106 PHE n 
1 107 ALA n 
1 108 LYS n 
1 109 GLU n 
1 110 LYS n 
1 111 LEU n 
1 112 THR n 
1 113 LYS n 
1 114 LYS n 
1 115 GLU n 
1 116 LYS n 
1 117 LYS n 
1 118 GLU n 
1 119 ALA n 
1 120 ASN n 
1 121 LEU n 
1 122 PHE n 
1 123 PRO n 
1 124 GLU n 
1 125 GLN n 
1 126 GLN n 
1 127 ASN n 
1 128 LYS n 
1 129 GLU n 
1 130 ILE n 
1 131 LYS n 
1 132 ALA n 
1 133 GLU n 
1 134 ARG n 
1 135 VAL n 
1 136 GLU n 
1 137 ASP n 
1 138 GLN n 
1 139 LYS n 
1 140 VAL n 
1 141 VAL n 
1 142 ASP n 
1 143 LYS n 
1 144 ALA n 
1 145 LEU n 
1 146 ILE n 
1 147 ALA n 
1 148 GLU n 
1 149 ILE n 
1 150 LYS n 
1 151 LYS n 
1 152 THR n 
1 153 PRO n 
1 154 LEU n 
1 155 LEU n 
1 156 LYS n 
1 157 GLN n 
1 158 TYR n 
1 159 LEU n 
1 160 SER n 
1 161 ALA n 
1 162 SER n 
1 163 PHE n 
1 164 SER n 
1 165 LEU n 
1 166 LYS n 
1 167 ASN n 
1 168 GLY n 
1 169 ASP n 
1 170 LYS n 
1 171 PRO n 
1 172 HIS n 
1 173 MET n 
1 174 LEU n 
1 175 LYS n 
1 176 PHE n 
# 
_entity_src_nat.entity_id                  1 
_entity_src_nat.pdbx_src_id                1 
_entity_src_nat.pdbx_alt_source_flag       sample 
_entity_src_nat.pdbx_beg_seq_num           ? 
_entity_src_nat.pdbx_end_seq_num           ? 
_entity_src_nat.common_name                yeast 
_entity_src_nat.pdbx_organism_scientific   'Saccharomyces cerevisiae BY4741' 
_entity_src_nat.pdbx_ncbi_taxonomy_id      1247190 
_entity_src_nat.genus                      ? 
_entity_src_nat.species                    ? 
_entity_src_nat.strain                     BY4741 
_entity_src_nat.tissue                     ? 
_entity_src_nat.tissue_fraction            ? 
_entity_src_nat.pdbx_secretion             ? 
_entity_src_nat.pdbx_fragment              ? 
_entity_src_nat.pdbx_variant               ? 
_entity_src_nat.pdbx_cell_line             ? 
_entity_src_nat.pdbx_atcc                  ? 
_entity_src_nat.pdbx_cellular_location     ? 
_entity_src_nat.pdbx_organ                 ? 
_entity_src_nat.pdbx_organelle             ? 
_entity_src_nat.pdbx_cell                  ? 
_entity_src_nat.pdbx_plasmid_name          ? 
_entity_src_nat.pdbx_plasmid_details       ? 
_entity_src_nat.details                    'cytosolic extract' 
# 
loop_
_chem_comp.id 
_chem_comp.type 
_chem_comp.mon_nstd_flag 
_chem_comp.name 
_chem_comp.pdbx_synonyms 
_chem_comp.formula 
_chem_comp.formula_weight 
ALA 'L-peptide linking' y ALANINE         ? 'C3 H7 N O2'     89.093  
ARG 'L-peptide linking' y ARGININE        ? 'C6 H15 N4 O2 1' 175.209 
ASN 'L-peptide linking' y ASPARAGINE      ? 'C4 H8 N2 O3'    132.118 
ASP 'L-peptide linking' y 'ASPARTIC ACID' ? 'C4 H7 N O4'     133.103 
GLN 'L-peptide linking' y GLUTAMINE       ? 'C5 H10 N2 O3'   146.144 
GLU 'L-peptide linking' y 'GLUTAMIC ACID' ? 'C5 H9 N O4'     147.129 
GLY 'peptide linking'   y GLYCINE         ? 'C2 H5 N O2'     75.067  
HIS 'L-peptide linking' y HISTIDINE       ? 'C6 H10 N3 O2 1' 156.162 
ILE 'L-peptide linking' y ISOLEUCINE      ? 'C6 H13 N O2'    131.173 
LEU 'L-peptide linking' y LEUCINE         ? 'C6 H13 N O2'    131.173 
LYS 'L-peptide linking' y LYSINE          ? 'C6 H15 N2 O2 1' 147.195 
MET 'L-peptide linking' y METHIONINE      ? 'C5 H11 N O2 S'  149.211 
PHE 'L-peptide linking' y PHENYLALANINE   ? 'C9 H11 N O2'    165.189 
PRO 'L-peptide linking' y PROLINE         ? 'C5 H9 N O2'     115.130 
SER 'L-peptide linking' y SERINE          ? 'C3 H7 N O3'     105.093 
THR 'L-peptide linking' y THREONINE       ? 'C4 H9 N O3'     119.119 
TRP 'L-peptide linking' y TRYPTOPHAN      ? 'C11 H12 N2 O2'  204.225 
TYR 'L-peptide linking' y TYROSINE        ? 'C9 H11 N O3'    181.189 
VAL 'L-peptide linking' y VALINE          ? 'C5 H11 N O2'    117.146 
# 
loop_
_pdbx_poly_seq_scheme.asym_id 
_pdbx_poly_seq_scheme.entity_id 
_pdbx_poly_seq_scheme.seq_id 
_pdbx_poly_seq_scheme.mon_id 
_pdbx_poly_seq_scheme.ndb_seq_num 
_pdbx_poly_seq_scheme.pdb_seq_num 
_pdbx_poly_seq_scheme.auth_seq_num 
_pdbx_poly_seq_scheme.pdb_mon_id 
_pdbx_poly_seq_scheme.auth_mon_id 
_pdbx_poly_seq_scheme.pdb_strand_id 
_pdbx_poly_seq_scheme.pdb_ins_code 
_pdbx_poly_seq_scheme.hetero 
A 1 1   MET 1   1   ?   ?   ?   A . n 
A 1 2   SER 2   2   2   SER SER A . n 
A 1 3   ALA 3   3   3   ALA ALA A . n 
A 1 4   GLN 4   4   4   GLN GLN A . n 
A 1 5   LYS 5   5   5   LYS LYS A . n 
A 1 6   ALA 6   6   6   ALA ALA A . n 
A 1 7   PRO 7   7   7   PRO PRO A . n 
A 1 8   LYS 8   8   8   LYS LYS A . n 
A 1 9   TRP 9   9   9   TRP TRP A . n 
A 1 10  TYR 10  10  10  TYR TYR A . n 
A 1 11  PRO 11  11  11  PRO PRO A . n 
A 1 12  SER 12  12  12  SER SER A . n 
A 1 13  GLU 13  13  13  GLU GLU A . n 
A 1 14  ASP 14  14  14  ASP ASP A . n 
A 1 15  VAL 15  15  15  VAL VAL A . n 
A 1 16  ALA 16  16  16  ALA ALA A . n 
A 1 17  ALA 17  17  17  ALA ALA A . n 
A 1 18  LEU 18  18  18  LEU LEU A . n 
A 1 19  LYS 19  19  19  LYS LYS A . n 
A 1 20  LYS 20  20  20  LYS LYS A . n 
A 1 21  THR 21  21  21  THR THR A . n 
A 1 22  ARG 22  22  22  ARG ARG A . n 
A 1 23  LYS 23  23  23  LYS LYS A . n 
A 1 24  ALA 24  24  24  ALA ALA A . n 
A 1 25  ALA 25  25  25  ALA ALA A . n 
A 1 26  ARG 26  26  26  ARG ARG A . n 
A 1 27  PRO 27  27  27  PRO PRO A . n 
A 1 28  GLN 28  28  28  GLN GLN A . n 
A 1 29  LYS 29  29  29  LYS LYS A . n 
A 1 30  LEU 30  30  30  LEU LEU A . n 
A 1 31  ARG 31  31  31  ARG ARG A . n 
A 1 32  ALA 32  32  32  ALA ALA A . n 
A 1 33  SER 33  33  33  SER SER A . n 
A 1 34  LEU 34  34  34  LEU LEU A . n 
A 1 35  VAL 35  35  35  VAL VAL A . n 
A 1 36  PRO 36  36  36  PRO PRO A . n 
A 1 37  GLY 37  37  37  GLY GLY A . n 
A 1 38  THR 38  38  38  THR THR A . n 
A 1 39  VAL 39  39  39  VAL VAL A . n 
A 1 40  LEU 40  40  40  LEU LEU A . n 
A 1 41  ILE 41  41  41  ILE ILE A . n 
A 1 42  LEU 42  42  42  LEU LEU A . n 
A 1 43  LEU 43  43  43  LEU LEU A . n 
A 1 44  ALA 44  44  44  ALA ALA A . n 
A 1 45  GLY 45  45  45  GLY GLY A . n 
A 1 46  ARG 46  46  46  ARG ARG A . n 
A 1 47  PHE 47  47  47  PHE PHE A . n 
A 1 48  ARG 48  48  48  ARG ARG A . n 
A 1 49  GLY 49  49  49  GLY GLY A . n 
A 1 50  LYS 50  50  50  LYS LYS A . n 
A 1 51  ARG 51  51  51  ARG ARG A . n 
A 1 52  VAL 52  52  52  VAL VAL A . n 
A 1 53  VAL 53  53  53  VAL VAL A . n 
A 1 54  TYR 54  54  54  TYR TYR A . n 
A 1 55  LEU 55  55  55  LEU LEU A . n 
A 1 56  LYS 56  56  56  LYS LYS A . n 
A 1 57  HIS 57  57  57  HIS HIS A . n 
A 1 58  LEU 58  58  58  LEU LEU A . n 
A 1 59  GLU 59  59  59  GLU GLU A . n 
A 1 60  ASP 60  60  60  ASP ASP A . n 
A 1 61  ASN 61  61  61  ASN ASN A . n 
A 1 62  THR 62  62  62  THR THR A . n 
A 1 63  LEU 63  63  63  LEU LEU A . n 
A 1 64  LEU 64  64  64  LEU LEU A . n 
A 1 65  ILE 65  65  65  ILE ILE A . n 
A 1 66  SER 66  66  66  SER SER A . n 
A 1 67  GLY 67  67  67  GLY GLY A . n 
A 1 68  PRO 68  68  68  PRO PRO A . n 
A 1 69  PHE 69  69  69  PHE PHE A . n 
A 1 70  LYS 70  70  70  LYS LYS A . n 
A 1 71  VAL 71  71  71  VAL VAL A . n 
A 1 72  ASN 72  72  72  ASN ASN A . n 
A 1 73  GLY 73  73  73  GLY GLY A . n 
A 1 74  VAL 74  74  74  VAL VAL A . n 
A 1 75  PRO 75  75  75  PRO PRO A . n 
A 1 76  LEU 76  76  76  LEU LEU A . n 
A 1 77  ARG 77  77  77  ARG ARG A . n 
A 1 78  ARG 78  78  78  ARG ARG A . n 
A 1 79  VAL 79  79  79  VAL VAL A . n 
A 1 80  ASN 80  80  80  ASN ASN A . n 
A 1 81  ALA 81  81  81  ALA ALA A . n 
A 1 82  ARG 82  82  82  ARG ARG A . n 
A 1 83  TYR 83  83  83  TYR TYR A . n 
A 1 84  VAL 84  84  84  VAL VAL A . n 
A 1 85  ILE 85  85  85  ILE ILE A . n 
A 1 86  ALA 86  86  86  ALA ALA A . n 
A 1 87  THR 87  87  87  THR THR A . n 
A 1 88  SER 88  88  88  SER SER A . n 
A 1 89  THR 89  89  89  THR THR A . n 
A 1 90  LYS 90  90  90  LYS LYS A . n 
A 1 91  VAL 91  91  91  VAL VAL A . n 
A 1 92  SER 92  92  92  SER SER A . n 
A 1 93  VAL 93  93  93  VAL VAL A . n 
A 1 94  GLU 94  94  94  GLU GLU A . n 
A 1 95  GLY 95  95  95  GLY GLY A . n 
A 1 96  VAL 96  96  96  VAL VAL A . n 
A 1 97  ASN 97  97  97  ASN ASN A . n 
A 1 98  VAL 98  98  98  VAL VAL A . n 
A 1 99  GLU 99  99  99  GLU GLU A . n 
A 1 100 LYS 100 100 100 LYS LYS A . n 
A 1 101 PHE 101 101 101 PHE PHE A . n 
A 1 102 ASN 102 102 102 ASN ASN A . n 
A 1 103 VAL 103 103 103 VAL VAL A . n 
A 1 104 GLU 104 104 104 GLU GLU A . n 
A 1 105 TYR 105 105 105 TYR TYR A . n 
A 1 106 PHE 106 106 106 PHE PHE A . n 
A 1 107 ALA 107 107 107 ALA ALA A . n 
A 1 108 LYS 108 108 108 LYS LYS A . n 
A 1 109 GLU 109 109 109 GLU GLU A . n 
A 1 110 LYS 110 110 110 LYS LYS A . n 
A 1 111 LEU 111 111 111 LEU LEU A . n 
A 1 112 THR 112 112 112 THR THR A . n 
A 1 113 LYS 113 113 113 LYS LYS A . n 
A 1 114 LYS 114 114 114 LYS LYS A . n 
A 1 115 GLU 115 115 115 GLU GLU A . n 
A 1 116 LYS 116 116 116 LYS LYS A . n 
A 1 117 LYS 117 117 117 LYS LYS A . n 
A 1 118 GLU 118 118 118 GLU GLU A . n 
A 1 119 ALA 119 119 119 ALA ALA A . n 
A 1 120 ASN 120 120 120 ASN ASN A . n 
A 1 121 LEU 121 121 121 LEU LEU A . n 
A 1 122 PHE 122 122 122 PHE PHE A . n 
A 1 123 PRO 123 123 123 PRO PRO A . n 
A 1 124 GLU 124 124 124 GLU GLU A . n 
A 1 125 GLN 125 125 125 GLN GLN A . n 
A 1 126 GLN 126 126 126 GLN GLN A . n 
A 1 127 ASN 127 127 127 ASN ASN A . n 
A 1 128 LYS 128 128 128 LYS LYS A . n 
A 1 129 GLU 129 129 129 GLU GLU A . n 
A 1 130 ILE 130 130 130 ILE ILE A . n 
A 1 131 LYS 131 131 131 LYS LYS A . n 
A 1 132 ALA 132 132 132 ALA ALA A . n 
A 1 133 GLU 133 133 133 GLU GLU A . n 
A 1 134 ARG 134 134 134 ARG ARG A . n 
A 1 135 VAL 135 135 135 VAL VAL A . n 
A 1 136 GLU 136 136 136 GLU GLU A . n 
A 1 137 ASP 137 137 137 ASP ASP A . n 
A 1 138 GLN 138 138 138 GLN GLN A . n 
A 1 139 LYS 139 139 139 LYS LYS A . n 
A 1 140 VAL 140 140 140 VAL VAL A . n 
A 1 141 VAL 141 141 141 VAL VAL A . n 
A 1 142 ASP 142 142 142 ASP ASP A . n 
A 1 143 LYS 143 143 143 LYS LYS A . n 
A 1 144 ALA 144 144 144 ALA ALA A . n 
A 1 145 LEU 145 145 145 LEU LEU A . n 
A 1 146 ILE 146 146 146 ILE ILE A . n 
A 1 147 ALA 147 147 147 ALA ALA A . n 
A 1 148 GLU 148 148 148 GLU GLU A . n 
A 1 149 ILE 149 149 149 ILE ILE A . n 
A 1 150 LYS 150 150 150 LYS LYS A . n 
A 1 151 LYS 151 151 151 LYS LYS A . n 
A 1 152 THR 152 152 152 THR THR A . n 
A 1 153 PRO 153 153 153 PRO PRO A . n 
A 1 154 LEU 154 154 154 LEU LEU A . n 
A 1 155 LEU 155 155 155 LEU LEU A . n 
A 1 156 LYS 156 156 156 LYS LYS A . n 
A 1 157 GLN 157 157 157 GLN GLN A . n 
A 1 158 TYR 158 158 158 TYR TYR A . n 
A 1 159 LEU 159 159 159 LEU LEU A . n 
A 1 160 SER 160 160 160 SER SER A . n 
A 1 161 ALA 161 161 161 ALA ALA A . n 
A 1 162 SER 162 162 162 SER SER A . n 
A 1 163 PHE 163 163 163 PHE PHE A . n 
A 1 164 SER 164 164 164 SER SER A . n 
A 1 165 LEU 165 165 165 LEU LEU A . n 
A 1 166 LYS 166 166 166 LYS LYS A . n 
A 1 167 ASN 167 167 167 ASN ASN A . n 
A 1 168 GLY 168 168 168 GLY GLY A . n 
A 1 169 ASP 169 169 169 ASP ASP A . n 
A 1 170 LYS 170 170 170 LYS LYS A . n 
A 1 171 PRO 171 171 171 PRO PRO A . n 
A 1 172 HIS 172 172 172 HIS HIS A . n 
A 1 173 MET 173 173 173 MET MET A . n 
A 1 174 LEU 174 174 174 LEU LEU A . n 
A 1 175 LYS 175 175 175 LYS LYS A . n 
A 1 176 PHE 176 176 176 PHE PHE A . n 
# 
_cell.entry_id           3JBS 
_cell.length_a           1 
_cell.length_b           1 
_cell.length_c           1 
_cell.angle_alpha        90 
_cell.angle_beta         90 
_cell.angle_gamma        90 
_cell.Z_PDB              1 
_cell.pdbx_unique_axis   ? 
_cell.length_a_esd       ? 
_cell.length_b_esd       ? 
_cell.length_c_esd       ? 
_cell.angle_alpha_esd    ? 
_cell.angle_beta_esd     ? 
_cell.angle_gamma_esd    ? 
# 
_symmetry.entry_id                         3JBS 
_symmetry.space_group_name_H-M             'P 1' 
_symmetry.pdbx_full_space_group_name_H-M   ? 
_symmetry.cell_setting                     ? 
_symmetry.Int_Tables_number                1 
_symmetry.space_group_name_Hall            ? 
# 
_exptl.entry_id          3JBS 
_exptl.method            'ELECTRON MICROSCOPY' 
_exptl.crystals_number   ? 
# 
_refine_hist.pdbx_refine_id                   'ELECTRON MICROSCOPY' 
_refine_hist.cycle_id                         LAST 
_refine_hist.pdbx_number_atoms_protein        1401 
_refine_hist.pdbx_number_atoms_nucleic_acid   0 
_refine_hist.pdbx_number_atoms_ligand         0 
_refine_hist.number_atoms_solvent             0 
_refine_hist.number_atoms_total               1401 
_refine_hist.d_res_high                       . 
_refine_hist.d_res_low                        . 
# 
_struct.entry_id                  3JBS 
_struct.title                     'eL6 protein from yeast 60S ribosomal subunit' 
_struct.pdbx_model_details        ? 
_struct.pdbx_CASP_flag            ? 
_struct.pdbx_model_type_details   ? 
# 
_struct_keywords.entry_id        3JBS 
_struct_keywords.pdbx_keywords   TRANSLATION 
_struct_keywords.text            'ribosome, translation' 
# 
_struct_asym.id                            A 
_struct_asym.pdbx_blank_PDB_chainid_flag   N 
_struct_asym.pdbx_modified                 N 
_struct_asym.entity_id                     1 
_struct_asym.details                       ? 
# 
_struct_ref.id                         1 
_struct_ref.db_name                    UNP 
_struct_ref.db_code                    RL6A_YEAST 
_struct_ref.pdbx_db_accession          Q02326 
_struct_ref.entity_id                  1 
_struct_ref.pdbx_seq_one_letter_code   
;MSAQKAPKWYPSEDVAALKKTRKAARPQKLRASLVPGTVLILLAGRFRGKRVVYLKHLEDNTLLISGPFKVNGVPLRRVN
ARYVIATSTKVSVEGVNVEKFNVEYFAKEKLTKKEKKEANLFPEQQNKEIKAERVEDQKVVDKALIAEIKKTPLLKQYLS
ASFSLKNGDKPHMLKF
;
_struct_ref.pdbx_align_begin           1 
_struct_ref.pdbx_db_isoform            ? 
# 
_struct_ref_seq.align_id                      1 
_struct_ref_seq.ref_id                        1 
_struct_ref_seq.pdbx_PDB_id_code              3JBS 
_struct_ref_seq.pdbx_strand_id                A 
_struct_ref_seq.seq_align_beg                 1 
_struct_ref_seq.pdbx_seq_align_beg_ins_code   ? 
_struct_ref_seq.seq_align_end                 176 
_struct_ref_seq.pdbx_seq_align_end_ins_code   ? 
_struct_ref_seq.pdbx_db_accession             Q02326 
_struct_ref_seq.db_align_beg                  1 
_struct_ref_seq.pdbx_db_align_beg_ins_code    ? 
_struct_ref_seq.db_align_end                  176 
_struct_ref_seq.pdbx_db_align_end_ins_code    ? 
_struct_ref_seq.pdbx_auth_seq_align_beg       1 
_struct_ref_seq.pdbx_auth_seq_align_end       176 
# 
_pdbx_struct_assembly.id                   1 
_pdbx_struct_assembly.details              author_defined_assembly 
_pdbx_struct_assembly.method_details       ? 
_pdbx_struct_assembly.oligomeric_details   monomeric 
_pdbx_struct_assembly.oligomeric_count     1 
# 
_pdbx_struct_assembly_gen.assembly_id       1 
_pdbx_struct_assembly_gen.oper_expression   1 
_pdbx_struct_assembly_gen.asym_id_list      A 
# 
_pdbx_struct_oper_list.id                   1 
_pdbx_struct_oper_list.type                 'identity operation' 
_pdbx_struct_oper_list.name                 1_555 
_pdbx_struct_oper_list.symmetry_operation   x,y,z 
_pdbx_struct_oper_list.matrix[1][1]         1.0000000000 
_pdbx_struct_oper_list.matrix[1][2]         0.0000000000 
_pdbx_struct_oper_list.matrix[1][3]         0.0000000000 
_pdbx_struct_oper_list.vector[1]            0.0000000000 
_pdbx_struct_oper_list.matrix[2][1]         0.0000000000 
_pdbx_struct_oper_list.matrix[2][2]         1.0000000000 
_pdbx_struct_oper_list.matrix[2][3]         0.0000000000 
_pdbx_struct_oper_list.vector[2]            0.0000000000 
_pdbx_struct_oper_list.matrix[3][1]         0.0000000000 
_pdbx_struct_oper_list.matrix[3][2]         0.0000000000 
_pdbx_struct_oper_list.matrix[3][3]         1.0000000000 
_pdbx_struct_oper_list.vector[3]            0.0000000000 
# 
_struct_biol.id        1 
_struct_biol.details   ? 
# 
loop_
_struct_conf.conf_type_id 
_struct_conf.id 
_struct_conf.pdbx_PDB_helix_id 
_struct_conf.beg_label_comp_id 
_struct_conf.beg_label_asym_id 
_struct_conf.beg_label_seq_id 
_struct_conf.pdbx_beg_PDB_ins_code 
_struct_conf.end_label_comp_id 
_struct_conf.end_label_asym_id 
_struct_conf.end_label_seq_id 
_struct_conf.pdbx_end_PDB_ins_code 
_struct_conf.beg_auth_comp_id 
_struct_conf.beg_auth_asym_id 
_struct_conf.beg_auth_seq_id 
_struct_conf.end_auth_comp_id 
_struct_conf.end_auth_asym_id 
_struct_conf.end_auth_seq_id 
_struct_conf.pdbx_PDB_helix_class 
_struct_conf.details 
_struct_conf.pdbx_PDB_helix_length 
HELX_P HELX_P1 1 PRO A 68  ? GLY A 73  ? PRO A 68  GLY A 73  1 ? 6  
HELX_P HELX_P2 2 ASN A 80  ? ARG A 82  ? ASN A 80  ARG A 82  5 ? 3  
HELX_P HELX_P3 3 THR A 112 ? PHE A 122 ? THR A 112 PHE A 122 1 ? 11 
HELX_P HELX_P4 4 PRO A 123 ? GLN A 126 ? PRO A 123 GLN A 126 5 ? 4  
HELX_P HELX_P5 5 LYS A 131 ? LYS A 150 ? LYS A 131 LYS A 150 1 ? 20 
HELX_P HELX_P6 6 LEU A 154 ? ALA A 161 ? LEU A 154 ALA A 161 1 ? 8  
# 
_struct_conf_type.id          HELX_P 
_struct_conf_type.criteria    ? 
_struct_conf_type.reference   ? 
# 
_struct_mon_prot_cis.pdbx_id                1 
_struct_mon_prot_cis.label_comp_id          GLY 
_struct_mon_prot_cis.label_seq_id           67 
_struct_mon_prot_cis.label_asym_id          A 
_struct_mon_prot_cis.label_alt_id           . 
_struct_mon_prot_cis.pdbx_PDB_ins_code      ? 
_struct_mon_prot_cis.auth_comp_id           GLY 
_struct_mon_prot_cis.auth_seq_id            67 
_struct_mon_prot_cis.auth_asym_id           A 
_struct_mon_prot_cis.pdbx_label_comp_id_2   PRO 
_struct_mon_prot_cis.pdbx_label_seq_id_2    68 
_struct_mon_prot_cis.pdbx_label_asym_id_2   A 
_struct_mon_prot_cis.pdbx_PDB_ins_code_2    ? 
_struct_mon_prot_cis.pdbx_auth_comp_id_2    PRO 
_struct_mon_prot_cis.pdbx_auth_seq_id_2     68 
_struct_mon_prot_cis.pdbx_auth_asym_id_2    A 
_struct_mon_prot_cis.pdbx_PDB_model_num     1 
_struct_mon_prot_cis.pdbx_omega_angle       -0.48 
# 
_struct_sheet.id               A 
_struct_sheet.type             ? 
_struct_sheet.number_strands   5 
_struct_sheet.details          ? 
# 
loop_
_struct_sheet_order.sheet_id 
_struct_sheet_order.range_id_1 
_struct_sheet_order.range_id_2 
_struct_sheet_order.offset 
_struct_sheet_order.sense 
A 1 2 ? anti-parallel 
A 2 3 ? anti-parallel 
A 3 4 ? anti-parallel 
A 4 5 ? anti-parallel 
# 
loop_
_struct_sheet_range.sheet_id 
_struct_sheet_range.id 
_struct_sheet_range.beg_label_comp_id 
_struct_sheet_range.beg_label_asym_id 
_struct_sheet_range.beg_label_seq_id 
_struct_sheet_range.pdbx_beg_PDB_ins_code 
_struct_sheet_range.end_label_comp_id 
_struct_sheet_range.end_label_asym_id 
_struct_sheet_range.end_label_seq_id 
_struct_sheet_range.pdbx_end_PDB_ins_code 
_struct_sheet_range.beg_auth_comp_id 
_struct_sheet_range.beg_auth_asym_id 
_struct_sheet_range.beg_auth_seq_id 
_struct_sheet_range.end_auth_comp_id 
_struct_sheet_range.end_auth_asym_id 
_struct_sheet_range.end_auth_seq_id 
A 1 ARG A 77 ? VAL A 79 ? ARG A 77 VAL A 79 
A 2 LEU A 63 ? SER A 66 ? LEU A 63 SER A 66 
A 3 ARG A 51 ? HIS A 57 ? ARG A 51 HIS A 57 
A 4 THR A 38 ? LEU A 42 ? THR A 38 LEU A 42 
A 5 VAL A 84 ? LYS A 90 ? VAL A 84 LYS A 90 
# 
loop_
_pdbx_struct_sheet_hbond.sheet_id 
_pdbx_struct_sheet_hbond.range_id_1 
_pdbx_struct_sheet_hbond.range_id_2 
_pdbx_struct_sheet_hbond.range_1_label_atom_id 
_pdbx_struct_sheet_hbond.range_1_label_comp_id 
_pdbx_struct_sheet_hbond.range_1_label_asym_id 
_pdbx_struct_sheet_hbond.range_1_label_seq_id 
_pdbx_struct_sheet_hbond.range_1_PDB_ins_code 
_pdbx_struct_sheet_hbond.range_1_auth_atom_id 
_pdbx_struct_sheet_hbond.range_1_auth_comp_id 
_pdbx_struct_sheet_hbond.range_1_auth_asym_id 
_pdbx_struct_sheet_hbond.range_1_auth_seq_id 
_pdbx_struct_sheet_hbond.range_2_label_atom_id 
_pdbx_struct_sheet_hbond.range_2_label_comp_id 
_pdbx_struct_sheet_hbond.range_2_label_asym_id 
_pdbx_struct_sheet_hbond.range_2_label_seq_id 
_pdbx_struct_sheet_hbond.range_2_PDB_ins_code 
_pdbx_struct_sheet_hbond.range_2_auth_atom_id 
_pdbx_struct_sheet_hbond.range_2_auth_comp_id 
_pdbx_struct_sheet_hbond.range_2_auth_asym_id 
_pdbx_struct_sheet_hbond.range_2_auth_seq_id 
A 1 2 O VAL A 79 ? O VAL A 79 N LEU A 63 ? N LEU A 63 
A 2 3 O SER A 66 ? O SER A 66 N VAL A 53 ? N VAL A 53 
A 3 4 O VAL A 52 ? O VAL A 52 N LEU A 40 ? N LEU A 40 
A 4 5 N VAL A 39 ? N VAL A 39 O THR A 89 ? O THR A 89 
# 
_pdbx_validate_rmsd_angle.id                         1 
_pdbx_validate_rmsd_angle.PDB_model_num              1 
_pdbx_validate_rmsd_angle.auth_atom_id_1             C 
_pdbx_validate_rmsd_angle.auth_asym_id_1             A 
_pdbx_validate_rmsd_angle.auth_comp_id_1             LYS 
_pdbx_validate_rmsd_angle.auth_seq_id_1              170 
_pdbx_validate_rmsd_angle.PDB_ins_code_1             ? 
_pdbx_validate_rmsd_angle.label_alt_id_1             ? 
_pdbx_validate_rmsd_angle.auth_atom_id_2             N 
_pdbx_validate_rmsd_angle.auth_asym_id_2             A 
_pdbx_validate_rmsd_angle.auth_comp_id_2             PRO 
_pdbx_validate_rmsd_angle.auth_seq_id_2              171 
_pdbx_validate_rmsd_angle.PDB_ins_code_2             ? 
_pdbx_validate_rmsd_angle.label_alt_id_2             ? 
_pdbx_validate_rmsd_angle.auth_atom_id_3             CA 
_pdbx_validate_rmsd_angle.auth_asym_id_3             A 
_pdbx_validate_rmsd_angle.auth_comp_id_3             PRO 
_pdbx_validate_rmsd_angle.auth_seq_id_3              171 
_pdbx_validate_rmsd_angle.PDB_ins_code_3             ? 
_pdbx_validate_rmsd_angle.label_alt_id_3             ? 
_pdbx_validate_rmsd_angle.angle_value                129.29 
_pdbx_validate_rmsd_angle.angle_target_value         119.30 
_pdbx_validate_rmsd_angle.angle_deviation            9.99 
_pdbx_validate_rmsd_angle.angle_standard_deviation   1.50 
_pdbx_validate_rmsd_angle.linker_flag                Y 
# 
loop_
_pdbx_validate_torsion.id 
_pdbx_validate_torsion.PDB_model_num 
_pdbx_validate_torsion.auth_comp_id 
_pdbx_validate_torsion.auth_asym_id 
_pdbx_validate_torsion.auth_seq_id 
_pdbx_validate_torsion.PDB_ins_code 
_pdbx_validate_torsion.label_alt_id 
_pdbx_validate_torsion.phi 
_pdbx_validate_torsion.psi 
1 1 PRO A 36  ? ? -39.39  124.01 
2 1 ASN A 72  ? ? -141.96 16.18  
3 1 LYS A 110 ? ? -66.77  74.73  
# 
_em_3d_fitting.id                1 
_em_3d_fitting.entry_id          3JBS 
_em_3d_fitting.ref_protocol      'FLEXIBLE FIT' 
_em_3d_fitting.ref_space         REAL 
_em_3d_fitting.overall_b_value   50 
_em_3d_fitting.target_criteria   FSC 
_em_3d_fitting.details           'REFINEMENT PROTOCOL--flexible' 
_em_3d_fitting.method            ? 
# 
_em_3d_fitting_list.3d_fitting_id                 1 
_em_3d_fitting_list.id                            1 
_em_3d_fitting_list.pdb_entry_id                  4UJQ 
_em_3d_fitting_list.pdb_chain_id                  H 
_em_3d_fitting_list.details                       ? 
_em_3d_fitting_list.initial_refinement_model_id   1 
_em_3d_fitting_list.chain_id                      ? 
_em_3d_fitting_list.chain_residue_range           ? 
_em_3d_fitting_list.pdb_chain_residue_range       ? 
_em_3d_fitting_list.source_name                   PDB 
_em_3d_fitting_list.type                          'experimental model' 
_em_3d_fitting_list.accession_code                4UJQ 
# 
_em_3d_reconstruction.entry_id                    3JBS 
_em_3d_reconstruction.id                          1 
_em_3d_reconstruction.resolution_method           'FSC 0.143 CUT-OFF' 
_em_3d_reconstruction.symmetry_type               POINT 
_em_3d_reconstruction.image_processing_id         1 
_em_3d_reconstruction.method                      'projection matching' 
_em_3d_reconstruction.nominal_pixel_size          1.31 
_em_3d_reconstruction.actual_pixel_size           1.31 
_em_3d_reconstruction.resolution                  2.9 
_em_3d_reconstruction.magnification_calibration   ? 
_em_3d_reconstruction.details                     'B-factor of -50 applied to final map (Single particle--Applied symmetry: C1).' 
_em_3d_reconstruction.num_particles               75653 
_em_3d_reconstruction.num_class_averages          ? 
_em_3d_reconstruction.algorithm                   ? 
# 
_em_buffer.id            1 
_em_buffer.specimen_id   1 
_em_buffer.name          'elution buffer (50 mM HEPES-KOH, 100 mM KOAc, 5 mM MgOAc, 1 mM EDTA, 2 mM DTT)' 
_em_buffer.pH            6.8 
_em_buffer.details       'elution buffer (50 mM HEPES-KOH, 100 mM KOAc, 5 mM MgOAc, 1 mM EDTA, 2 mM DTT)' 
# 
_em_entity_assembly.id                   1 
_em_entity_assembly.name                 'Saccharomyces cerevisiae large 60S ribosomal subunit' 
_em_entity_assembly.type                 RIBOSOME 
_em_entity_assembly.parent_id            0 
_em_entity_assembly.synonym              ? 
_em_entity_assembly.details              ? 
_em_entity_assembly.oligomeric_details   ? 
# 
_em_image_scans.entry_id                3JBS 
_em_image_scans.id                      1 
_em_image_scans.image_recording_id      1 
_em_image_scans.number_digital_images   1833 
_em_image_scans.citation_id             ? 
_em_image_scans.od_range                ? 
_em_image_scans.quant_bit_size          ? 
_em_image_scans.sampling_size           ? 
_em_image_scans.scanner_model           ? 
_em_image_scans.details                 ? 
# 
_em_imaging.entry_id                        3JBS 
_em_imaging.id                              1 
_em_imaging.specimen_id                     1 
_em_imaging.date                            2014-09-02 
_em_imaging.temperature                     ? 
_em_imaging.microscope_model                'FEI TITAN KRIOS' 
_em_imaging.nominal_defocus_min             500 
_em_imaging.nominal_defocus_max             2500 
_em_imaging.tilt_angle_min                  ? 
_em_imaging.tilt_angle_max                  ? 
_em_imaging.nominal_cs                      2.7 
_em_imaging.mode                            'BRIGHT FIELD' 
_em_imaging.illumination_mode               'FLOOD BEAM' 
_em_imaging.nominal_magnification           22500 
_em_imaging.calibrated_magnification        38167 
_em_imaging.electron_source                 'FIELD EMISSION GUN' 
_em_imaging.accelerating_voltage            300 
_em_imaging.details                         'super-resolution imaging' 
_em_imaging.specimen_holder_type            ? 
_em_imaging.specimen_holder_model           'FEI TITAN KRIOS AUTOGRID HOLDER' 
_em_imaging.recording_temperature_minimum   ? 
_em_imaging.recording_temperature_maximum   ? 
_em_imaging.electron_beam_tilt_params       ? 
_em_imaging.astigmatism                     'Objective lens astigmatism was corrected within the Leginon software.' 
_em_imaging.citation_id                     ? 
_em_imaging.detector_distance               ? 
# 
_em_sample_support.id               1 
_em_sample_support.specimen_id      1 
_em_sample_support.details          '400 mesh, 1.2x1.3 micron C-flat grids, plasma-treated for 5 seconds' 
_em_sample_support.film_material    ? 
_em_sample_support.grid_material    ? 
_em_sample_support.grid_mesh_size   ? 
_em_sample_support.grid_type        ? 
_em_sample_support.method           ? 
# 
_em_vitrification.entry_id              3JBS 
_em_vitrification.id                    1 
_em_vitrification.details               
;A 3 uL sample was applied onto a freshly plasma-treated (6 seconds, Gatan Solarus plasma cleaner) holey carbon C-flat grid (Protochips, Inc.), allowing the sample to adsorb for 30 seconds. The sample was then plunge-frozen in liquid ethane using a manual cryo-plunger in ambient atmosphere at 4 degrees C.
;
_em_vitrification.cryogen_name          ETHANE 
_em_vitrification.humidity              90 
_em_vitrification.temp                  77 
_em_vitrification.instrument            'HOMEMADE PLUNGER' 
_em_vitrification.method                
;A 3 uL sample was applied onto a freshly plasma-treated (6 seconds, Gatan Solarus plasma cleaner) holey carbon C-flat grid (Protochips, Inc.), allowing the sample to adsorb for 30 seconds. The sample was then plunge-frozen in liquid ethane using a manual cryo-plunger in ambient atmosphere at 4 degrees C.
;
_em_vitrification.time_resolved_state   ? 
_em_vitrification.citation_id           ? 
_em_vitrification.specimen_id           1 
# 
_em_experiment.entry_id                3JBS 
_em_experiment.id                      1 
_em_experiment.aggregation_state       PARTICLE 
_em_experiment.entity_assembly_id      1 
_em_experiment.reconstruction_method   'SINGLE PARTICLE' 
# 
_em_single_particle_entity.entry_id              3JBS 
_em_single_particle_entity.id                    1 
_em_single_particle_entity.point_symmetry        C1 
_em_single_particle_entity.image_processing_id   1 
# 
_pdbx_unobs_or_zero_occ_residues.id               1 
_pdbx_unobs_or_zero_occ_residues.PDB_model_num    1 
_pdbx_unobs_or_zero_occ_residues.polymer_flag     Y 
_pdbx_unobs_or_zero_occ_residues.occupancy_flag   1 
_pdbx_unobs_or_zero_occ_residues.auth_asym_id     A 
_pdbx_unobs_or_zero_occ_residues.auth_comp_id     MET 
_pdbx_unobs_or_zero_occ_residues.auth_seq_id      1 
_pdbx_unobs_or_zero_occ_residues.PDB_ins_code     ? 
_pdbx_unobs_or_zero_occ_residues.label_asym_id    A 
_pdbx_unobs_or_zero_occ_residues.label_comp_id    MET 
_pdbx_unobs_or_zero_occ_residues.label_seq_id     1 
# 
loop_
_chem_comp_atom.comp_id 
_chem_comp_atom.atom_id 
_chem_comp_atom.type_symbol 
_chem_comp_atom.pdbx_aromatic_flag 
_chem_comp_atom.pdbx_stereo_config 
_chem_comp_atom.pdbx_ordinal 
ALA N    N N N 1   
ALA CA   C N S 2   
ALA C    C N N 3   
ALA O    O N N 4   
ALA CB   C N N 5   
ALA OXT  O N N 6   
ALA H    H N N 7   
ALA H2   H N N 8   
ALA HA   H N N 9   
ALA HB1  H N N 10  
ALA HB2  H N N 11  
ALA HB3  H N N 12  
ALA HXT  H N N 13  
ARG N    N N N 14  
ARG CA   C N S 15  
ARG C    C N N 16  
ARG O    O N N 17  
ARG CB   C N N 18  
ARG CG   C N N 19  
ARG CD   C N N 20  
ARG NE   N N N 21  
ARG CZ   C N N 22  
ARG NH1  N N N 23  
ARG NH2  N N N 24  
ARG OXT  O N N 25  
ARG H    H N N 26  
ARG H2   H N N 27  
ARG HA   H N N 28  
ARG HB2  H N N 29  
ARG HB3  H N N 30  
ARG HG2  H N N 31  
ARG HG3  H N N 32  
ARG HD2  H N N 33  
ARG HD3  H N N 34  
ARG HE   H N N 35  
ARG HH11 H N N 36  
ARG HH12 H N N 37  
ARG HH21 H N N 38  
ARG HH22 H N N 39  
ARG HXT  H N N 40  
ASN N    N N N 41  
ASN CA   C N S 42  
ASN C    C N N 43  
ASN O    O N N 44  
ASN CB   C N N 45  
ASN CG   C N N 46  
ASN OD1  O N N 47  
ASN ND2  N N N 48  
ASN OXT  O N N 49  
ASN H    H N N 50  
ASN H2   H N N 51  
ASN HA   H N N 52  
ASN HB2  H N N 53  
ASN HB3  H N N 54  
ASN HD21 H N N 55  
ASN HD22 H N N 56  
ASN HXT  H N N 57  
ASP N    N N N 58  
ASP CA   C N S 59  
ASP C    C N N 60  
ASP O    O N N 61  
ASP CB   C N N 62  
ASP CG   C N N 63  
ASP OD1  O N N 64  
ASP OD2  O N N 65  
ASP OXT  O N N 66  
ASP H    H N N 67  
ASP H2   H N N 68  
ASP HA   H N N 69  
ASP HB2  H N N 70  
ASP HB3  H N N 71  
ASP HD2  H N N 72  
ASP HXT  H N N 73  
GLN N    N N N 74  
GLN CA   C N S 75  
GLN C    C N N 76  
GLN O    O N N 77  
GLN CB   C N N 78  
GLN CG   C N N 79  
GLN CD   C N N 80  
GLN OE1  O N N 81  
GLN NE2  N N N 82  
GLN OXT  O N N 83  
GLN H    H N N 84  
GLN H2   H N N 85  
GLN HA   H N N 86  
GLN HB2  H N N 87  
GLN HB3  H N N 88  
GLN HG2  H N N 89  
GLN HG3  H N N 90  
GLN HE21 H N N 91  
GLN HE22 H N N 92  
GLN HXT  H N N 93  
GLU N    N N N 94  
GLU CA   C N S 95  
GLU C    C N N 96  
GLU O    O N N 97  
GLU CB   C N N 98  
GLU CG   C N N 99  
GLU CD   C N N 100 
GLU OE1  O N N 101 
GLU OE2  O N N 102 
GLU OXT  O N N 103 
GLU H    H N N 104 
GLU H2   H N N 105 
GLU HA   H N N 106 
GLU HB2  H N N 107 
GLU HB3  H N N 108 
GLU HG2  H N N 109 
GLU HG3  H N N 110 
GLU HE2  H N N 111 
GLU HXT  H N N 112 
GLY N    N N N 113 
GLY CA   C N N 114 
GLY C    C N N 115 
GLY O    O N N 116 
GLY OXT  O N N 117 
GLY H    H N N 118 
GLY H2   H N N 119 
GLY HA2  H N N 120 
GLY HA3  H N N 121 
GLY HXT  H N N 122 
HIS N    N N N 123 
HIS CA   C N S 124 
HIS C    C N N 125 
HIS O    O N N 126 
HIS CB   C N N 127 
HIS CG   C Y N 128 
HIS ND1  N Y N 129 
HIS CD2  C Y N 130 
HIS CE1  C Y N 131 
HIS NE2  N Y N 132 
HIS OXT  O N N 133 
HIS H    H N N 134 
HIS H2   H N N 135 
HIS HA   H N N 136 
HIS HB2  H N N 137 
HIS HB3  H N N 138 
HIS HD1  H N N 139 
HIS HD2  H N N 140 
HIS HE1  H N N 141 
HIS HE2  H N N 142 
HIS HXT  H N N 143 
ILE N    N N N 144 
ILE CA   C N S 145 
ILE C    C N N 146 
ILE O    O N N 147 
ILE CB   C N S 148 
ILE CG1  C N N 149 
ILE CG2  C N N 150 
ILE CD1  C N N 151 
ILE OXT  O N N 152 
ILE H    H N N 153 
ILE H2   H N N 154 
ILE HA   H N N 155 
ILE HB   H N N 156 
ILE HG12 H N N 157 
ILE HG13 H N N 158 
ILE HG21 H N N 159 
ILE HG22 H N N 160 
ILE HG23 H N N 161 
ILE HD11 H N N 162 
ILE HD12 H N N 163 
ILE HD13 H N N 164 
ILE HXT  H N N 165 
LEU N    N N N 166 
LEU CA   C N S 167 
LEU C    C N N 168 
LEU O    O N N 169 
LEU CB   C N N 170 
LEU CG   C N N 171 
LEU CD1  C N N 172 
LEU CD2  C N N 173 
LEU OXT  O N N 174 
LEU H    H N N 175 
LEU H2   H N N 176 
LEU HA   H N N 177 
LEU HB2  H N N 178 
LEU HB3  H N N 179 
LEU HG   H N N 180 
LEU HD11 H N N 181 
LEU HD12 H N N 182 
LEU HD13 H N N 183 
LEU HD21 H N N 184 
LEU HD22 H N N 185 
LEU HD23 H N N 186 
LEU HXT  H N N 187 
LYS N    N N N 188 
LYS CA   C N S 189 
LYS C    C N N 190 
LYS O    O N N 191 
LYS CB   C N N 192 
LYS CG   C N N 193 
LYS CD   C N N 194 
LYS CE   C N N 195 
LYS NZ   N N N 196 
LYS OXT  O N N 197 
LYS H    H N N 198 
LYS H2   H N N 199 
LYS HA   H N N 200 
LYS HB2  H N N 201 
LYS HB3  H N N 202 
LYS HG2  H N N 203 
LYS HG3  H N N 204 
LYS HD2  H N N 205 
LYS HD3  H N N 206 
LYS HE2  H N N 207 
LYS HE3  H N N 208 
LYS HZ1  H N N 209 
LYS HZ2  H N N 210 
LYS HZ3  H N N 211 
LYS HXT  H N N 212 
MET N    N N N 213 
MET CA   C N S 214 
MET C    C N N 215 
MET O    O N N 216 
MET CB   C N N 217 
MET CG   C N N 218 
MET SD   S N N 219 
MET CE   C N N 220 
MET OXT  O N N 221 
MET H    H N N 222 
MET H2   H N N 223 
MET HA   H N N 224 
MET HB2  H N N 225 
MET HB3  H N N 226 
MET HG2  H N N 227 
MET HG3  H N N 228 
MET HE1  H N N 229 
MET HE2  H N N 230 
MET HE3  H N N 231 
MET HXT  H N N 232 
PHE N    N N N 233 
PHE CA   C N S 234 
PHE C    C N N 235 
PHE O    O N N 236 
PHE CB   C N N 237 
PHE CG   C Y N 238 
PHE CD1  C Y N 239 
PHE CD2  C Y N 240 
PHE CE1  C Y N 241 
PHE CE2  C Y N 242 
PHE CZ   C Y N 243 
PHE OXT  O N N 244 
PHE H    H N N 245 
PHE H2   H N N 246 
PHE HA   H N N 247 
PHE HB2  H N N 248 
PHE HB3  H N N 249 
PHE HD1  H N N 250 
PHE HD2  H N N 251 
PHE HE1  H N N 252 
PHE HE2  H N N 253 
PHE HZ   H N N 254 
PHE HXT  H N N 255 
PRO N    N N N 256 
PRO CA   C N S 257 
PRO C    C N N 258 
PRO O    O N N 259 
PRO CB   C N N 260 
PRO CG   C N N 261 
PRO CD   C N N 262 
PRO OXT  O N N 263 
PRO H    H N N 264 
PRO HA   H N N 265 
PRO HB2  H N N 266 
PRO HB3  H N N 267 
PRO HG2  H N N 268 
PRO HG3  H N N 269 
PRO HD2  H N N 270 
PRO HD3  H N N 271 
PRO HXT  H N N 272 
SER N    N N N 273 
SER CA   C N S 274 
SER C    C N N 275 
SER O    O N N 276 
SER CB   C N N 277 
SER OG   O N N 278 
SER OXT  O N N 279 
SER H    H N N 280 
SER H2   H N N 281 
SER HA   H N N 282 
SER HB2  H N N 283 
SER HB3  H N N 284 
SER HG   H N N 285 
SER HXT  H N N 286 
THR N    N N N 287 
THR CA   C N S 288 
THR C    C N N 289 
THR O    O N N 290 
THR CB   C N R 291 
THR OG1  O N N 292 
THR CG2  C N N 293 
THR OXT  O N N 294 
THR H    H N N 295 
THR H2   H N N 296 
THR HA   H N N 297 
THR HB   H N N 298 
THR HG1  H N N 299 
THR HG21 H N N 300 
THR HG22 H N N 301 
THR HG23 H N N 302 
THR HXT  H N N 303 
TRP N    N N N 304 
TRP CA   C N S 305 
TRP C    C N N 306 
TRP O    O N N 307 
TRP CB   C N N 308 
TRP CG   C Y N 309 
TRP CD1  C Y N 310 
TRP CD2  C Y N 311 
TRP NE1  N Y N 312 
TRP CE2  C Y N 313 
TRP CE3  C Y N 314 
TRP CZ2  C Y N 315 
TRP CZ3  C Y N 316 
TRP CH2  C Y N 317 
TRP OXT  O N N 318 
TRP H    H N N 319 
TRP H2   H N N 320 
TRP HA   H N N 321 
TRP HB2  H N N 322 
TRP HB3  H N N 323 
TRP HD1  H N N 324 
TRP HE1  H N N 325 
TRP HE3  H N N 326 
TRP HZ2  H N N 327 
TRP HZ3  H N N 328 
TRP HH2  H N N 329 
TRP HXT  H N N 330 
TYR N    N N N 331 
TYR CA   C N S 332 
TYR C    C N N 333 
TYR O    O N N 334 
TYR CB   C N N 335 
TYR CG   C Y N 336 
TYR CD1  C Y N 337 
TYR CD2  C Y N 338 
TYR CE1  C Y N 339 
TYR CE2  C Y N 340 
TYR CZ   C Y N 341 
TYR OH   O N N 342 
TYR OXT  O N N 343 
TYR H    H N N 344 
TYR H2   H N N 345 
TYR HA   H N N 346 
TYR HB2  H N N 347 
TYR HB3  H N N 348 
TYR HD1  H N N 349 
TYR HD2  H N N 350 
TYR HE1  H N N 351 
TYR HE2  H N N 352 
TYR HH   H N N 353 
TYR HXT  H N N 354 
VAL N    N N N 355 
VAL CA   C N S 356 
VAL C    C N N 357 
VAL O    O N N 358 
VAL CB   C N N 359 
VAL CG1  C N N 360 
VAL CG2  C N N 361 
VAL OXT  O N N 362 
VAL H    H N N 363 
VAL H2   H N N 364 
VAL HA   H N N 365 
VAL HB   H N N 366 
VAL HG11 H N N 367 
VAL HG12 H N N 368 
VAL HG13 H N N 369 
VAL HG21 H N N 370 
VAL HG22 H N N 371 
VAL HG23 H N N 372 
VAL HXT  H N N 373 
# 
loop_
_chem_comp_bond.comp_id 
_chem_comp_bond.atom_id_1 
_chem_comp_bond.atom_id_2 
_chem_comp_bond.value_order 
_chem_comp_bond.pdbx_aromatic_flag 
_chem_comp_bond.pdbx_stereo_config 
_chem_comp_bond.pdbx_ordinal 
ALA N   CA   sing N N 1   
ALA N   H    sing N N 2   
ALA N   H2   sing N N 3   
ALA CA  C    sing N N 4   
ALA CA  CB   sing N N 5   
ALA CA  HA   sing N N 6   
ALA C   O    doub N N 7   
ALA C   OXT  sing N N 8   
ALA CB  HB1  sing N N 9   
ALA CB  HB2  sing N N 10  
ALA CB  HB3  sing N N 11  
ALA OXT HXT  sing N N 12  
ARG N   CA   sing N N 13  
ARG N   H    sing N N 14  
ARG N   H2   sing N N 15  
ARG CA  C    sing N N 16  
ARG CA  CB   sing N N 17  
ARG CA  HA   sing N N 18  
ARG C   O    doub N N 19  
ARG C   OXT  sing N N 20  
ARG CB  CG   sing N N 21  
ARG CB  HB2  sing N N 22  
ARG CB  HB3  sing N N 23  
ARG CG  CD   sing N N 24  
ARG CG  HG2  sing N N 25  
ARG CG  HG3  sing N N 26  
ARG CD  NE   sing N N 27  
ARG CD  HD2  sing N N 28  
ARG CD  HD3  sing N N 29  
ARG NE  CZ   sing N N 30  
ARG NE  HE   sing N N 31  
ARG CZ  NH1  sing N N 32  
ARG CZ  NH2  doub N N 33  
ARG NH1 HH11 sing N N 34  
ARG NH1 HH12 sing N N 35  
ARG NH2 HH21 sing N N 36  
ARG NH2 HH22 sing N N 37  
ARG OXT HXT  sing N N 38  
ASN N   CA   sing N N 39  
ASN N   H    sing N N 40  
ASN N   H2   sing N N 41  
ASN CA  C    sing N N 42  
ASN CA  CB   sing N N 43  
ASN CA  HA   sing N N 44  
ASN C   O    doub N N 45  
ASN C   OXT  sing N N 46  
ASN CB  CG   sing N N 47  
ASN CB  HB2  sing N N 48  
ASN CB  HB3  sing N N 49  
ASN CG  OD1  doub N N 50  
ASN CG  ND2  sing N N 51  
ASN ND2 HD21 sing N N 52  
ASN ND2 HD22 sing N N 53  
ASN OXT HXT  sing N N 54  
ASP N   CA   sing N N 55  
ASP N   H    sing N N 56  
ASP N   H2   sing N N 57  
ASP CA  C    sing N N 58  
ASP CA  CB   sing N N 59  
ASP CA  HA   sing N N 60  
ASP C   O    doub N N 61  
ASP C   OXT  sing N N 62  
ASP CB  CG   sing N N 63  
ASP CB  HB2  sing N N 64  
ASP CB  HB3  sing N N 65  
ASP CG  OD1  doub N N 66  
ASP CG  OD2  sing N N 67  
ASP OD2 HD2  sing N N 68  
ASP OXT HXT  sing N N 69  
GLN N   CA   sing N N 70  
GLN N   H    sing N N 71  
GLN N   H2   sing N N 72  
GLN CA  C    sing N N 73  
GLN CA  CB   sing N N 74  
GLN CA  HA   sing N N 75  
GLN C   O    doub N N 76  
GLN C   OXT  sing N N 77  
GLN CB  CG   sing N N 78  
GLN CB  HB2  sing N N 79  
GLN CB  HB3  sing N N 80  
GLN CG  CD   sing N N 81  
GLN CG  HG2  sing N N 82  
GLN CG  HG3  sing N N 83  
GLN CD  OE1  doub N N 84  
GLN CD  NE2  sing N N 85  
GLN NE2 HE21 sing N N 86  
GLN NE2 HE22 sing N N 87  
GLN OXT HXT  sing N N 88  
GLU N   CA   sing N N 89  
GLU N   H    sing N N 90  
GLU N   H2   sing N N 91  
GLU CA  C    sing N N 92  
GLU CA  CB   sing N N 93  
GLU CA  HA   sing N N 94  
GLU C   O    doub N N 95  
GLU C   OXT  sing N N 96  
GLU CB  CG   sing N N 97  
GLU CB  HB2  sing N N 98  
GLU CB  HB3  sing N N 99  
GLU CG  CD   sing N N 100 
GLU CG  HG2  sing N N 101 
GLU CG  HG3  sing N N 102 
GLU CD  OE1  doub N N 103 
GLU CD  OE2  sing N N 104 
GLU OE2 HE2  sing N N 105 
GLU OXT HXT  sing N N 106 
GLY N   CA   sing N N 107 
GLY N   H    sing N N 108 
GLY N   H2   sing N N 109 
GLY CA  C    sing N N 110 
GLY CA  HA2  sing N N 111 
GLY CA  HA3  sing N N 112 
GLY C   O    doub N N 113 
GLY C   OXT  sing N N 114 
GLY OXT HXT  sing N N 115 
HIS N   CA   sing N N 116 
HIS N   H    sing N N 117 
HIS N   H2   sing N N 118 
HIS CA  C    sing N N 119 
HIS CA  CB   sing N N 120 
HIS CA  HA   sing N N 121 
HIS C   O    doub N N 122 
HIS C   OXT  sing N N 123 
HIS CB  CG   sing N N 124 
HIS CB  HB2  sing N N 125 
HIS CB  HB3  sing N N 126 
HIS CG  ND1  sing Y N 127 
HIS CG  CD2  doub Y N 128 
HIS ND1 CE1  doub Y N 129 
HIS ND1 HD1  sing N N 130 
HIS CD2 NE2  sing Y N 131 
HIS CD2 HD2  sing N N 132 
HIS CE1 NE2  sing Y N 133 
HIS CE1 HE1  sing N N 134 
HIS NE2 HE2  sing N N 135 
HIS OXT HXT  sing N N 136 
ILE N   CA   sing N N 137 
ILE N   H    sing N N 138 
ILE N   H2   sing N N 139 
ILE CA  C    sing N N 140 
ILE CA  CB   sing N N 141 
ILE CA  HA   sing N N 142 
ILE C   O    doub N N 143 
ILE C   OXT  sing N N 144 
ILE CB  CG1  sing N N 145 
ILE CB  CG2  sing N N 146 
ILE CB  HB   sing N N 147 
ILE CG1 CD1  sing N N 148 
ILE CG1 HG12 sing N N 149 
ILE CG1 HG13 sing N N 150 
ILE CG2 HG21 sing N N 151 
ILE CG2 HG22 sing N N 152 
ILE CG2 HG23 sing N N 153 
ILE CD1 HD11 sing N N 154 
ILE CD1 HD12 sing N N 155 
ILE CD1 HD13 sing N N 156 
ILE OXT HXT  sing N N 157 
LEU N   CA   sing N N 158 
LEU N   H    sing N N 159 
LEU N   H2   sing N N 160 
LEU CA  C    sing N N 161 
LEU CA  CB   sing N N 162 
LEU CA  HA   sing N N 163 
LEU C   O    doub N N 164 
LEU C   OXT  sing N N 165 
LEU CB  CG   sing N N 166 
LEU CB  HB2  sing N N 167 
LEU CB  HB3  sing N N 168 
LEU CG  CD1  sing N N 169 
LEU CG  CD2  sing N N 170 
LEU CG  HG   sing N N 171 
LEU CD1 HD11 sing N N 172 
LEU CD1 HD12 sing N N 173 
LEU CD1 HD13 sing N N 174 
LEU CD2 HD21 sing N N 175 
LEU CD2 HD22 sing N N 176 
LEU CD2 HD23 sing N N 177 
LEU OXT HXT  sing N N 178 
LYS N   CA   sing N N 179 
LYS N   H    sing N N 180 
LYS N   H2   sing N N 181 
LYS CA  C    sing N N 182 
LYS CA  CB   sing N N 183 
LYS CA  HA   sing N N 184 
LYS C   O    doub N N 185 
LYS C   OXT  sing N N 186 
LYS CB  CG   sing N N 187 
LYS CB  HB2  sing N N 188 
LYS CB  HB3  sing N N 189 
LYS CG  CD   sing N N 190 
LYS CG  HG2  sing N N 191 
LYS CG  HG3  sing N N 192 
LYS CD  CE   sing N N 193 
LYS CD  HD2  sing N N 194 
LYS CD  HD3  sing N N 195 
LYS CE  NZ   sing N N 196 
LYS CE  HE2  sing N N 197 
LYS CE  HE3  sing N N 198 
LYS NZ  HZ1  sing N N 199 
LYS NZ  HZ2  sing N N 200 
LYS NZ  HZ3  sing N N 201 
LYS OXT HXT  sing N N 202 
MET N   CA   sing N N 203 
MET N   H    sing N N 204 
MET N   H2   sing N N 205 
MET CA  C    sing N N 206 
MET CA  CB   sing N N 207 
MET CA  HA   sing N N 208 
MET C   O    doub N N 209 
MET C   OXT  sing N N 210 
MET CB  CG   sing N N 211 
MET CB  HB2  sing N N 212 
MET CB  HB3  sing N N 213 
MET CG  SD   sing N N 214 
MET CG  HG2  sing N N 215 
MET CG  HG3  sing N N 216 
MET SD  CE   sing N N 217 
MET CE  HE1  sing N N 218 
MET CE  HE2  sing N N 219 
MET CE  HE3  sing N N 220 
MET OXT HXT  sing N N 221 
PHE N   CA   sing N N 222 
PHE N   H    sing N N 223 
PHE N   H2   sing N N 224 
PHE CA  C    sing N N 225 
PHE CA  CB   sing N N 226 
PHE CA  HA   sing N N 227 
PHE C   O    doub N N 228 
PHE C   OXT  sing N N 229 
PHE CB  CG   sing N N 230 
PHE CB  HB2  sing N N 231 
PHE CB  HB3  sing N N 232 
PHE CG  CD1  doub Y N 233 
PHE CG  CD2  sing Y N 234 
PHE CD1 CE1  sing Y N 235 
PHE CD1 HD1  sing N N 236 
PHE CD2 CE2  doub Y N 237 
PHE CD2 HD2  sing N N 238 
PHE CE1 CZ   doub Y N 239 
PHE CE1 HE1  sing N N 240 
PHE CE2 CZ   sing Y N 241 
PHE CE2 HE2  sing N N 242 
PHE CZ  HZ   sing N N 243 
PHE OXT HXT  sing N N 244 
PRO N   CA   sing N N 245 
PRO N   CD   sing N N 246 
PRO N   H    sing N N 247 
PRO CA  C    sing N N 248 
PRO CA  CB   sing N N 249 
PRO CA  HA   sing N N 250 
PRO C   O    doub N N 251 
PRO C   OXT  sing N N 252 
PRO CB  CG   sing N N 253 
PRO CB  HB2  sing N N 254 
PRO CB  HB3  sing N N 255 
PRO CG  CD   sing N N 256 
PRO CG  HG2  sing N N 257 
PRO CG  HG3  sing N N 258 
PRO CD  HD2  sing N N 259 
PRO CD  HD3  sing N N 260 
PRO OXT HXT  sing N N 261 
SER N   CA   sing N N 262 
SER N   H    sing N N 263 
SER N   H2   sing N N 264 
SER CA  C    sing N N 265 
SER CA  CB   sing N N 266 
SER CA  HA   sing N N 267 
SER C   O    doub N N 268 
SER C   OXT  sing N N 269 
SER CB  OG   sing N N 270 
SER CB  HB2  sing N N 271 
SER CB  HB3  sing N N 272 
SER OG  HG   sing N N 273 
SER OXT HXT  sing N N 274 
THR N   CA   sing N N 275 
THR N   H    sing N N 276 
THR N   H2   sing N N 277 
THR CA  C    sing N N 278 
THR CA  CB   sing N N 279 
THR CA  HA   sing N N 280 
THR C   O    doub N N 281 
THR C   OXT  sing N N 282 
THR CB  OG1  sing N N 283 
THR CB  CG2  sing N N 284 
THR CB  HB   sing N N 285 
THR OG1 HG1  sing N N 286 
THR CG2 HG21 sing N N 287 
THR CG2 HG22 sing N N 288 
THR CG2 HG23 sing N N 289 
THR OXT HXT  sing N N 290 
TRP N   CA   sing N N 291 
TRP N   H    sing N N 292 
TRP N   H2   sing N N 293 
TRP CA  C    sing N N 294 
TRP CA  CB   sing N N 295 
TRP CA  HA   sing N N 296 
TRP C   O    doub N N 297 
TRP C   OXT  sing N N 298 
TRP CB  CG   sing N N 299 
TRP CB  HB2  sing N N 300 
TRP CB  HB3  sing N N 301 
TRP CG  CD1  doub Y N 302 
TRP CG  CD2  sing Y N 303 
TRP CD1 NE1  sing Y N 304 
TRP CD1 HD1  sing N N 305 
TRP CD2 CE2  doub Y N 306 
TRP CD2 CE3  sing Y N 307 
TRP NE1 CE2  sing Y N 308 
TRP NE1 HE1  sing N N 309 
TRP CE2 CZ2  sing Y N 310 
TRP CE3 CZ3  doub Y N 311 
TRP CE3 HE3  sing N N 312 
TRP CZ2 CH2  doub Y N 313 
TRP CZ2 HZ2  sing N N 314 
TRP CZ3 CH2  sing Y N 315 
TRP CZ3 HZ3  sing N N 316 
TRP CH2 HH2  sing N N 317 
TRP OXT HXT  sing N N 318 
TYR N   CA   sing N N 319 
TYR N   H    sing N N 320 
TYR N   H2   sing N N 321 
TYR CA  C    sing N N 322 
TYR CA  CB   sing N N 323 
TYR CA  HA   sing N N 324 
TYR C   O    doub N N 325 
TYR C   OXT  sing N N 326 
TYR CB  CG   sing N N 327 
TYR CB  HB2  sing N N 328 
TYR CB  HB3  sing N N 329 
TYR CG  CD1  doub Y N 330 
TYR CG  CD2  sing Y N 331 
TYR CD1 CE1  sing Y N 332 
TYR CD1 HD1  sing N N 333 
TYR CD2 CE2  doub Y N 334 
TYR CD2 HD2  sing N N 335 
TYR CE1 CZ   doub Y N 336 
TYR CE1 HE1  sing N N 337 
TYR CE2 CZ   sing Y N 338 
TYR CE2 HE2  sing N N 339 
TYR CZ  OH   sing N N 340 
TYR OH  HH   sing N N 341 
TYR OXT HXT  sing N N 342 
VAL N   CA   sing N N 343 
VAL N   H    sing N N 344 
VAL N   H2   sing N N 345 
VAL CA  C    sing N N 346 
VAL CA  CB   sing N N 347 
VAL CA  HA   sing N N 348 
VAL C   O    doub N N 349 
VAL C   OXT  sing N N 350 
VAL CB  CG1  sing N N 351 
VAL CB  CG2  sing N N 352 
VAL CB  HB   sing N N 353 
VAL CG1 HG11 sing N N 354 
VAL CG1 HG12 sing N N 355 
VAL CG1 HG13 sing N N 356 
VAL CG2 HG21 sing N N 357 
VAL CG2 HG22 sing N N 358 
VAL CG2 HG23 sing N N 359 
VAL OXT HXT  sing N N 360 
# 
_em_ctf_correction.id        1 
_em_ctf_correction.details   'each particle' 
_em_ctf_correction.type      . 
# 
_em_entity_assembly_molwt.entity_assembly_id   1 
_em_entity_assembly_molwt.id                   1 
_em_entity_assembly_molwt.experimental_flag    NO 
_em_entity_assembly_molwt.value                2.5 
_em_entity_assembly_molwt.units                MEGADALTONS 
# 
_em_image_processing.id                   1 
_em_image_processing.image_recording_id   1 
_em_image_processing.details              ? 
# 
_em_image_recording.avg_electron_dose_per_image   25 
_em_image_recording.details                       ? 
_em_image_recording.id                            1 
_em_image_recording.film_or_detector_model        'GATAN K2 (4k x 4k)' 
_em_image_recording.imaging_id                    1 
_em_image_recording.detector_mode                 ? 
_em_image_recording.average_exposure_time         ? 
_em_image_recording.num_diffraction_images        ? 
_em_image_recording.num_grids_imaged              ? 
_em_image_recording.num_real_images               ? 
# 
loop_
_em_software.id 
_em_software.name 
_em_software.version 
_em_software.category 
_em_software.details 
_em_software.image_processing_id 
1 Rosetta        ? 'MODEL FITTING' ? ? 
2 'UCSF Chimera' ? 'MODEL FITTING' ? ? 
3 FREALIGN       ? RECONSTRUCTION  ? 1 
# 
_em_specimen.experiment_id           1 
_em_specimen.id                      1 
_em_specimen.concentration           ? 
_em_specimen.vitrification_applied   YES 
_em_specimen.staining_applied        NO 
_em_specimen.embedding_applied       NO 
_em_specimen.shadowing_applied       NO 
_em_specimen.details                 ? 
# 
_pdbx_initial_refinement_model.id               1 
_pdbx_initial_refinement_model.type             'experimental model' 
_pdbx_initial_refinement_model.source_name      PDB 
_pdbx_initial_refinement_model.accession_code   4UJQ 
# 
_atom_sites.entry_id                    3JBS 
_atom_sites.fract_transf_matrix[1][1]   1.000000 
_atom_sites.fract_transf_matrix[1][2]   0.000000 
_atom_sites.fract_transf_matrix[1][3]   0.000000 
_atom_sites.fract_transf_matrix[2][1]   0.000000 
_atom_sites.fract_transf_matrix[2][2]   1.000000 
_atom_sites.fract_transf_matrix[2][3]   0.000000 
_atom_sites.fract_transf_matrix[3][1]   0.000000 
_atom_sites.fract_transf_matrix[3][2]   0.000000 
_atom_sites.fract_transf_matrix[3][3]   1.000000 
_atom_sites.fract_transf_vector[1]      0.00000 
_atom_sites.fract_transf_vector[2]      0.00000 
_atom_sites.fract_transf_vector[3]      0.00000 
# 
loop_
_atom_type.symbol 
C 
N 
O 
S 
# 
loop_
_atom_site.group_PDB 
_atom_site.id 
_atom_site.type_symbol 
_atom_site.label_atom_id 
_atom_site.label_alt_id 
_atom_site.label_comp_id 
_atom_site.label_asym_id 
_atom_site.label_entity_id 
_atom_site.label_seq_id 
_atom_site.pdbx_PDB_ins_code 
_atom_site.Cartn_x 
_atom_site.Cartn_y 
_atom_site.Cartn_z 
_atom_site.occupancy 
_atom_site.B_iso_or_equiv 
_atom_site.pdbx_formal_charge 
_atom_site.auth_seq_id 
_atom_site.auth_comp_id 
_atom_site.auth_asym_id 
_atom_site.auth_atom_id 
_atom_site.pdbx_PDB_model_num 
ATOM 1    N N   . SER A 1 2   ? -54.421 24.173  16.872  1.00 19.63  ? 2   SER A N   1 
ATOM 2    C CA  . SER A 1 2   ? -55.280 23.046  17.218  1.00 17.76  ? 2   SER A CA  1 
ATOM 3    C C   . SER A 1 2   ? -54.557 22.063  18.136  1.00 22.24  ? 2   SER A C   1 
ATOM 4    O O   . SER A 1 2   ? -54.558 22.223  19.355  1.00 25.36  ? 2   SER A O   1 
ATOM 5    C CB  . SER A 1 2   ? -55.759 22.330  15.955  1.00 24.62  ? 2   SER A CB  1 
ATOM 6    O OG  . SER A 1 2   ? -54.669 21.987  15.118  1.00 26.34  ? 2   SER A OG  1 
ATOM 7    N N   . ALA A 1 3   ? -53.943 21.047  17.539  1.00 21.17  ? 3   ALA A N   1 
ATOM 8    C CA  . ALA A 1 3   ? -53.217 20.037  18.299  1.00 18.27  ? 3   ALA A CA  1 
ATOM 9    C C   . ALA A 1 3   ? -52.054 20.657  19.065  1.00 21.71  ? 3   ALA A C   1 
ATOM 10   O O   . ALA A 1 3   ? -51.749 20.251  20.187  1.00 23.07  ? 3   ALA A O   1 
ATOM 11   C CB  . ALA A 1 3   ? -52.720 18.934  17.377  1.00 25.82  ? 3   ALA A CB  1 
ATOM 12   N N   . GLN A 1 4   ? -51.404 21.641  18.452  1.00 22.04  ? 4   GLN A N   1 
ATOM 13   C CA  . GLN A 1 4   ? -50.273 22.319  19.075  1.00 22.20  ? 4   GLN A CA  1 
ATOM 14   C C   . GLN A 1 4   ? -50.180 23.770  18.616  1.00 25.00  ? 4   GLN A C   1 
ATOM 15   O O   . GLN A 1 4   ? -50.310 24.064  17.429  1.00 27.08  ? 4   GLN A O   1 
ATOM 16   C CB  . GLN A 1 4   ? -48.969 21.583  18.762  1.00 23.76  ? 4   GLN A CB  1 
ATOM 17   C CG  . GLN A 1 4   ? -47.745 22.172  19.442  1.00 24.14  ? 4   GLN A CG  1 
ATOM 18   C CD  . GLN A 1 4   ? -46.482 21.382  19.155  1.00 22.57  ? 4   GLN A CD  1 
ATOM 19   O OE1 . GLN A 1 4   ? -46.465 20.512  18.284  1.00 29.15  ? 4   GLN A OE1 1 
ATOM 20   N NE2 . GLN A 1 4   ? -45.416 21.683  19.890  1.00 31.80  ? 4   GLN A NE2 1 
ATOM 21   N N   . LYS A 1 5   ? -49.951 24.672  19.565  1.00 26.27  ? 5   LYS A N   1 
ATOM 22   C CA  . LYS A 1 5   ? -49.840 26.089  19.260  1.00 30.01  ? 5   LYS A CA  1 
ATOM 23   C C   . LYS A 1 5   ? -48.608 26.377  18.423  1.00 33.04  ? 5   LYS A C   1 
ATOM 24   O O   . LYS A 1 5   ? -47.503 25.952  18.758  1.00 34.50  ? 5   LYS A O   1 
ATOM 25   C CB  . LYS A 1 5   ? -49.806 26.910  20.542  1.00 35.00  ? 5   LYS A CB  1 
ATOM 26   C CG  . LYS A 1 5   ? -49.783 28.413  20.319  1.00 36.45  ? 5   LYS A CG  1 
ATOM 27   C CD  . LYS A 1 5   ? -49.856 29.160  21.641  1.00 44.10  ? 5   LYS A CD  1 
ATOM 28   C CE  . LYS A 1 5   ? -49.862 30.666  21.429  1.00 53.60  ? 5   LYS A CE  1 
ATOM 29   N NZ  . LYS A 1 5   ? -49.968 31.401  22.719  1.00 56.31  ? 5   LYS A NZ  1 
ATOM 30   N N   . ALA A 1 6   ? -48.809 27.097  17.325  1.00 33.80  ? 6   ALA A N   1 
ATOM 31   C CA  . ALA A 1 6   ? -47.717 27.458  16.440  1.00 37.69  ? 6   ALA A CA  1 
ATOM 32   C C   . ALA A 1 6   ? -46.771 28.450  17.126  1.00 41.09  ? 6   ALA A C   1 
ATOM 33   O O   . ALA A 1 6   ? -47.226 29.308  17.880  1.00 42.45  ? 6   ALA A O   1 
ATOM 34   C CB  . ALA A 1 6   ? -48.259 28.059  15.158  1.00 41.70  ? 6   ALA A CB  1 
ATOM 35   N N   . PRO A 1 7   ? -45.459 28.341  16.876  1.00 44.19  ? 7   PRO A N   1 
ATOM 36   C CA  . PRO A 1 7   ? -44.395 29.215  17.356  1.00 46.69  ? 7   PRO A CA  1 
ATOM 37   C C   . PRO A 1 7   ? -44.578 30.651  16.892  1.00 51.78  ? 7   PRO A C   1 
ATOM 38   O O   . PRO A 1 7   ? -45.066 30.907  15.791  1.00 53.55  ? 7   PRO A O   1 
ATOM 39   C CB  . PRO A 1 7   ? -43.130 28.585  16.769  1.00 48.62  ? 7   PRO A CB  1 
ATOM 40   C CG  . PRO A 1 7   ? -43.455 27.138  16.650  1.00 47.26  ? 7   PRO A CG  1 
ATOM 41   C CD  . PRO A 1 7   ? -44.920 27.078  16.340  1.00 45.45  ? 7   PRO A CD  1 
ATOM 42   N N   . LYS A 1 8   ? -44.147 31.589  17.733  1.00 53.07  ? 8   LYS A N   1 
ATOM 43   C CA  . LYS A 1 8   ? -44.212 33.011  17.411  1.00 56.19  ? 8   LYS A CA  1 
ATOM 44   C C   . LYS A 1 8   ? -43.211 33.375  16.324  1.00 58.02  ? 8   LYS A C   1 
ATOM 45   O O   . LYS A 1 8   ? -43.402 34.336  15.581  1.00 58.81  ? 8   LYS A O   1 
ATOM 46   C CB  . LYS A 1 8   ? -43.933 33.858  18.650  1.00 65.57  ? 8   LYS A CB  1 
ATOM 47   C CG  . LYS A 1 8   ? -45.022 33.821  19.710  1.00 73.79  ? 8   LYS A CG  1 
ATOM 48   C CD  . LYS A 1 8   ? -44.642 34.690  20.899  1.00 77.63  ? 8   LYS A CD  1 
ATOM 49   C CE  . LYS A 1 8   ? -45.720 34.676  21.972  1.00 86.84  ? 8   LYS A CE  1 
ATOM 50   N NZ  . LYS A 1 8   ? -45.334 35.496  23.152  1.00 92.33  ? 8   LYS A NZ  1 
ATOM 51   N N   . TRP A 1 9   ? -42.140 32.598  16.248  1.00 58.04  ? 9   TRP A N   1 
ATOM 52   C CA  . TRP A 1 9   ? -41.093 32.804  15.273  1.00 56.46  ? 9   TRP A CA  1 
ATOM 53   C C   . TRP A 1 9   ? -40.497 31.461  14.923  1.00 55.93  ? 9   TRP A C   1 
ATOM 54   O O   . TRP A 1 9   ? -40.666 30.491  15.660  1.00 56.25  ? 9   TRP A O   1 
ATOM 55   C CB  . TRP A 1 9   ? -40.014 33.709  15.847  1.00 58.11  ? 9   TRP A CB  1 
ATOM 56   C CG  . TRP A 1 9   ? -39.326 33.073  17.010  1.00 62.20  ? 9   TRP A CG  1 
ATOM 57   C CD1 . TRP A 1 9   ? -39.768 33.032  18.297  1.00 63.20  ? 9   TRP A CD1 1 
ATOM 58   C CD2 . TRP A 1 9   ? -38.053 32.380  17.001  1.00 63.66  ? 9   TRP A CD2 1 
ATOM 59   N NE1 . TRP A 1 9   ? -38.871 32.351  19.085  1.00 64.18  ? 9   TRP A NE1 1 
ATOM 60   C CE2 . TRP A 1 9   ? -37.816 31.945  18.305  1.00 66.25  ? 9   TRP A CE2 1 
ATOM 61   C CE3 . TRP A 1 9   ? -37.112 32.098  16.006  1.00 61.20  ? 9   TRP A CE3 1 
ATOM 62   C CZ2 . TRP A 1 9   ? -36.676 31.232  18.647  1.00 67.78  ? 9   TRP A CZ2 1 
ATOM 63   C CZ3 . TRP A 1 9   ? -35.969 31.388  16.346  1.00 62.11  ? 9   TRP A CZ3 1 
ATOM 64   C CH2 . TRP A 1 9   ? -35.757 30.963  17.631  1.00 64.35  ? 9   TRP A CH2 1 
ATOM 65   N N   . TYR A 1 10  ? -39.794 31.400  13.805  1.00 56.16  ? 10  TYR A N   1 
ATOM 66   C CA  . TYR A 1 10  ? -39.190 30.150  13.394  1.00 54.23  ? 10  TYR A CA  1 
ATOM 67   C C   . TYR A 1 10  ? -37.721 30.367  13.057  1.00 54.53  ? 10  TYR A C   1 
ATOM 68   O O   . TYR A 1 10  ? -37.368 31.409  12.507  1.00 55.61  ? 10  TYR A O   1 
ATOM 69   C CB  . TYR A 1 10  ? -39.932 29.589  12.185  1.00 54.48  ? 10  TYR A CB  1 
ATOM 70   C CG  . TYR A 1 10  ? -41.387 29.282  12.459  1.00 53.35  ? 10  TYR A CG  1 
ATOM 71   C CD1 . TYR A 1 10  ? -42.342 30.278  12.308  1.00 54.31  ? 10  TYR A CD1 1 
ATOM 72   C CD2 . TYR A 1 10  ? -41.771 28.012  12.855  1.00 51.33  ? 10  TYR A CD2 1 
ATOM 73   C CE1 . TYR A 1 10  ? -43.670 30.007  12.555  1.00 52.17  ? 10  TYR A CE1 1 
ATOM 74   C CE2 . TYR A 1 10  ? -43.103 27.741  13.095  1.00 51.27  ? 10  TYR A CE2 1 
ATOM 75   C CZ  . TYR A 1 10  ? -44.048 28.733  12.946  1.00 50.95  ? 10  TYR A CZ  1 
ATOM 76   O OH  . TYR A 1 10  ? -45.374 28.465  13.178  1.00 50.18  ? 10  TYR A OH  1 
ATOM 77   N N   . PRO A 1 11  ? -36.850 29.415  13.404  1.00 54.44  ? 11  PRO A N   1 
ATOM 78   C CA  . PRO A 1 11  ? -35.426 29.391  13.112  1.00 54.94  ? 11  PRO A CA  1 
ATOM 79   C C   . PRO A 1 11  ? -35.189 29.417  11.614  1.00 54.89  ? 11  PRO A C   1 
ATOM 80   O O   . PRO A 1 11  ? -35.945 28.819  10.847  1.00 57.64  ? 11  PRO A O   1 
ATOM 81   C CB  . PRO A 1 11  ? -34.950 28.092  13.761  1.00 57.00  ? 11  PRO A CB  1 
ATOM 82   C CG  . PRO A 1 11  ? -35.899 27.875  14.893  1.00 58.45  ? 11  PRO A CG  1 
ATOM 83   C CD  . PRO A 1 11  ? -37.217 28.412  14.422  1.00 54.64  ? 11  PRO A CD  1 
ATOM 84   N N   . SER A 1 12  ? -34.129 30.100  11.199  1.00 56.73  ? 12  SER A N   1 
ATOM 85   C CA  . SER A 1 12  ? -33.800 30.186  9.788   1.00 58.35  ? 12  SER A CA  1 
ATOM 86   C C   . SER A 1 12  ? -33.296 28.866  9.253   1.00 62.54  ? 12  SER A C   1 
ATOM 87   O O   . SER A 1 12  ? -32.551 28.154  9.925   1.00 65.16  ? 12  SER A O   1 
ATOM 88   C CB  . SER A 1 12  ? -32.758 31.248  9.535   1.00 61.90  ? 12  SER A CB  1 
ATOM 89   O OG  . SER A 1 12  ? -32.391 31.260  8.183   1.00 64.38  ? 12  SER A OG  1 
ATOM 90   N N   . GLU A 1 13  ? -33.695 28.550  8.029   1.00 64.74  ? 13  GLU A N   1 
ATOM 91   C CA  . GLU A 1 13  ? -33.261 27.329  7.373   1.00 67.52  ? 13  GLU A CA  1 
ATOM 92   C C   . GLU A 1 13  ? -31.929 27.524  6.652   1.00 67.12  ? 13  GLU A C   1 
ATOM 93   O O   . GLU A 1 13  ? -31.333 26.559  6.171   1.00 68.25  ? 13  GLU A O   1 
ATOM 94   C CB  . GLU A 1 13  ? -34.321 26.853  6.381   1.00 74.18  ? 13  GLU A CB  1 
ATOM 95   C CG  . GLU A 1 13  ? -35.633 26.428  7.023   1.00 77.43  ? 13  GLU A CG  1 
ATOM 96   C CD  . GLU A 1 13  ? -36.662 25.992  6.018   1.00 86.40  ? 13  GLU A CD  1 
ATOM 97   O OE1 . GLU A 1 13  ? -36.396 26.085  4.845   1.00 79.81  ? 13  GLU A OE1 1 
ATOM 98   O OE2 . GLU A 1 13  ? -37.717 25.565  6.424   1.00 94.29  ? 13  GLU A OE2 1 
ATOM 99   N N   . ASP A 1 14  ? -31.473 28.774  6.560   1.00 66.09  ? 14  ASP A N   1 
ATOM 100  C CA  . ASP A 1 14  ? -30.217 29.064  5.897   1.00 65.87  ? 14  ASP A CA  1 
ATOM 101  C C   . ASP A 1 14  ? -29.036 28.529  6.687   1.00 64.94  ? 14  ASP A C   1 
ATOM 102  O O   . ASP A 1 14  ? -28.994 28.633  7.914   1.00 64.84  ? 14  ASP A O   1 
ATOM 103  C CB  . ASP A 1 14  ? -30.060 30.567  5.684   1.00 66.51  ? 14  ASP A CB  1 
ATOM 104  C CG  . ASP A 1 14  ? -31.007 31.115  4.625   1.00 70.01  ? 14  ASP A CG  1 
ATOM 105  O OD1 . ASP A 1 14  ? -31.566 30.332  3.893   1.00 69.10  ? 14  ASP A OD1 1 
ATOM 106  O OD2 . ASP A 1 14  ? -31.158 32.310  4.556   1.00 71.33  ? 14  ASP A OD2 1 
ATOM 107  N N   . VAL A 1 15  ? -28.068 27.972  5.973   1.00 63.89  ? 15  VAL A N   1 
ATOM 108  C CA  . VAL A 1 15  ? -26.866 27.444  6.597   1.00 60.27  ? 15  VAL A CA  1 
ATOM 109  C C   . VAL A 1 15  ? -25.727 28.434  6.465   1.00 57.34  ? 15  VAL A C   1 
ATOM 110  O O   . VAL A 1 15  ? -25.390 28.856  5.357   1.00 56.09  ? 15  VAL A O   1 
ATOM 111  C CB  . VAL A 1 15  ? -26.471 26.101  5.964   1.00 59.35  ? 15  VAL A CB  1 
ATOM 112  C CG1 . VAL A 1 15  ? -25.187 25.586  6.597   1.00 63.06  ? 15  VAL A CG1 1 
ATOM 113  C CG2 . VAL A 1 15  ? -27.603 25.103  6.156   1.00 64.90  ? 15  VAL A CG2 1 
ATOM 114  N N   . ALA A 1 16  ? -25.149 28.814  7.596   1.00 54.29  ? 16  ALA A N   1 
ATOM 115  C CA  . ALA A 1 16  ? -24.050 29.767  7.604   1.00 48.45  ? 16  ALA A CA  1 
ATOM 116  C C   . ALA A 1 16  ? -22.826 29.196  6.909   1.00 44.77  ? 16  ALA A C   1 
ATOM 117  O O   . ALA A 1 16  ? -22.522 28.009  7.034   1.00 45.41  ? 16  ALA A O   1 
ATOM 118  C CB  . ALA A 1 16  ? -23.703 30.159  9.031   1.00 47.03  ? 16  ALA A CB  1 
ATOM 119  N N   . ALA A 1 17  ? -22.120 30.057  6.185   1.00 41.00  ? 17  ALA A N   1 
ATOM 120  C CA  . ALA A 1 17  ? -20.906 29.661  5.489   1.00 38.45  ? 17  ALA A CA  1 
ATOM 121  C C   . ALA A 1 17  ? -19.800 29.360  6.485   1.00 37.58  ? 17  ALA A C   1 
ATOM 122  O O   . ALA A 1 17  ? -19.712 29.987  7.542   1.00 36.95  ? 17  ALA A O   1 
ATOM 123  C CB  . ALA A 1 17  ? -20.468 30.751  4.526   1.00 35.48  ? 17  ALA A CB  1 
ATOM 124  N N   . LEU A 1 18  ? -18.949 28.406  6.139   1.00 34.62  ? 18  LEU A N   1 
ATOM 125  C CA  . LEU A 1 18  ? -17.847 28.030  7.005   1.00 30.02  ? 18  LEU A CA  1 
ATOM 126  C C   . LEU A 1 18  ? -16.727 29.053  6.929   1.00 29.41  ? 18  LEU A C   1 
ATOM 127  O O   . LEU A 1 18  ? -16.521 29.685  5.891   1.00 31.94  ? 18  LEU A O   1 
ATOM 128  C CB  . LEU A 1 18  ? -17.317 26.651  6.615   1.00 34.65  ? 18  LEU A CB  1 
ATOM 129  C CG  . LEU A 1 18  ? -18.317 25.499  6.761   1.00 39.05  ? 18  LEU A CG  1 
ATOM 130  C CD1 . LEU A 1 18  ? -17.683 24.214  6.249   1.00 45.93  ? 18  LEU A CD1 1 
ATOM 131  C CD2 . LEU A 1 18  ? -18.724 25.368  8.219   1.00 37.69  ? 18  LEU A CD2 1 
ATOM 132  N N   . LYS A 1 19  ? -16.006 29.212  8.031   1.00 26.24  ? 19  LYS A N   1 
ATOM 133  C CA  . LYS A 1 19  ? -14.897 30.150  8.087   1.00 23.85  ? 19  LYS A CA  1 
ATOM 134  C C   . LYS A 1 19  ? -13.690 29.587  7.362   1.00 27.69  ? 19  LYS A C   1 
ATOM 135  O O   . LYS A 1 19  ? -13.547 28.370  7.240   1.00 28.97  ? 19  LYS A O   1 
ATOM 136  C CB  . LYS A 1 19  ? -14.521 30.459  9.534   1.00 23.28  ? 19  LYS A CB  1 
ATOM 137  C CG  . LYS A 1 19  ? -15.580 31.207  10.324  1.00 20.12  ? 19  LYS A CG  1 
ATOM 138  C CD  . LYS A 1 19  ? -15.102 31.491  11.740  1.00 22.02  ? 19  LYS A CD  1 
ATOM 139  C CE  . LYS A 1 19  ? -16.153 32.243  12.540  1.00 22.17  ? 19  LYS A CE  1 
ATOM 140  N NZ  . LYS A 1 19  ? -15.698 32.520  13.928  1.00 31.01  ? 19  LYS A NZ  1 
ATOM 141  N N   . LYS A 1 20  ? -12.823 30.471  6.882   1.00 27.12  ? 20  LYS A N   1 
ATOM 142  C CA  . LYS A 1 20  ? -11.621 30.026  6.196   1.00 28.18  ? 20  LYS A CA  1 
ATOM 143  C C   . LYS A 1 20  ? -10.771 29.190  7.138   1.00 26.29  ? 20  LYS A C   1 
ATOM 144  O O   . LYS A 1 20  ? -10.413 29.639  8.229   1.00 26.10  ? 20  LYS A O   1 
ATOM 145  C CB  . LYS A 1 20  ? -10.820 31.215  5.677   1.00 29.98  ? 20  LYS A CB  1 
ATOM 146  C CG  . LYS A 1 20  ? -9.587  30.833  4.869   1.00 36.03  ? 20  LYS A CG  1 
ATOM 147  C CD  . LYS A 1 20  ? -8.878  32.064  4.324   1.00 39.31  ? 20  LYS A CD  1 
ATOM 148  C CE  . LYS A 1 20  ? -7.651  31.682  3.510   1.00 43.33  ? 20  LYS A CE  1 
ATOM 149  N NZ  . LYS A 1 20  ? -6.954  32.878  2.964   1.00 38.61  ? 20  LYS A NZ  1 
ATOM 150  N N   . THR A 1 21  ? -10.452 27.974  6.716   1.00 25.78  ? 21  THR A N   1 
ATOM 151  C CA  . THR A 1 21  ? -9.678  27.069  7.546   1.00 23.38  ? 21  THR A CA  1 
ATOM 152  C C   . THR A 1 21  ? -8.196  27.140  7.236   1.00 23.31  ? 21  THR A C   1 
ATOM 153  O O   . THR A 1 21  ? -7.752  26.749  6.157   1.00 24.57  ? 21  THR A O   1 
ATOM 154  C CB  . THR A 1 21  ? -10.167 25.621  7.369   1.00 23.99  ? 21  THR A CB  1 
ATOM 155  O OG1 . THR A 1 21  ? -11.541 25.523  7.769   1.00 31.09  ? 21  THR A OG1 1 
ATOM 156  C CG2 . THR A 1 21  ? -9.329  24.678  8.204   1.00 22.72  ? 21  THR A CG2 1 
ATOM 157  N N   . ARG A 1 22  ? -7.425  27.611  8.209   1.00 20.73  ? 22  ARG A N   1 
ATOM 158  C CA  . ARG A 1 22  ? -5.977  27.768  8.083   1.00 17.65  ? 22  ARG A CA  1 
ATOM 159  C C   . ARG A 1 22  ? -5.194  26.466  8.256   1.00 18.71  ? 22  ARG A C   1 
ATOM 160  O O   . ARG A 1 22  ? -4.378  26.350  9.172   1.00 21.02  ? 22  ARG A O   1 
ATOM 161  C CB  . ARG A 1 22  ? -5.486  28.783  9.091   1.00 15.85  ? 22  ARG A CB  1 
ATOM 162  C CG  . ARG A 1 22  ? -6.009  30.190  8.867   1.00 15.91  ? 22  ARG A CG  1 
ATOM 163  C CD  . ARG A 1 22  ? -5.505  31.131  9.893   1.00 15.44  ? 22  ARG A CD  1 
ATOM 164  N NE  . ARG A 1 22  ? -6.028  32.471  9.699   1.00 13.49  ? 22  ARG A NE  1 
ATOM 165  C CZ  . ARG A 1 22  ? -5.724  33.527  10.475  1.00 14.42  ? 22  ARG A CZ  1 
ATOM 166  N NH1 . ARG A 1 22  ? -4.900  33.384  11.488  1.00 19.51  ? 22  ARG A NH1 1 
ATOM 167  N NH2 . ARG A 1 22  ? -6.255  34.710  10.218  1.00 15.48  ? 22  ARG A NH2 1 
ATOM 168  N N   . LYS A 1 23  ? -5.444  25.493  7.387   1.00 18.85  ? 23  LYS A N   1 
ATOM 169  C CA  . LYS A 1 23  ? -4.768  24.202  7.456   1.00 20.62  ? 23  LYS A CA  1 
ATOM 170  C C   . LYS A 1 23  ? -4.205  23.802  6.101   1.00 23.39  ? 23  LYS A C   1 
ATOM 171  O O   . LYS A 1 23  ? -4.754  22.939  5.419   1.00 27.16  ? 23  LYS A O   1 
ATOM 172  C CB  . LYS A 1 23  ? -5.719  23.112  7.964   1.00 19.86  ? 23  LYS A CB  1 
ATOM 173  C CG  . LYS A 1 23  ? -6.267  23.332  9.370   1.00 17.19  ? 23  LYS A CG  1 
ATOM 174  C CD  . LYS A 1 23  ? -5.176  23.217  10.420  1.00 19.63  ? 23  LYS A CD  1 
ATOM 175  C CE  . LYS A 1 23  ? -5.745  23.382  11.821  1.00 12.56  ? 23  LYS A CE  1 
ATOM 176  N NZ  . LYS A 1 23  ? -4.684  23.313  12.860  1.00 14.19  ? 23  LYS A NZ  1 
ATOM 177  N N   . ALA A 1 24  ? -3.107  24.447  5.717   1.00 24.10  ? 24  ALA A N   1 
ATOM 178  C CA  . ALA A 1 24  ? -2.451  24.167  4.450   1.00 28.12  ? 24  ALA A CA  1 
ATOM 179  C C   . ALA A 1 24  ? -1.775  22.803  4.471   1.00 29.00  ? 24  ALA A C   1 
ATOM 180  O O   . ALA A 1 24  ? -1.266  22.362  5.502   1.00 30.28  ? 24  ALA A O   1 
ATOM 181  C CB  . ALA A 1 24  ? -1.436  25.250  4.134   1.00 33.64  ? 24  ALA A CB  1 
ATOM 182  N N   . ALA A 1 25  ? -1.773  22.141  3.321   1.00 31.86  ? 25  ALA A N   1 
ATOM 183  C CA  . ALA A 1 25  ? -1.165  20.825  3.180   1.00 31.15  ? 25  ALA A CA  1 
ATOM 184  C C   . ALA A 1 25  ? 0.357   20.894  3.142   1.00 30.92  ? 25  ALA A C   1 
ATOM 185  O O   . ALA A 1 25  ? 0.940   21.882  2.688   1.00 31.51  ? 25  ALA A O   1 
ATOM 186  C CB  . ALA A 1 25  ? -1.682  20.148  1.923   1.00 30.46  ? 25  ALA A CB  1 
ATOM 187  N N   . ARG A 1 26  ? 0.989   19.823  3.611   1.00 29.91  ? 26  ARG A N   1 
ATOM 188  C CA  . ARG A 1 26  ? 2.440   19.677  3.611   1.00 28.63  ? 26  ARG A CA  1 
ATOM 189  C C   . ARG A 1 26  ? 2.823   18.250  3.210   1.00 30.27  ? 26  ARG A C   1 
ATOM 190  O O   . ARG A 1 26  ? 2.018   17.333  3.378   1.00 31.54  ? 26  ARG A O   1 
ATOM 191  C CB  . ARG A 1 26  ? 3.037   19.989  4.978   1.00 29.25  ? 26  ARG A CB  1 
ATOM 192  C CG  . ARG A 1 26  ? 2.901   21.427  5.444   1.00 30.65  ? 26  ARG A CG  1 
ATOM 193  C CD  . ARG A 1 26  ? 3.779   22.315  4.647   1.00 32.66  ? 26  ARG A CD  1 
ATOM 194  N NE  . ARG A 1 26  ? 3.762   23.683  5.126   1.00 36.24  ? 26  ARG A NE  1 
ATOM 195  C CZ  . ARG A 1 26  ? 2.880   24.621  4.728   1.00 42.01  ? 26  ARG A CZ  1 
ATOM 196  N NH1 . ARG A 1 26  ? 1.952   24.322  3.846   1.00 40.11  ? 26  ARG A NH1 1 
ATOM 197  N NH2 . ARG A 1 26  ? 2.953   25.844  5.225   1.00 46.10  ? 26  ARG A NH2 1 
ATOM 198  N N   . PRO A 1 27  ? 4.023   18.053  2.653   1.00 28.98  ? 27  PRO A N   1 
ATOM 199  C CA  . PRO A 1 27  ? 4.621   16.781  2.258   1.00 29.74  ? 27  PRO A CA  1 
ATOM 200  C C   . PRO A 1 27  ? 4.750   15.817  3.433   1.00 29.13  ? 27  PRO A C   1 
ATOM 201  O O   . PRO A 1 27  ? 4.986   16.231  4.570   1.00 28.92  ? 27  PRO A O   1 
ATOM 202  C CB  . PRO A 1 27  ? 5.990   17.188  1.710   1.00 31.27  ? 27  PRO A CB  1 
ATOM 203  C CG  . PRO A 1 27  ? 5.797   18.579  1.215   1.00 31.51  ? 27  PRO A CG  1 
ATOM 204  C CD  . PRO A 1 27  ? 4.802   19.200  2.147   1.00 29.30  ? 27  PRO A CD  1 
ATOM 205  N N   . GLN A 1 28  ? 4.619   14.528  3.148   1.00 31.18  ? 28  GLN A N   1 
ATOM 206  C CA  . GLN A 1 28  ? 4.736   13.499  4.170   1.00 28.77  ? 28  GLN A CA  1 
ATOM 207  C C   . GLN A 1 28  ? 6.173   13.246  4.560   1.00 32.38  ? 28  GLN A C   1 
ATOM 208  O O   . GLN A 1 28  ? 7.003   12.892  3.722   1.00 32.63  ? 28  GLN A O   1 
ATOM 209  C CB  . GLN A 1 28  ? 4.127   12.186  3.690   1.00 31.24  ? 28  GLN A CB  1 
ATOM 210  C CG  . GLN A 1 28  ? 4.274   11.028  4.665   1.00 29.03  ? 28  GLN A CG  1 
ATOM 211  C CD  . GLN A 1 28  ? 3.440   11.211  5.916   1.00 35.00  ? 28  GLN A CD  1 
ATOM 212  O OE1 . GLN A 1 28  ? 2.217   11.369  5.841   1.00 39.56  ? 28  GLN A OE1 1 
ATOM 213  N NE2 . GLN A 1 28  ? 4.087   11.195  7.077   1.00 36.68  ? 28  GLN A NE2 1 
ATOM 214  N N   . LYS A 1 29  ? 6.462   13.408  5.840   1.00 32.01  ? 29  LYS A N   1 
ATOM 215  C CA  . LYS A 1 29  ? 7.788   13.116  6.344   1.00 30.74  ? 29  LYS A CA  1 
ATOM 216  C C   . LYS A 1 29  ? 7.883   11.641  6.681   1.00 32.05  ? 29  LYS A C   1 
ATOM 217  O O   . LYS A 1 29  ? 7.056   11.110  7.424   1.00 31.81  ? 29  LYS A O   1 
ATOM 218  C CB  . LYS A 1 29  ? 8.111   13.958  7.569   1.00 30.38  ? 29  LYS A CB  1 
ATOM 219  C CG  . LYS A 1 29  ? 9.522   13.752  8.100   1.00 37.62  ? 29  LYS A CG  1 
ATOM 220  C CD  . LYS A 1 29  ? 9.806   14.658  9.287   1.00 45.66  ? 29  LYS A CD  1 
ATOM 221  C CE  . LYS A 1 29  ? 11.209  14.430  9.829   1.00 58.09  ? 29  LYS A CE  1 
ATOM 222  N NZ  . LYS A 1 29  ? 11.502  15.308  10.995  1.00 60.98  ? 29  LYS A NZ  1 
ATOM 223  N N   . LEU A 1 30  ? 8.876   10.975  6.119   1.00 29.41  ? 30  LEU A N   1 
ATOM 224  C CA  . LEU A 1 30  ? 9.071   9.562   6.391   1.00 27.48  ? 30  LEU A CA  1 
ATOM 225  C C   . LEU A 1 30  ? 10.135  9.332   7.432   1.00 28.20  ? 30  LEU A C   1 
ATOM 226  O O   . LEU A 1 30  ? 10.946  10.214  7.721   1.00 30.17  ? 30  LEU A O   1 
ATOM 227  C CB  . LEU A 1 30  ? 9.457   8.801   5.126   1.00 28.49  ? 30  LEU A CB  1 
ATOM 228  C CG  . LEU A 1 30  ? 8.454   8.833   3.982   1.00 27.74  ? 30  LEU A CG  1 
ATOM 229  C CD1 . LEU A 1 30  ? 9.038   8.050   2.811   1.00 27.63  ? 30  LEU A CD1 1 
ATOM 230  C CD2 . LEU A 1 30  ? 7.137   8.239   4.462   1.00 27.50  ? 30  LEU A CD2 1 
ATOM 231  N N   . ARG A 1 31  ? 10.125  8.132   7.988   1.00 26.96  ? 31  ARG A N   1 
ATOM 232  C CA  . ARG A 1 31  ? 11.118  7.723   8.955   1.00 25.46  ? 31  ARG A CA  1 
ATOM 233  C C   . ARG A 1 31  ? 12.463  7.614   8.262   1.00 27.26  ? 31  ARG A C   1 
ATOM 234  O O   . ARG A 1 31  ? 12.530  7.312   7.073   1.00 27.70  ? 31  ARG A O   1 
ATOM 235  C CB  . ARG A 1 31  ? 10.723  6.394   9.579   1.00 24.36  ? 31  ARG A CB  1 
ATOM 236  C CG  . ARG A 1 31  ? 9.510   6.474   10.492  1.00 23.99  ? 31  ARG A CG  1 
ATOM 237  C CD  . ARG A 1 31  ? 9.080   5.138   10.980  1.00 26.58  ? 31  ARG A CD  1 
ATOM 238  N NE  . ARG A 1 31  ? 8.461   4.346   9.928   1.00 23.46  ? 31  ARG A NE  1 
ATOM 239  C CZ  . ARG A 1 31  ? 8.147   3.039   10.034  1.00 20.29  ? 31  ARG A CZ  1 
ATOM 240  N NH1 . ARG A 1 31  ? 8.409   2.384   11.143  1.00 27.76  ? 31  ARG A NH1 1 
ATOM 241  N NH2 . ARG A 1 31  ? 7.571   2.411   9.026   1.00 21.80  ? 31  ARG A NH2 1 
ATOM 242  N N   . ALA A 1 32  ? 13.537  7.849   9.011   1.00 27.24  ? 32  ALA A N   1 
ATOM 243  C CA  . ALA A 1 32  ? 14.895  7.830   8.464   1.00 26.28  ? 32  ALA A CA  1 
ATOM 244  C C   . ALA A 1 32  ? 15.235  6.513   7.767   1.00 27.53  ? 32  ALA A C   1 
ATOM 245  O O   . ALA A 1 32  ? 15.999  6.497   6.802   1.00 28.33  ? 32  ALA A O   1 
ATOM 246  C CB  . ALA A 1 32  ? 15.898  8.091   9.575   1.00 28.51  ? 32  ALA A CB  1 
ATOM 247  N N   . SER A 1 33  ? 14.674  5.413   8.260   1.00 26.74  ? 33  SER A N   1 
ATOM 248  C CA  . SER A 1 33  ? 14.910  4.094   7.699   1.00 25.59  ? 33  SER A CA  1 
ATOM 249  C C   . SER A 1 33  ? 14.138  3.802   6.400   1.00 26.09  ? 33  SER A C   1 
ATOM 250  O O   . SER A 1 33  ? 14.441  2.830   5.707   1.00 26.66  ? 33  SER A O   1 
ATOM 251  C CB  . SER A 1 33  ? 14.566  3.065   8.745   1.00 26.72  ? 33  SER A CB  1 
ATOM 252  O OG  . SER A 1 33  ? 13.200  3.109   9.047   1.00 27.05  ? 33  SER A OG  1 
ATOM 253  N N   . LEU A 1 34  ? 13.157  4.634   6.045   1.00 25.75  ? 34  LEU A N   1 
ATOM 254  C CA  . LEU A 1 34  ? 12.386  4.397   4.823   1.00 24.21  ? 34  LEU A CA  1 
ATOM 255  C C   . LEU A 1 34  ? 13.064  4.989   3.592   1.00 24.45  ? 34  LEU A C   1 
ATOM 256  O O   . LEU A 1 34  ? 12.640  6.014   3.062   1.00 24.98  ? 34  LEU A O   1 
ATOM 257  C CB  . LEU A 1 34  ? 10.964  4.956   4.962   1.00 24.24  ? 34  LEU A CB  1 
ATOM 258  C CG  . LEU A 1 34  ? 10.110  4.302   6.057   1.00 23.55  ? 34  LEU A CG  1 
ATOM 259  C CD1 . LEU A 1 34  ? 8.757   4.994   6.141   1.00 24.15  ? 34  LEU A CD1 1 
ATOM 260  C CD2 . LEU A 1 34  ? 9.935   2.825   5.727   1.00 21.11  ? 34  LEU A CD2 1 
ATOM 261  N N   . VAL A 1 35  ? 14.113  4.308   3.146   1.00 23.70  ? 35  VAL A N   1 
ATOM 262  C CA  . VAL A 1 35  ? 14.885  4.698   1.970   1.00 23.94  ? 35  VAL A CA  1 
ATOM 263  C C   . VAL A 1 35  ? 14.756  3.620   0.893   1.00 24.67  ? 35  VAL A C   1 
ATOM 264  O O   . VAL A 1 35  ? 15.019  2.456   1.197   1.00 24.51  ? 35  VAL A O   1 
ATOM 265  C CB  . VAL A 1 35  ? 16.368  4.885   2.349   1.00 24.36  ? 35  VAL A CB  1 
ATOM 266  C CG1 . VAL A 1 35  ? 17.195  5.241   1.124   1.00 26.40  ? 35  VAL A CG1 1 
ATOM 267  C CG2 . VAL A 1 35  ? 16.482  5.974   3.404   1.00 28.77  ? 35  VAL A CG2 1 
ATOM 268  N N   . PRO A 1 36  ? 14.324  3.964   -0.336  1.00 23.39  ? 36  PRO A N   1 
ATOM 269  C CA  . PRO A 1 36  ? 14.138  3.087   -1.490  1.00 21.88  ? 36  PRO A CA  1 
ATOM 270  C C   . PRO A 1 36  ? 15.245  2.055   -1.589  1.00 22.52  ? 36  PRO A C   1 
ATOM 271  O O   . PRO A 1 36  ? 16.432  2.387   -1.637  1.00 26.16  ? 36  PRO A O   1 
ATOM 272  C CB  . PRO A 1 36  ? 14.154  4.050   -2.671  1.00 23.16  ? 36  PRO A CB  1 
ATOM 273  C CG  . PRO A 1 36  ? 13.607  5.311   -2.107  1.00 24.32  ? 36  PRO A CG  1 
ATOM 274  C CD  . PRO A 1 36  ? 14.190  5.385   -0.724  1.00 24.60  ? 36  PRO A CD  1 
ATOM 275  N N   . GLY A 1 37  ? 14.830  0.797   -1.616  1.00 21.98  ? 37  GLY A N   1 
ATOM 276  C CA  . GLY A 1 37  ? 15.712  -0.354  -1.634  1.00 22.76  ? 37  GLY A CA  1 
ATOM 277  C C   . GLY A 1 37  ? 15.562  -1.124  -0.329  1.00 21.87  ? 37  GLY A C   1 
ATOM 278  O O   . GLY A 1 37  ? 15.813  -2.325  -0.268  1.00 23.05  ? 37  GLY A O   1 
ATOM 279  N N   . THR A 1 38  ? 15.136  -0.433  0.719   1.00 22.54  ? 38  THR A N   1 
ATOM 280  C CA  . THR A 1 38  ? 14.942  -1.062  2.011   1.00 20.54  ? 38  THR A CA  1 
ATOM 281  C C   . THR A 1 38  ? 13.901  -2.164  1.972   1.00 19.75  ? 38  THR A C   1 
ATOM 282  O O   . THR A 1 38  ? 12.785  -1.968  1.489   1.00 19.73  ? 38  THR A O   1 
ATOM 283  C CB  . THR A 1 38  ? 14.529  -0.012  3.056   1.00 20.26  ? 38  THR A CB  1 
ATOM 284  O OG1 . THR A 1 38  ? 15.552  0.985   3.160   1.00 23.69  ? 38  THR A OG1 1 
ATOM 285  C CG2 . THR A 1 38  ? 14.310  -0.652  4.406   1.00 21.97  ? 38  THR A CG2 1 
ATOM 286  N N   . VAL A 1 39  ? 14.265  -3.330  2.494   1.00 20.18  ? 39  VAL A N   1 
ATOM 287  C CA  . VAL A 1 39  ? 13.324  -4.429  2.584   1.00 17.84  ? 39  VAL A CA  1 
ATOM 288  C C   . VAL A 1 39  ? 12.381  -4.197  3.759   1.00 17.71  ? 39  VAL A C   1 
ATOM 289  O O   . VAL A 1 39  ? 12.825  -3.917  4.877   1.00 19.56  ? 39  VAL A O   1 
ATOM 290  C CB  . VAL A 1 39  ? 14.045  -5.777  2.727   1.00 18.37  ? 39  VAL A CB  1 
ATOM 291  C CG1 . VAL A 1 39  ? 13.021  -6.882  2.932   1.00 18.42  ? 39  VAL A CG1 1 
ATOM 292  C CG2 . VAL A 1 39  ? 14.872  -6.041  1.475   1.00 19.12  ? 39  VAL A CG2 1 
ATOM 293  N N   . LEU A 1 40  ? 11.086  -4.291  3.489   1.00 18.43  ? 40  LEU A N   1 
ATOM 294  C CA  . LEU A 1 40  ? 10.067  -4.030  4.481   1.00 16.27  ? 40  LEU A CA  1 
ATOM 295  C C   . LEU A 1 40  ? 9.299   -5.280  4.885   1.00 15.65  ? 40  LEU A C   1 
ATOM 296  O O   . LEU A 1 40  ? 8.999   -6.134  4.053   1.00 16.45  ? 40  LEU A O   1 
ATOM 297  C CB  . LEU A 1 40  ? 9.054   -3.018  3.933   1.00 15.23  ? 40  LEU A CB  1 
ATOM 298  C CG  . LEU A 1 40  ? 9.587   -1.657  3.469   1.00 15.13  ? 40  LEU A CG  1 
ATOM 299  C CD1 . LEU A 1 40  ? 8.434   -0.854  2.885   1.00 16.08  ? 40  LEU A CD1 1 
ATOM 300  C CD2 . LEU A 1 40  ? 10.215  -0.930  4.636   1.00 17.71  ? 40  LEU A CD2 1 
ATOM 301  N N   . ILE A 1 41  ? 8.934   -5.366  6.158   1.00 15.14  ? 41  ILE A N   1 
ATOM 302  C CA  . ILE A 1 41  ? 8.092   -6.462  6.626   1.00 13.76  ? 41  ILE A CA  1 
ATOM 303  C C   . ILE A 1 41  ? 6.662   -5.974  6.679   1.00 13.89  ? 41  ILE A C   1 
ATOM 304  O O   . ILE A 1 41  ? 6.382   -4.964  7.322   1.00 15.07  ? 41  ILE A O   1 
ATOM 305  C CB  . ILE A 1 41  ? 8.485   -6.963  8.019   1.00 13.82  ? 41  ILE A CB  1 
ATOM 306  C CG1 . ILE A 1 41  ? 9.922   -7.480  8.030   1.00 14.91  ? 41  ILE A CG1 1 
ATOM 307  C CG2 . ILE A 1 41  ? 7.530   -8.054  8.456   1.00 14.01  ? 41  ILE A CG2 1 
ATOM 308  C CD1 . ILE A 1 41  ? 10.450  -7.742  9.420   1.00 15.01  ? 41  ILE A CD1 1 
ATOM 309  N N   . LEU A 1 42  ? 5.753   -6.660  5.994   1.00 14.38  ? 42  LEU A N   1 
ATOM 310  C CA  . LEU A 1 42  ? 4.371   -6.210  5.995   1.00 13.36  ? 42  LEU A CA  1 
ATOM 311  C C   . LEU A 1 42  ? 3.645   -6.663  7.263   1.00 15.11  ? 42  LEU A C   1 
ATOM 312  O O   . LEU A 1 42  ? 3.662   -7.840  7.620   1.00 15.24  ? 42  LEU A O   1 
ATOM 313  C CB  . LEU A 1 42  ? 3.666   -6.740  4.746   1.00 14.61  ? 42  LEU A CB  1 
ATOM 314  C CG  . LEU A 1 42  ? 4.287   -6.278  3.419   1.00 14.91  ? 42  LEU A CG  1 
ATOM 315  C CD1 . LEU A 1 42  ? 3.526   -6.890  2.257   1.00 15.38  ? 42  LEU A CD1 1 
ATOM 316  C CD2 . LEU A 1 42  ? 4.274   -4.765  3.353   1.00 15.25  ? 42  LEU A CD2 1 
ATOM 317  N N   . LEU A 1 43  ? 2.980   -5.725  7.936   1.00 15.48  ? 43  LEU A N   1 
ATOM 318  C CA  . LEU A 1 43  ? 2.270   -6.029  9.172   1.00 13.93  ? 43  LEU A CA  1 
ATOM 319  C C   . LEU A 1 43  ? 0.753   -6.058  9.024   1.00 13.72  ? 43  LEU A C   1 
ATOM 320  O O   . LEU A 1 43  ? 0.037   -6.142  10.021  1.00 16.33  ? 43  LEU A O   1 
ATOM 321  C CB  . LEU A 1 43  ? 2.638   -5.001  10.238  1.00 14.24  ? 43  LEU A CB  1 
ATOM 322  C CG  . LEU A 1 43  ? 4.120   -4.946  10.604  1.00 13.81  ? 43  LEU A CG  1 
ATOM 323  C CD1 . LEU A 1 43  ? 4.344   -3.828  11.608  1.00 13.81  ? 43  LEU A CD1 1 
ATOM 324  C CD2 . LEU A 1 43  ? 4.544   -6.294  11.164  1.00 14.91  ? 43  LEU A CD2 1 
ATOM 325  N N   . ALA A 1 44  ? 0.253   -5.982  7.796   1.00 15.94  ? 44  ALA A N   1 
ATOM 326  C CA  . ALA A 1 44  ? -1.190  -5.980  7.604   1.00 17.26  ? 44  ALA A CA  1 
ATOM 327  C C   . ALA A 1 44  ? -1.585  -6.397  6.199   1.00 17.99  ? 44  ALA A C   1 
ATOM 328  O O   . ALA A 1 44  ? -0.791  -6.312  5.263   1.00 18.03  ? 44  ALA A O   1 
ATOM 329  C CB  . ALA A 1 44  ? -1.750  -4.601  7.907   1.00 19.84  ? 44  ALA A CB  1 
ATOM 330  N N   . GLY A 1 45  ? -2.832  -6.837  6.063   1.00 16.60  ? 45  GLY A N   1 
ATOM 331  C CA  . GLY A 1 45  ? -3.382  -7.248  4.781   1.00 17.45  ? 45  GLY A CA  1 
ATOM 332  C C   . GLY A 1 45  ? -3.102  -8.711  4.504   1.00 17.00  ? 45  GLY A C   1 
ATOM 333  O O   . GLY A 1 45  ? -2.531  -9.415  5.338   1.00 19.99  ? 45  GLY A O   1 
ATOM 334  N N   . ARG A 1 46  ? -3.493  -9.164  3.315   1.00 17.23  ? 46  ARG A N   1 
ATOM 335  C CA  . ARG A 1 46  ? -3.289  -10.552 2.911   1.00 16.35  ? 46  ARG A CA  1 
ATOM 336  C C   . ARG A 1 46  ? -1.819  -10.924 2.769   1.00 15.66  ? 46  ARG A C   1 
ATOM 337  O O   . ARG A 1 46  ? -1.474  -12.105 2.768   1.00 18.38  ? 46  ARG A O   1 
ATOM 338  C CB  . ARG A 1 46  ? -3.980  -10.838 1.591   1.00 17.95  ? 46  ARG A CB  1 
ATOM 339  C CG  . ARG A 1 46  ? -3.371  -10.131 0.396   1.00 19.32  ? 46  ARG A CG  1 
ATOM 340  C CD  . ARG A 1 46  ? -4.110  -10.421 -0.852  1.00 19.69  ? 46  ARG A CD  1 
ATOM 341  N NE  . ARG A 1 46  ? -3.959  -11.812 -1.246  1.00 18.54  ? 46  ARG A NE  1 
ATOM 342  C CZ  . ARG A 1 46  ? -4.627  -12.397 -2.257  1.00 21.81  ? 46  ARG A CZ  1 
ATOM 343  N NH1 . ARG A 1 46  ? -5.486  -11.703 -2.968  1.00 23.16  ? 46  ARG A NH1 1 
ATOM 344  N NH2 . ARG A 1 46  ? -4.416  -13.671 -2.536  1.00 27.69  ? 46  ARG A NH2 1 
ATOM 345  N N   . PHE A 1 47  ? -0.949  -9.922  2.658   1.00 15.79  ? 47  PHE A N   1 
ATOM 346  C CA  . PHE A 1 47  ? 0.467   -10.176 2.530   1.00 15.06  ? 47  PHE A CA  1 
ATOM 347  C C   . PHE A 1 47  ? 1.194   -9.978  3.854   1.00 15.66  ? 47  PHE A C   1 
ATOM 348  O O   . PHE A 1 47  ? 2.409   -9.795  3.865   1.00 15.79  ? 47  PHE A O   1 
ATOM 349  C CB  . PHE A 1 47  ? 1.071   -9.310  1.437   1.00 15.85  ? 47  PHE A CB  1 
ATOM 350  C CG  . PHE A 1 47  ? 0.495   -9.591  0.088   1.00 15.35  ? 47  PHE A CG  1 
ATOM 351  C CD1 . PHE A 1 47  ? 0.612   -10.849 -0.479  1.00 14.23  ? 47  PHE A CD1 1 
ATOM 352  C CD2 . PHE A 1 47  ? -0.189  -8.607  -0.607  1.00 15.61  ? 47  PHE A CD2 1 
ATOM 353  C CE1 . PHE A 1 47  ? 0.068   -11.117 -1.715  1.00 15.63  ? 47  PHE A CE1 1 
ATOM 354  C CE2 . PHE A 1 47  ? -0.735  -8.873  -1.846  1.00 16.71  ? 47  PHE A CE2 1 
ATOM 355  C CZ  . PHE A 1 47  ? -0.605  -10.129 -2.399  1.00 16.09  ? 47  PHE A CZ  1 
ATOM 356  N N   . ARG A 1 48  ? 0.461   -10.016 4.965   1.00 16.94  ? 48  ARG A N   1 
ATOM 357  C CA  . ARG A 1 48  ? 1.096   -9.904  6.263   1.00 16.06  ? 48  ARG A CA  1 
ATOM 358  C C   . ARG A 1 48  ? 2.128   -11.001 6.460   1.00 14.78  ? 48  ARG A C   1 
ATOM 359  O O   . ARG A 1 48  ? 1.844   -12.183 6.261   1.00 17.69  ? 48  ARG A O   1 
ATOM 360  C CB  . ARG A 1 48  ? 0.069   -9.980  7.374   1.00 17.10  ? 48  ARG A CB  1 
ATOM 361  C CG  . ARG A 1 48  ? -0.625  -11.324 7.499   1.00 19.36  ? 48  ARG A CG  1 
ATOM 362  C CD  . ARG A 1 48  ? -1.683  -11.303 8.539   1.00 21.26  ? 48  ARG A CD  1 
ATOM 363  N NE  . ARG A 1 48  ? -2.313  -12.603 8.688   1.00 24.26  ? 48  ARG A NE  1 
ATOM 364  C CZ  . ARG A 1 48  ? -3.309  -13.067 7.909   1.00 29.24  ? 48  ARG A CZ  1 
ATOM 365  N NH1 . ARG A 1 48  ? -3.776  -12.327 6.927   1.00 22.73  ? 48  ARG A NH1 1 
ATOM 366  N NH2 . ARG A 1 48  ? -3.820  -14.266 8.132   1.00 36.87  ? 48  ARG A NH2 1 
ATOM 367  N N   . GLY A 1 49  ? 3.328   -10.600 6.858   1.00 15.43  ? 49  GLY A N   1 
ATOM 368  C CA  . GLY A 1 49  ? 4.431   -11.525 7.054   1.00 14.68  ? 49  GLY A CA  1 
ATOM 369  C C   . GLY A 1 49  ? 5.346   -11.622 5.833   1.00 14.36  ? 49  GLY A C   1 
ATOM 370  O O   . GLY A 1 49  ? 6.381   -12.281 5.886   1.00 16.13  ? 49  GLY A O   1 
ATOM 371  N N   . LYS A 1 50  ? 4.979   -10.972 4.730   1.00 15.33  ? 50  LYS A N   1 
ATOM 372  C CA  . LYS A 1 50  ? 5.812   -10.992 3.534   1.00 13.54  ? 50  LYS A CA  1 
ATOM 373  C C   . LYS A 1 50  ? 6.885   -9.921  3.575   1.00 14.22  ? 50  LYS A C   1 
ATOM 374  O O   . LYS A 1 50  ? 6.745   -8.894  4.241   1.00 14.43  ? 50  LYS A O   1 
ATOM 375  C CB  . LYS A 1 50  ? 4.972   -10.804 2.273   1.00 13.47  ? 50  LYS A CB  1 
ATOM 376  C CG  . LYS A 1 50  ? 3.908   -11.860 2.028   1.00 13.22  ? 50  LYS A CG  1 
ATOM 377  C CD  . LYS A 1 50  ? 4.517   -13.209 1.704   1.00 11.18  ? 50  LYS A CD  1 
ATOM 378  C CE  . LYS A 1 50  ? 3.436   -14.210 1.330   1.00 12.27  ? 50  LYS A CE  1 
ATOM 379  N NZ  . LYS A 1 50  ? 3.999   -15.549 1.019   1.00 17.33  ? 50  LYS A NZ  1 
ATOM 380  N N   . ARG A 1 51  ? 7.964   -10.165 2.844   1.00 14.18  ? 51  ARG A N   1 
ATOM 381  C CA  . ARG A 1 51  ? 9.053   -9.209  2.758   1.00 14.28  ? 51  ARG A CA  1 
ATOM 382  C C   . ARG A 1 51  ? 9.069   -8.577  1.375   1.00 15.47  ? 51  ARG A C   1 
ATOM 383  O O   . ARG A 1 51  ? 9.011   -9.263  0.358   1.00 17.68  ? 51  ARG A O   1 
ATOM 384  C CB  . ARG A 1 51  ? 10.377  -9.879  3.062   1.00 15.25  ? 51  ARG A CB  1 
ATOM 385  C CG  . ARG A 1 51  ? 10.540  -10.341 4.503   1.00 15.15  ? 51  ARG A CG  1 
ATOM 386  C CD  . ARG A 1 51  ? 11.859  -10.978 4.712   1.00 16.43  ? 51  ARG A CD  1 
ATOM 387  N NE  . ARG A 1 51  ? 12.144  -11.237 6.115   1.00 17.12  ? 51  ARG A NE  1 
ATOM 388  C CZ  . ARG A 1 51  ? 11.822  -12.357 6.794   1.00 16.71  ? 51  ARG A CZ  1 
ATOM 389  N NH1 . ARG A 1 51  ? 11.196  -13.349 6.206   1.00 17.34  ? 51  ARG A NH1 1 
ATOM 390  N NH2 . ARG A 1 51  ? 12.141  -12.462 8.071   1.00 17.30  ? 51  ARG A NH2 1 
ATOM 391  N N   . VAL A 1 52  ? 9.104   -7.252  1.330   1.00 14.92  ? 52  VAL A N   1 
ATOM 392  C CA  . VAL A 1 52  ? 9.031   -6.556  0.054   1.00 15.17  ? 52  VAL A CA  1 
ATOM 393  C C   . VAL A 1 52  ? 10.093  -5.497  -0.102  1.00 17.29  ? 52  VAL A C   1 
ATOM 394  O O   . VAL A 1 52  ? 10.657  -5.016  0.871   1.00 17.52  ? 52  VAL A O   1 
ATOM 395  C CB  . VAL A 1 52  ? 7.663   -5.888  -0.095  1.00 15.94  ? 52  VAL A CB  1 
ATOM 396  C CG1 . VAL A 1 52  ? 6.559   -6.919  -0.048  1.00 15.36  ? 52  VAL A CG1 1 
ATOM 397  C CG2 . VAL A 1 52  ? 7.495   -4.881  1.021   1.00 16.08  ? 52  VAL A CG2 1 
ATOM 398  N N   . VAL A 1 53  ? 10.347  -5.097  -1.330  1.00 17.26  ? 53  VAL A N   1 
ATOM 399  C CA  . VAL A 1 53  ? 11.319  -4.056  -1.582  1.00 15.97  ? 53  VAL A CA  1 
ATOM 400  C C   . VAL A 1 53  ? 10.622  -2.717  -1.734  1.00 17.16  ? 53  VAL A C   1 
ATOM 401  O O   . VAL A 1 53  ? 9.681   -2.582  -2.518  1.00 18.49  ? 53  VAL A O   1 
ATOM 402  C CB  . VAL A 1 53  ? 12.133  -4.358  -2.854  1.00 18.70  ? 53  VAL A CB  1 
ATOM 403  C CG1 . VAL A 1 53  ? 13.124  -3.229  -3.100  1.00 21.40  ? 53  VAL A CG1 1 
ATOM 404  C CG2 . VAL A 1 53  ? 12.842  -5.697  -2.706  1.00 19.60  ? 53  VAL A CG2 1 
ATOM 405  N N   . TYR A 1 54  ? 11.079  -1.725  -0.975  1.00 18.46  ? 54  TYR A N   1 
ATOM 406  C CA  . TYR A 1 54  ? 10.535  -0.377  -1.058  1.00 17.11  ? 54  TYR A CA  1 
ATOM 407  C C   . TYR A 1 54  ? 11.043  0.334   -2.303  1.00 19.61  ? 54  TYR A C   1 
ATOM 408  O O   . TYR A 1 54  ? 12.236  0.566   -2.466  1.00 20.97  ? 54  TYR A O   1 
ATOM 409  C CB  . TYR A 1 54  ? 10.882  0.398   0.207   1.00 18.61  ? 54  TYR A CB  1 
ATOM 410  C CG  . TYR A 1 54  ? 10.494  1.846   0.152   1.00 18.61  ? 54  TYR A CG  1 
ATOM 411  C CD1 . TYR A 1 54  ? 9.321   2.245   -0.464  1.00 19.78  ? 54  TYR A CD1 1 
ATOM 412  C CD2 . TYR A 1 54  ? 11.326  2.778   0.728   1.00 20.41  ? 54  TYR A CD2 1 
ATOM 413  C CE1 . TYR A 1 54  ? 9.008   3.585   -0.529  1.00 19.93  ? 54  TYR A CE1 1 
ATOM 414  C CE2 . TYR A 1 54  ? 11.010  4.113   0.668   1.00 21.22  ? 54  TYR A CE2 1 
ATOM 415  C CZ  . TYR A 1 54  ? 9.864   4.519   0.038   1.00 20.99  ? 54  TYR A CZ  1 
ATOM 416  O OH  . TYR A 1 54  ? 9.568   5.856   -0.022  1.00 23.91  ? 54  TYR A OH  1 
ATOM 417  N N   . LEU A 1 55  ? 10.127  0.662   -3.204  1.00 20.08  ? 55  LEU A N   1 
ATOM 418  C CA  . LEU A 1 55  ? 10.503  1.270   -4.468  1.00 19.86  ? 55  LEU A CA  1 
ATOM 419  C C   . LEU A 1 55  ? 10.246  2.773   -4.589  1.00 20.41  ? 55  LEU A C   1 
ATOM 420  O O   . LEU A 1 55  ? 11.089  3.488   -5.129  1.00 21.72  ? 55  LEU A O   1 
ATOM 421  C CB  . LEU A 1 55  ? 9.756   0.540   -5.581  1.00 20.40  ? 55  LEU A CB  1 
ATOM 422  C CG  . LEU A 1 55  ? 10.080  -0.951  -5.655  1.00 20.11  ? 55  LEU A CG  1 
ATOM 423  C CD1 . LEU A 1 55  ? 9.253   -1.609  -6.734  1.00 23.51  ? 55  LEU A CD1 1 
ATOM 424  C CD2 . LEU A 1 55  ? 11.558  -1.114  -5.908  1.00 22.87  ? 55  LEU A CD2 1 
ATOM 425  N N   . LYS A 1 56  ? 9.103   3.268   -4.106  1.00 20.83  ? 56  LYS A N   1 
ATOM 426  C CA  . LYS A 1 56  ? 8.822   4.700   -4.312  1.00 21.50  ? 56  LYS A CA  1 
ATOM 427  C C   . LYS A 1 56  ? 7.655   5.293   -3.521  1.00 22.08  ? 56  LYS A C   1 
ATOM 428  O O   . LYS A 1 56  ? 6.538   4.796   -3.575  1.00 22.98  ? 56  LYS A O   1 
ATOM 429  C CB  . LYS A 1 56  ? 8.537   4.946   -5.797  1.00 24.74  ? 56  LYS A CB  1 
ATOM 430  C CG  . LYS A 1 56  ? 8.334   6.403   -6.177  1.00 26.48  ? 56  LYS A CG  1 
ATOM 431  C CD  . LYS A 1 56  ? 8.174   6.562   -7.685  1.00 31.43  ? 56  LYS A CD  1 
ATOM 432  C CE  . LYS A 1 56  ? 7.903   8.010   -8.070  1.00 36.48  ? 56  LYS A CE  1 
ATOM 433  N NZ  . LYS A 1 56  ? 9.111   8.869   -7.893  1.00 38.87  ? 56  LYS A NZ  1 
ATOM 434  N N   . HIS A 1 57  ? 7.907   6.378   -2.798  1.00 22.16  ? 57  HIS A N   1 
ATOM 435  C CA  . HIS A 1 57  ? 6.824   7.071   -2.102  1.00 22.35  ? 57  HIS A CA  1 
ATOM 436  C C   . HIS A 1 57  ? 5.880   7.716   -3.118  1.00 23.18  ? 57  HIS A C   1 
ATOM 437  O O   . HIS A 1 57  ? 6.334   8.368   -4.060  1.00 25.99  ? 57  HIS A O   1 
ATOM 438  C CB  . HIS A 1 57  ? 7.395   8.128   -1.155  1.00 23.31  ? 57  HIS A CB  1 
ATOM 439  C CG  . HIS A 1 57  ? 6.379   8.860   -0.343  1.00 24.64  ? 57  HIS A CG  1 
ATOM 440  N ND1 . HIS A 1 57  ? 5.728   9.982   -0.806  1.00 27.48  ? 57  HIS A ND1 1 
ATOM 441  C CD2 . HIS A 1 57  ? 5.893   8.625   0.894   1.00 24.49  ? 57  HIS A CD2 1 
ATOM 442  C CE1 . HIS A 1 57  ? 4.901   10.419  0.127   1.00 28.77  ? 57  HIS A CE1 1 
ATOM 443  N NE2 . HIS A 1 57  ? 4.984   9.612   1.168   1.00 26.87  ? 57  HIS A NE2 1 
ATOM 444  N N   . LEU A 1 58  ? 4.575   7.532   -2.933  1.00 22.99  ? 58  LEU A N   1 
ATOM 445  C CA  . LEU A 1 58  ? 3.601   8.078   -3.875  1.00 24.98  ? 58  LEU A CA  1 
ATOM 446  C C   . LEU A 1 58  ? 2.777   9.225   -3.278  1.00 27.52  ? 58  LEU A C   1 
ATOM 447  O O   . LEU A 1 58  ? 2.795   9.460   -2.070  1.00 27.16  ? 58  LEU A O   1 
ATOM 448  C CB  . LEU A 1 58  ? 2.682   6.960   -4.384  1.00 26.02  ? 58  LEU A CB  1 
ATOM 449  C CG  . LEU A 1 58  ? 3.411   5.769   -5.043  1.00 23.83  ? 58  LEU A CG  1 
ATOM 450  C CD1 . LEU A 1 58  ? 2.391   4.728   -5.465  1.00 25.41  ? 58  LEU A CD1 1 
ATOM 451  C CD2 . LEU A 1 58  ? 4.232   6.247   -6.231  1.00 27.97  ? 58  LEU A CD2 1 
ATOM 452  N N   . GLU A 1 59  ? 2.079   9.948   -4.160  1.00 29.51  ? 59  GLU A N   1 
ATOM 453  C CA  . GLU A 1 59  ? 1.313   11.162  -3.842  1.00 30.28  ? 59  GLU A CA  1 
ATOM 454  C C   . GLU A 1 59  ? 0.271   11.060  -2.716  1.00 29.89  ? 59  GLU A C   1 
ATOM 455  O O   . GLU A 1 59  ? -0.107  12.078  -2.137  1.00 29.32  ? 59  GLU A O   1 
ATOM 456  C CB  . GLU A 1 59  ? 0.578   11.640  -5.099  1.00 36.03  ? 59  GLU A CB  1 
ATOM 457  C CG  . GLU A 1 59  ? 1.476   11.965  -6.281  1.00 42.00  ? 59  GLU A CG  1 
ATOM 458  C CD  . GLU A 1 59  ? 1.771   10.762  -7.142  1.00 39.81  ? 59  GLU A CD  1 
ATOM 459  O OE1 . GLU A 1 59  ? 1.175   9.731   -6.925  1.00 35.26  ? 59  GLU A OE1 1 
ATOM 460  O OE2 . GLU A 1 59  ? 2.595   10.876  -8.017  1.00 39.62  ? 59  GLU A OE2 1 
ATOM 461  N N   . ASP A 1 60  ? -0.196  9.854   -2.406  1.00 29.26  ? 60  ASP A N   1 
ATOM 462  C CA  . ASP A 1 60  ? -1.196  9.663   -1.357  1.00 27.21  ? 60  ASP A CA  1 
ATOM 463  C C   . ASP A 1 60  ? -0.584  9.323   -0.003  1.00 27.10  ? 60  ASP A C   1 
ATOM 464  O O   . ASP A 1 60  ? -1.291  8.863   0.893   1.00 28.10  ? 60  ASP A O   1 
ATOM 465  C CB  . ASP A 1 60  ? -2.169  8.572   -1.756  1.00 26.97  ? 60  ASP A CB  1 
ATOM 466  C CG  . ASP A 1 60  ? -1.472  7.244   -1.909  1.00 27.94  ? 60  ASP A CG  1 
ATOM 467  O OD1 . ASP A 1 60  ? -0.287  7.188   -1.666  1.00 26.65  ? 60  ASP A OD1 1 
ATOM 468  O OD2 . ASP A 1 60  ? -2.113  6.296   -2.290  1.00 29.15  ? 60  ASP A OD2 1 
ATOM 469  N N   . ASN A 1 61  ? 0.722   9.550   0.133   1.00 25.37  ? 61  ASN A N   1 
ATOM 470  C CA  . ASN A 1 61  ? 1.487   9.291   1.345   1.00 23.88  ? 61  ASN A CA  1 
ATOM 471  C C   . ASN A 1 61  ? 1.715   7.802   1.622   1.00 23.97  ? 61  ASN A C   1 
ATOM 472  O O   . ASN A 1 61  ? 2.117   7.440   2.728   1.00 24.41  ? 61  ASN A O   1 
ATOM 473  C CB  . ASN A 1 61  ? 0.834   9.943   2.553   1.00 25.28  ? 61  ASN A CB  1 
ATOM 474  C CG  . ASN A 1 61  ? 0.651   11.425  2.379   1.00 29.66  ? 61  ASN A CG  1 
ATOM 475  O OD1 . ASN A 1 61  ? 1.452   12.099  1.722   1.00 29.91  ? 61  ASN A OD1 1 
ATOM 476  N ND2 . ASN A 1 61  ? -0.395  11.951  2.966   1.00 32.10  ? 61  ASN A ND2 1 
ATOM 477  N N   . THR A 1 62  ? 1.511   6.936   0.619   1.00 23.10  ? 62  THR A N   1 
ATOM 478  C CA  . THR A 1 62  ? 1.796   5.515   0.803   1.00 19.93  ? 62  THR A CA  1 
ATOM 479  C C   . THR A 1 62  ? 3.090   5.165   0.101   1.00 19.48  ? 62  THR A C   1 
ATOM 480  O O   . THR A 1 62  ? 3.670   5.990   -0.606  1.00 21.70  ? 62  THR A O   1 
ATOM 481  C CB  . THR A 1 62  ? 0.684   4.599   0.263   1.00 18.82  ? 62  THR A CB  1 
ATOM 482  O OG1 . THR A 1 62  ? 0.611   4.725   -1.159  1.00 20.28  ? 62  THR A OG1 1 
ATOM 483  C CG2 . THR A 1 62  ? -0.655  4.945   0.887   1.00 20.97  ? 62  THR A CG2 1 
ATOM 484  N N   . LEU A 1 63  ? 3.550   3.940   0.311   1.00 18.31  ? 63  LEU A N   1 
ATOM 485  C CA  . LEU A 1 63  ? 4.799   3.493   -0.259  1.00 17.30  ? 63  LEU A CA  1 
ATOM 486  C C   . LEU A 1 63  ? 4.545   2.496   -1.388  1.00 16.67  ? 63  LEU A C   1 
ATOM 487  O O   . LEU A 1 63  ? 3.661   1.648   -1.287  1.00 17.67  ? 63  LEU A O   1 
ATOM 488  C CB  . LEU A 1 63  ? 5.646   2.808   0.829   1.00 17.57  ? 63  LEU A CB  1 
ATOM 489  C CG  . LEU A 1 63  ? 5.886   3.593   2.134   1.00 16.52  ? 63  LEU A CG  1 
ATOM 490  C CD1 . LEU A 1 63  ? 6.733   2.738   3.069   1.00 15.70  ? 63  LEU A CD1 1 
ATOM 491  C CD2 . LEU A 1 63  ? 6.543   4.933   1.854   1.00 20.89  ? 63  LEU A CD2 1 
ATOM 492  N N   . LEU A 1 64  ? 5.326   2.584   -2.455  1.00 18.52  ? 64  LEU A N   1 
ATOM 493  C CA  . LEU A 1 64  ? 5.233   1.630   -3.551  1.00 17.98  ? 64  LEU A CA  1 
ATOM 494  C C   . LEU A 1 64  ? 6.185   0.485   -3.283  1.00 17.36  ? 64  LEU A C   1 
ATOM 495  O O   . LEU A 1 64  ? 7.381   0.719   -3.130  1.00 19.48  ? 64  LEU A O   1 
ATOM 496  C CB  . LEU A 1 64  ? 5.586   2.291   -4.883  1.00 21.11  ? 64  LEU A CB  1 
ATOM 497  C CG  . LEU A 1 64  ? 5.532   1.385   -6.098  1.00 21.81  ? 64  LEU A CG  1 
ATOM 498  C CD1 . LEU A 1 64  ? 4.106   0.933   -6.277  1.00 20.57  ? 64  LEU A CD1 1 
ATOM 499  C CD2 . LEU A 1 64  ? 6.025   2.144   -7.320  1.00 26.21  ? 64  LEU A CD2 1 
ATOM 500  N N   . ILE A 1 65  ? 5.651   -0.734  -3.210  1.00 17.19  ? 65  ILE A N   1 
ATOM 501  C CA  . ILE A 1 65  ? 6.445   -1.924  -2.921  1.00 17.65  ? 65  ILE A CA  1 
ATOM 502  C C   . ILE A 1 65  ? 6.237   -3.073  -3.901  1.00 18.38  ? 65  ILE A C   1 
ATOM 503  O O   . ILE A 1 65  ? 5.191   -3.185  -4.536  1.00 18.56  ? 65  ILE A O   1 
ATOM 504  C CB  . ILE A 1 65  ? 6.101   -2.468  -1.527  1.00 15.83  ? 65  ILE A CB  1 
ATOM 505  C CG1 . ILE A 1 65  ? 4.613   -2.850  -1.525  1.00 15.99  ? 65  ILE A CG1 1 
ATOM 506  C CG2 . ILE A 1 65  ? 6.426   -1.458  -0.439  1.00 17.82  ? 65  ILE A CG2 1 
ATOM 507  C CD1 . ILE A 1 65  ? 4.146   -3.614  -0.315  1.00 17.39  ? 65  ILE A CD1 1 
ATOM 508  N N   . SER A 1 66  ? 7.216   -3.974  -3.958  1.00 19.02  ? 66  SER A N   1 
ATOM 509  C CA  . SER A 1 66  ? 7.107   -5.209  -4.751  1.00 18.44  ? 66  SER A CA  1 
ATOM 510  C C   . SER A 1 66  ? 7.963   -6.285  -4.103  1.00 19.10  ? 66  SER A C   1 
ATOM 511  O O   . SER A 1 66  ? 9.043   -5.986  -3.612  1.00 20.10  ? 66  SER A O   1 
ATOM 512  C CB  . SER A 1 66  ? 7.542   -4.998  -6.184  1.00 21.56  ? 66  SER A CB  1 
ATOM 513  O OG  . SER A 1 66  ? 7.447   -6.194  -6.911  1.00 22.69  ? 66  SER A OG  1 
ATOM 514  N N   . GLY A 1 67  ? 7.481   -7.526  -4.103  1.00 18.34  ? 67  GLY A N   1 
ATOM 515  C CA  . GLY A 1 67  ? 8.146   -8.640  -3.421  1.00 18.98  ? 67  GLY A CA  1 
ATOM 516  C C   . GLY A 1 67  ? 9.659   -8.766  -3.648  1.00 20.46  ? 67  GLY A C   1 
ATOM 517  O O   . GLY A 1 67  ? 10.425  -8.727  -2.684  1.00 19.77  ? 67  GLY A O   1 
ATOM 518  N N   . PRO A 1 68  ? 10.116  -8.955  -4.888  1.00 21.35  ? 68  PRO A N   1 
ATOM 519  C CA  . PRO A 1 68  ? 9.460   -9.088  -6.193  1.00 21.51  ? 68  PRO A CA  1 
ATOM 520  C C   . PRO A 1 68  ? 8.388   -10.168 -6.223  1.00 20.55  ? 68  PRO A C   1 
ATOM 521  O O   . PRO A 1 68  ? 8.402   -11.084 -5.401  1.00 21.92  ? 68  PRO A O   1 
ATOM 522  C CB  . PRO A 1 68  ? 10.618  -9.460  -7.125  1.00 23.43  ? 68  PRO A CB  1 
ATOM 523  C CG  . PRO A 1 68  ? 11.823  -8.901  -6.472  1.00 24.87  ? 68  PRO A CG  1 
ATOM 524  C CD  . PRO A 1 68  ? 11.574  -9.070  -5.009  1.00 21.15  ? 68  PRO A CD  1 
ATOM 525  N N   . PHE A 1 69  ? 7.453   -10.034 -7.162  1.00 22.08  ? 69  PHE A N   1 
ATOM 526  C CA  . PHE A 1 69  ? 6.352   -10.985 -7.303  1.00 18.74  ? 69  PHE A CA  1 
ATOM 527  C C   . PHE A 1 69  ? 6.880   -12.377 -7.606  1.00 21.71  ? 69  PHE A C   1 
ATOM 528  O O   . PHE A 1 69  ? 6.533   -13.351 -6.942  1.00 20.74  ? 69  PHE A O   1 
ATOM 529  C CB  . PHE A 1 69  ? 5.389   -10.540 -8.389  1.00 20.53  ? 69  PHE A CB  1 
ATOM 530  C CG  . PHE A 1 69  ? 4.254   -11.478 -8.637  1.00 19.34  ? 69  PHE A CG  1 
ATOM 531  C CD1 . PHE A 1 69  ? 3.100   -11.404 -7.879  1.00 19.59  ? 69  PHE A CD1 1 
ATOM 532  C CD2 . PHE A 1 69  ? 4.340   -12.443 -9.623  1.00 20.46  ? 69  PHE A CD2 1 
ATOM 533  C CE1 . PHE A 1 69  ? 2.052   -12.270 -8.099  1.00 17.69  ? 69  PHE A CE1 1 
ATOM 534  C CE2 . PHE A 1 69  ? 3.294   -13.314 -9.849  1.00 19.06  ? 69  PHE A CE2 1 
ATOM 535  C CZ  . PHE A 1 69  ? 2.148   -13.227 -9.085  1.00 17.92  ? 69  PHE A CZ  1 
ATOM 536  N N   . LYS A 1 70  ? 7.770   -12.481 -8.589  1.00 22.44  ? 70  LYS A N   1 
ATOM 537  C CA  . LYS A 1 70  ? 8.381   -13.773 -8.889  1.00 21.62  ? 70  LYS A CA  1 
ATOM 538  C C   . LYS A 1 70  ? 9.112   -14.381 -7.682  1.00 21.68  ? 70  LYS A C   1 
ATOM 539  O O   . LYS A 1 70  ? 9.204   -15.603 -7.567  1.00 24.22  ? 70  LYS A O   1 
ATOM 540  C CB  . LYS A 1 70  ? 9.361   -13.655 -10.050 1.00 24.64  ? 70  LYS A CB  1 
ATOM 541  C CG  . LYS A 1 70  ? 8.734   -13.445 -11.418 1.00 30.11  ? 70  LYS A CG  1 
ATOM 542  C CD  . LYS A 1 70  ? 9.812   -13.359 -12.487 1.00 38.85  ? 70  LYS A CD  1 
ATOM 543  C CE  . LYS A 1 70  ? 9.219   -13.167 -13.875 1.00 48.48  ? 70  LYS A CE  1 
ATOM 544  N NZ  . LYS A 1 70  ? 10.277  -13.129 -14.925 1.00 56.91  ? 70  LYS A NZ  1 
ATOM 545  N N   . VAL A 1 71  ? 9.636   -13.537 -6.792  1.00 22.11  ? 71  VAL A N   1 
ATOM 546  C CA  . VAL A 1 71  ? 10.337  -14.014 -5.607  1.00 19.36  ? 71  VAL A CA  1 
ATOM 547  C C   . VAL A 1 71  ? 9.404   -14.538 -4.510  1.00 17.87  ? 71  VAL A C   1 
ATOM 548  O O   . VAL A 1 71  ? 9.631   -15.630 -3.989  1.00 21.28  ? 71  VAL A O   1 
ATOM 549  C CB  . VAL A 1 71  ? 11.246  -12.912 -5.030  1.00 21.06  ? 71  VAL A CB  1 
ATOM 550  C CG1 . VAL A 1 71  ? 11.834  -13.356 -3.702  1.00 20.41  ? 71  VAL A CG1 1 
ATOM 551  C CG2 . VAL A 1 71  ? 12.370  -12.625 -6.013  1.00 24.04  ? 71  VAL A CG2 1 
ATOM 552  N N   . ASN A 1 72  ? 8.365   -13.778 -4.138  1.00 19.05  ? 72  ASN A N   1 
ATOM 553  C CA  . ASN A 1 72  ? 7.515   -14.275 -3.053  1.00 16.36  ? 72  ASN A CA  1 
ATOM 554  C C   . ASN A 1 72  ? 6.014   -14.024 -3.181  1.00 15.88  ? 72  ASN A C   1 
ATOM 555  O O   . ASN A 1 72  ? 5.284   -14.160 -2.198  1.00 18.75  ? 72  ASN A O   1 
ATOM 556  C CB  . ASN A 1 72  ? 7.978   -13.706 -1.740  1.00 17.29  ? 72  ASN A CB  1 
ATOM 557  C CG  . ASN A 1 72  ? 7.807   -12.226 -1.620  1.00 16.99  ? 72  ASN A CG  1 
ATOM 558  O OD1 . ASN A 1 72  ? 7.039   -11.572 -2.345  1.00 18.71  ? 72  ASN A OD1 1 
ATOM 559  N ND2 . ASN A 1 72  ? 8.533   -11.683 -0.679  1.00 16.22  ? 72  ASN A ND2 1 
ATOM 560  N N   . GLY A 1 73  ? 5.540   -13.685 -4.369  1.00 17.79  ? 73  GLY A N   1 
ATOM 561  C CA  . GLY A 1 73  ? 4.113   -13.532 -4.587  1.00 15.88  ? 73  GLY A CA  1 
ATOM 562  C C   . GLY A 1 73  ? 3.544   -12.140 -4.339  1.00 16.48  ? 73  GLY A C   1 
ATOM 563  O O   . GLY A 1 73  ? 2.367   -11.924 -4.622  1.00 16.78  ? 73  GLY A O   1 
ATOM 564  N N   . VAL A 1 74  ? 4.331   -11.193 -3.823  1.00 16.80  ? 74  VAL A N   1 
ATOM 565  C CA  . VAL A 1 74  ? 3.744   -9.870  -3.607  1.00 15.88  ? 74  VAL A CA  1 
ATOM 566  C C   . VAL A 1 74  ? 3.891   -8.981  -4.851  1.00 17.09  ? 74  VAL A C   1 
ATOM 567  O O   . VAL A 1 74  ? 5.006   -8.627  -5.235  1.00 19.96  ? 74  VAL A O   1 
ATOM 568  C CB  . VAL A 1 74  ? 4.386   -9.147  -2.415  1.00 15.46  ? 74  VAL A CB  1 
ATOM 569  C CG1 . VAL A 1 74  ? 3.745   -7.773  -2.262  1.00 15.92  ? 74  VAL A CG1 1 
ATOM 570  C CG2 . VAL A 1 74  ? 4.214   -9.967  -1.157  1.00 15.25  ? 74  VAL A CG2 1 
ATOM 571  N N   . PRO A 1 75  ? 2.777   -8.583  -5.475  1.00 16.68  ? 75  PRO A N   1 
ATOM 572  C CA  . PRO A 1 75  ? 2.670   -7.752  -6.658  1.00 16.53  ? 75  PRO A CA  1 
ATOM 573  C C   . PRO A 1 75  ? 3.006   -6.313  -6.342  1.00 18.35  ? 75  PRO A C   1 
ATOM 574  O O   . PRO A 1 75  ? 2.961   -5.894  -5.188  1.00 18.88  ? 75  PRO A O   1 
ATOM 575  C CB  . PRO A 1 75  ? 1.203   -7.876  -7.049  1.00 17.57  ? 75  PRO A CB  1 
ATOM 576  C CG  . PRO A 1 75  ? 0.501   -8.062  -5.751  1.00 16.47  ? 75  PRO A CG  1 
ATOM 577  C CD  . PRO A 1 75  ? 1.449   -8.854  -4.900  1.00 16.10  ? 75  PRO A CD  1 
ATOM 578  N N   . LEU A 1 76  ? 3.315   -5.551  -7.376  1.00 18.98  ? 76  LEU A N   1 
ATOM 579  C CA  . LEU A 1 76  ? 3.600   -4.142  -7.239  1.00 18.42  ? 76  LEU A CA  1 
ATOM 580  C C   . LEU A 1 76  ? 2.349   -3.449  -6.710  1.00 17.87  ? 76  LEU A C   1 
ATOM 581  O O   . LEU A 1 76  ? 1.291   -3.514  -7.336  1.00 18.76  ? 76  LEU A O   1 
ATOM 582  C CB  . LEU A 1 76  ? 4.006   -3.568  -8.594  1.00 19.25  ? 76  LEU A CB  1 
ATOM 583  C CG  . LEU A 1 76  ? 4.446   -2.114  -8.611  1.00 24.16  ? 76  LEU A CG  1 
ATOM 584  C CD1 . LEU A 1 76  ? 5.745   -1.962  -7.844  1.00 23.64  ? 76  LEU A CD1 1 
ATOM 585  C CD2 . LEU A 1 76  ? 4.615   -1.668  -10.038 1.00 27.13  ? 76  LEU A CD2 1 
ATOM 586  N N   . ARG A 1 77  ? 2.462   -2.802  -5.553  1.00 17.48  ? 77  ARG A N   1 
ATOM 587  C CA  . ARG A 1 77  ? 1.290   -2.183  -4.953  1.00 16.10  ? 77  ARG A CA  1 
ATOM 588  C C   . ARG A 1 77  ? 1.613   -1.146  -3.897  1.00 15.98  ? 77  ARG A C   1 
ATOM 589  O O   . ARG A 1 77  ? 2.759   -0.963  -3.499  1.00 17.29  ? 77  ARG A O   1 
ATOM 590  C CB  . ARG A 1 77  ? 0.406   -3.231  -4.307  1.00 14.73  ? 77  ARG A CB  1 
ATOM 591  C CG  . ARG A 1 77  ? 1.047   -3.977  -3.148  1.00 14.84  ? 77  ARG A CG  1 
ATOM 592  C CD  . ARG A 1 77  ? 0.036   -4.732  -2.381  1.00 12.77  ? 77  ARG A CD  1 
ATOM 593  N NE  . ARG A 1 77  ? -0.851  -3.831  -1.659  1.00 17.27  ? 77  ARG A NE  1 
ATOM 594  C CZ  . ARG A 1 77  ? -2.025  -4.184  -1.105  1.00 15.37  ? 77  ARG A CZ  1 
ATOM 595  N NH1 . ARG A 1 77  ? -2.461  -5.418  -1.204  1.00 13.53  ? 77  ARG A NH1 1 
ATOM 596  N NH2 . ARG A 1 77  ? -2.735  -3.275  -0.461  1.00 18.94  ? 77  ARG A NH2 1 
ATOM 597  N N   . ARG A 1 78  ? 0.573   -0.462  -3.445  1.00 15.87  ? 78  ARG A N   1 
ATOM 598  C CA  . ARG A 1 78  ? 0.701   0.539   -2.402  1.00 14.83  ? 78  ARG A CA  1 
ATOM 599  C C   . ARG A 1 78  ? 0.575   -0.062  -1.003  1.00 15.56  ? 78  ARG A C   1 
ATOM 600  O O   . ARG A 1 78  ? -0.184  -1.011  -0.790  1.00 16.17  ? 78  ARG A O   1 
ATOM 601  C CB  . ARG A 1 78  ? -0.368  1.606   -2.559  1.00 16.03  ? 78  ARG A CB  1 
ATOM 602  C CG  . ARG A 1 78  ? -0.258  2.463   -3.800  1.00 19.93  ? 78  ARG A CG  1 
ATOM 603  C CD  . ARG A 1 78  ? -1.357  3.465   -3.867  1.00 21.49  ? 78  ARG A CD  1 
ATOM 604  N NE  . ARG A 1 78  ? -2.645  2.846   -4.143  1.00 25.79  ? 78  ARG A NE  1 
ATOM 605  C CZ  . ARG A 1 78  ? -3.845  3.451   -4.015  1.00 28.19  ? 78  ARG A CZ  1 
ATOM 606  N NH1 . ARG A 1 78  ? -3.936  4.686   -3.576  1.00 27.74  ? 78  ARG A NH1 1 
ATOM 607  N NH2 . ARG A 1 78  ? -4.945  2.792   -4.336  1.00 33.35  ? 78  ARG A NH2 1 
ATOM 608  N N   . VAL A 1 79  ? 1.294   0.520   -0.041  1.00 16.71  ? 79  VAL A N   1 
ATOM 609  C CA  . VAL A 1 79  ? 1.175   0.104   1.354   1.00 15.06  ? 79  VAL A CA  1 
ATOM 610  C C   . VAL A 1 79  ? 1.365   1.294   2.278   1.00 15.60  ? 79  VAL A C   1 
ATOM 611  O O   . VAL A 1 79  ? 2.246   2.124   2.076   1.00 17.03  ? 79  VAL A O   1 
ATOM 612  C CB  . VAL A 1 79  ? 2.219   -0.974  1.715   1.00 14.28  ? 79  VAL A CB  1 
ATOM 613  C CG1 . VAL A 1 79  ? 3.619   -0.408  1.575   1.00 15.24  ? 79  VAL A CG1 1 
ATOM 614  C CG2 . VAL A 1 79  ? 1.992   -1.467  3.136   1.00 18.09  ? 79  VAL A CG2 1 
ATOM 615  N N   . ASN A 1 80  ? 0.540   1.383   3.306   1.00 15.36  ? 80  ASN A N   1 
ATOM 616  C CA  . ASN A 1 80  ? 0.657   2.473   4.257   1.00 14.33  ? 80  ASN A CA  1 
ATOM 617  C C   . ASN A 1 80  ? 1.870   2.240   5.150   1.00 14.51  ? 80  ASN A C   1 
ATOM 618  O O   . ASN A 1 80  ? 1.999   1.181   5.762   1.00 14.74  ? 80  ASN A O   1 
ATOM 619  C CB  . ASN A 1 80  ? -0.625  2.624   5.044   1.00 14.26  ? 80  ASN A CB  1 
ATOM 620  C CG  . ASN A 1 80  ? -0.637  3.825   5.947   1.00 15.44  ? 80  ASN A CG  1 
ATOM 621  O OD1 . ASN A 1 80  ? 0.128   3.931   6.912   1.00 16.24  ? 80  ASN A OD1 1 
ATOM 622  N ND2 . ASN A 1 80  ? -1.505  4.754   5.640   1.00 21.90  ? 80  ASN A ND2 1 
ATOM 623  N N   . ALA A 1 81  ? 2.759   3.238   5.203   1.00 14.75  ? 81  ALA A N   1 
ATOM 624  C CA  . ALA A 1 81  ? 4.030   3.181   5.936   1.00 13.78  ? 81  ALA A CA  1 
ATOM 625  C C   . ALA A 1 81  ? 4.050   2.816   7.423   1.00 13.28  ? 81  ALA A C   1 
ATOM 626  O O   . ALA A 1 81  ? 5.060   2.318   7.922   1.00 14.40  ? 81  ALA A O   1 
ATOM 627  C CB  . ALA A 1 81  ? 4.745   4.516   5.802   1.00 14.89  ? 81  ALA A CB  1 
ATOM 628  N N   . ARG A 1 82  ? 2.949   3.018   8.137   1.00 13.84  ? 82  ARG A N   1 
ATOM 629  C CA  . ARG A 1 82  ? 2.918   2.657   9.548   1.00 13.60  ? 82  ARG A CA  1 
ATOM 630  C C   . ARG A 1 82  ? 2.652   1.152   9.797   1.00 12.96  ? 82  ARG A C   1 
ATOM 631  O O   . ARG A 1 82  ? 2.586   0.667   10.925  1.00 13.90  ? 82  ARG A O   1 
ATOM 632  C CB  . ARG A 1 82  ? 1.772   3.353   10.246  1.00 14.85  ? 82  ARG A CB  1 
ATOM 633  C CG  . ARG A 1 82  ? 1.871   4.865   10.272  1.00 17.18  ? 82  ARG A CG  1 
ATOM 634  C CD  . ARG A 1 82  ? 3.020   5.303   11.091  1.00 17.33  ? 82  ARG A CD  1 
ATOM 635  N NE  . ARG A 1 82  ? 3.108   6.751   11.141  1.00 28.03  ? 82  ARG A NE  1 
ATOM 636  C CZ  . ARG A 1 82  ? 4.167   7.439   11.610  1.00 37.20  ? 82  ARG A CZ  1 
ATOM 637  N NH1 . ARG A 1 82  ? 5.224   6.794   12.053  1.00 35.11  ? 82  ARG A NH1 1 
ATOM 638  N NH2 . ARG A 1 82  ? 4.148   8.760   11.626  1.00 36.83  ? 82  ARG A NH2 1 
ATOM 639  N N   . TYR A 1 83  ? 2.520   0.428   8.690   1.00 13.25  ? 83  TYR A N   1 
ATOM 640  C CA  . TYR A 1 83  ? 2.272   -0.992  8.726   1.00 12.20  ? 83  TYR A CA  1 
ATOM 641  C C   . TYR A 1 83  ? 3.509   -1.702  8.200   1.00 13.25  ? 83  TYR A C   1 
ATOM 642  O O   . TYR A 1 83  ? 3.446   -2.892  7.888   1.00 14.01  ? 83  TYR A O   1 
ATOM 643  C CB  . TYR A 1 83  ? 1.035   -1.460  7.982   1.00 12.91  ? 83  TYR A CB  1 
ATOM 644  C CG  . TYR A 1 83  ? -0.224  -0.892  8.578   1.00 11.87  ? 83  TYR A CG  1 
ATOM 645  C CD1 . TYR A 1 83  ? -0.708  0.314   8.108   1.00 15.07  ? 83  TYR A CD1 1 
ATOM 646  C CD2 . TYR A 1 83  ? -0.898  -1.564  9.583   1.00 14.47  ? 83  TYR A CD2 1 
ATOM 647  C CE1 . TYR A 1 83  ? -1.858  0.857   8.639   1.00 13.60  ? 83  TYR A CE1 1 
ATOM 648  C CE2 . TYR A 1 83  ? -2.052  -1.027  10.112  1.00 13.19  ? 83  TYR A CE2 1 
ATOM 649  C CZ  . TYR A 1 83  ? -2.532  0.179   9.645   1.00 12.34  ? 83  TYR A CZ  1 
ATOM 650  O OH  . TYR A 1 83  ? -3.683  0.712   10.178  1.00 13.98  ? 83  TYR A OH  1 
ATOM 651  N N   . VAL A 1 84  ? 4.644   -1.001  8.083   1.00 13.73  ? 84  VAL A N   1 
ATOM 652  C CA  . VAL A 1 84  ? 5.829   -1.726  7.634   1.00 13.66  ? 84  VAL A CA  1 
ATOM 653  C C   . VAL A 1 84  ? 7.017   -1.584  8.580   1.00 14.42  ? 84  VAL A C   1 
ATOM 654  O O   . VAL A 1 84  ? 7.223   -0.538  9.200   1.00 17.48  ? 84  VAL A O   1 
ATOM 655  C CB  . VAL A 1 84  ? 6.279   -1.247  6.239   1.00 13.21  ? 84  VAL A CB  1 
ATOM 656  C CG1 . VAL A 1 84  ? 5.183   -1.481  5.214   1.00 13.51  ? 84  VAL A CG1 1 
ATOM 657  C CG2 . VAL A 1 84  ? 6.675   0.214   6.288   1.00 14.18  ? 84  VAL A CG2 1 
ATOM 658  N N   . ILE A 1 85  ? 7.846   -2.628  8.619   1.00 14.52  ? 85  ILE A N   1 
ATOM 659  C CA  . ILE A 1 85  ? 9.078   -2.600  9.402   1.00 13.79  ? 85  ILE A CA  1 
ATOM 660  C C   . ILE A 1 85  ? 10.250  -2.439  8.468   1.00 16.14  ? 85  ILE A C   1 
ATOM 661  O O   . ILE A 1 85  ? 10.454  -3.262  7.582   1.00 17.19  ? 85  ILE A O   1 
ATOM 662  C CB  . ILE A 1 85  ? 9.316   -3.880  10.216  1.00 14.84  ? 85  ILE A CB  1 
ATOM 663  C CG1 . ILE A 1 85  ? 8.187   -4.141  11.197  1.00 13.43  ? 85  ILE A CG1 1 
ATOM 664  C CG2 . ILE A 1 85  ? 10.629  -3.767  10.966  1.00 17.18  ? 85  ILE A CG2 1 
ATOM 665  C CD1 . ILE A 1 85  ? 8.289   -5.498  11.858  1.00 14.07  ? 85  ILE A CD1 1 
ATOM 666  N N   . ALA A 1 86  ? 11.023  -1.387  8.657   1.00 16.56  ? 86  ALA A N   1 
ATOM 667  C CA  . ALA A 1 86  ? 12.169  -1.153  7.797   1.00 18.79  ? 86  ALA A CA  1 
ATOM 668  C C   . ALA A 1 86  ? 13.383  -1.883  8.325   1.00 18.37  ? 86  ALA A C   1 
ATOM 669  O O   . ALA A 1 86  ? 13.908  -1.546  9.385   1.00 20.90  ? 86  ALA A O   1 
ATOM 670  C CB  . ALA A 1 86  ? 12.441  0.327   7.691   1.00 22.83  ? 86  ALA A CB  1 
ATOM 671  N N   . THR A 1 87  ? 13.818  -2.899  7.585   1.00 19.72  ? 87  THR A N   1 
ATOM 672  C CA  . THR A 1 87  ? 14.965  -3.695  7.980   1.00 20.63  ? 87  THR A CA  1 
ATOM 673  C C   . THR A 1 87  ? 16.251  -3.092  7.429   1.00 22.59  ? 87  THR A C   1 
ATOM 674  O O   . THR A 1 87  ? 16.217  -2.199  6.587   1.00 23.33  ? 87  THR A O   1 
ATOM 675  C CB  . THR A 1 87  ? 14.829  -5.146  7.484   1.00 21.57  ? 87  THR A CB  1 
ATOM 676  O OG1 . THR A 1 87  ? 14.893  -5.162  6.055   1.00 23.27  ? 87  THR A OG1 1 
ATOM 677  C CG2 . THR A 1 87  ? 13.488  -5.730  7.911   1.00 19.77  ? 87  THR A CG2 1 
ATOM 678  N N   . SER A 1 88  ? 17.391  -3.599  7.890   1.00 23.88  ? 88  SER A N   1 
ATOM 679  C CA  . SER A 1 88  ? 18.694  -3.149  7.421   1.00 23.65  ? 88  SER A CA  1 
ATOM 680  C C   . SER A 1 88  ? 19.091  -3.791  6.088   1.00 24.44  ? 88  SER A C   1 
ATOM 681  O O   . SER A 1 88  ? 20.029  -3.337  5.431   1.00 25.69  ? 88  SER A O   1 
ATOM 682  C CB  . SER A 1 88  ? 19.737  -3.449  8.476   1.00 23.78  ? 88  SER A CB  1 
ATOM 683  O OG  . SER A 1 88  ? 19.884  -4.830  8.654   1.00 27.55  ? 88  SER A OG  1 
ATOM 684  N N   . THR A 1 89  ? 18.373  -4.843  5.688   1.00 24.29  ? 89  THR A N   1 
ATOM 685  C CA  . THR A 1 89  ? 18.617  -5.513  4.418   1.00 23.48  ? 89  THR A CA  1 
ATOM 686  C C   . THR A 1 89  ? 18.068  -4.673  3.281   1.00 23.73  ? 89  THR A C   1 
ATOM 687  O O   . THR A 1 89  ? 16.955  -4.156  3.379   1.00 23.96  ? 89  THR A O   1 
ATOM 688  C CB  . THR A 1 89  ? 17.979  -6.914  4.391   1.00 23.80  ? 89  THR A CB  1 
ATOM 689  O OG1 . THR A 1 89  ? 18.564  -7.729  5.415   1.00 27.65  ? 89  THR A OG1 1 
ATOM 690  C CG2 . THR A 1 89  ? 18.189  -7.572  3.039   1.00 23.32  ? 89  THR A CG2 1 
ATOM 691  N N   . LYS A 1 90  ? 18.865  -4.517  2.224   1.00 24.19  ? 90  LYS A N   1 
ATOM 692  C CA  . LYS A 1 90  ? 18.469  -3.694  1.087   1.00 25.06  ? 90  LYS A CA  1 
ATOM 693  C C   . LYS A 1 90  ? 18.702  -4.353  -0.275  1.00 28.30  ? 90  LYS A C   1 
ATOM 694  O O   . LYS A 1 90  ? 19.621  -5.154  -0.447  1.00 30.14  ? 90  LYS A O   1 
ATOM 695  C CB  . LYS A 1 90  ? 19.237  -2.373  1.121   1.00 25.12  ? 90  LYS A CB  1 
ATOM 696  C CG  . LYS A 1 90  ? 18.967  -1.505  2.339   1.00 26.37  ? 90  LYS A CG  1 
ATOM 697  C CD  . LYS A 1 90  ? 19.781  -0.227  2.294   1.00 27.52  ? 90  LYS A CD  1 
ATOM 698  C CE  . LYS A 1 90  ? 19.548  0.616   3.537   1.00 31.38  ? 90  LYS A CE  1 
ATOM 699  N NZ  . LYS A 1 90  ? 20.395  1.841   3.539   1.00 31.90  ? 90  LYS A NZ  1 
ATOM 700  N N   . VAL A 1 91  ? 17.878  -3.957  -1.244  1.00 28.76  ? 91  VAL A N   1 
ATOM 701  C CA  . VAL A 1 91  ? 17.981  -4.359  -2.642  1.00 28.30  ? 91  VAL A CA  1 
ATOM 702  C C   . VAL A 1 91  ? 18.159  -3.092  -3.456  1.00 31.29  ? 91  VAL A C   1 
ATOM 703  O O   . VAL A 1 91  ? 17.318  -2.200  -3.384  1.00 30.81  ? 91  VAL A O   1 
ATOM 704  C CB  . VAL A 1 91  ? 16.712  -5.092  -3.129  1.00 29.00  ? 91  VAL A CB  1 
ATOM 705  C CG1 . VAL A 1 91  ? 16.857  -5.448  -4.603  1.00 34.00  ? 91  VAL A CG1 1 
ATOM 706  C CG2 . VAL A 1 91  ? 16.476  -6.343  -2.305  1.00 28.63  ? 91  VAL A CG2 1 
ATOM 707  N N   . SER A 1 92  ? 19.242  -2.983  -4.212  1.00 34.16  ? 92  SER A N   1 
ATOM 708  C CA  . SER A 1 92  ? 19.450  -1.760  -4.978  1.00 34.41  ? 92  SER A CA  1 
ATOM 709  C C   . SER A 1 92  ? 18.342  -1.521  -5.977  1.00 36.12  ? 92  SER A C   1 
ATOM 710  O O   . SER A 1 92  ? 17.904  -2.434  -6.677  1.00 36.57  ? 92  SER A O   1 
ATOM 711  C CB  . SER A 1 92  ? 20.761  -1.785  -5.716  1.00 36.02  ? 92  SER A CB  1 
ATOM 712  O OG  . SER A 1 92  ? 20.888  -0.644  -6.526  1.00 40.23  ? 92  SER A OG  1 
ATOM 713  N N   . VAL A 1 93  ? 17.904  -0.274  -6.051  1.00 34.77  ? 93  VAL A N   1 
ATOM 714  C CA  . VAL A 1 93  ? 16.869  0.102   -6.989  1.00 35.28  ? 93  VAL A CA  1 
ATOM 715  C C   . VAL A 1 93  ? 17.403  1.072   -8.025  1.00 38.07  ? 93  VAL A C   1 
ATOM 716  O O   . VAL A 1 93  ? 16.631  1.761   -8.689  1.00 39.10  ? 93  VAL A O   1 
ATOM 717  C CB  . VAL A 1 93  ? 15.676  0.736   -6.254  1.00 32.62  ? 93  VAL A CB  1 
ATOM 718  C CG1 . VAL A 1 93  ? 15.028  -0.284  -5.335  1.00 30.56  ? 93  VAL A CG1 1 
ATOM 719  C CG2 . VAL A 1 93  ? 16.155  1.940   -5.461  1.00 32.85  ? 93  VAL A CG2 1 
ATOM 720  N N   . GLU A 1 94  ? 18.724  1.104   -8.198  1.00 39.16  ? 94  GLU A N   1 
ATOM 721  C CA  . GLU A 1 94  ? 19.326  2.026   -9.159  1.00 41.52  ? 94  GLU A CA  1 
ATOM 722  C C   . GLU A 1 94  ? 18.875  1.747   -10.589 1.00 42.90  ? 94  GLU A C   1 
ATOM 723  O O   . GLU A 1 94  ? 18.696  2.673   -11.380 1.00 42.42  ? 94  GLU A O   1 
ATOM 724  C CB  . GLU A 1 94  ? 20.850  1.956   -9.079  1.00 44.26  ? 94  GLU A CB  1 
ATOM 725  C CG  . GLU A 1 94  ? 21.438  2.535   -7.801  1.00 47.64  ? 94  GLU A CG  1 
ATOM 726  C CD  . GLU A 1 94  ? 22.933  2.401   -7.735  1.00 55.33  ? 94  GLU A CD  1 
ATOM 727  O OE1 . GLU A 1 94  ? 23.485  1.708   -8.556  1.00 53.53  ? 94  GLU A OE1 1 
ATOM 728  O OE2 . GLU A 1 94  ? 23.526  2.998   -6.866  1.00 55.50  ? 94  GLU A OE2 1 
ATOM 729  N N   . GLY A 1 95  ? 18.686  0.471   -10.917 1.00 40.83  ? 95  GLY A N   1 
ATOM 730  C CA  . GLY A 1 95  ? 18.224  0.078   -12.240 1.00 40.67  ? 95  GLY A CA  1 
ATOM 731  C C   . GLY A 1 95  ? 16.713  -0.174  -12.297 1.00 40.54  ? 95  GLY A C   1 
ATOM 732  O O   . GLY A 1 95  ? 16.225  -0.777  -13.252 1.00 41.28  ? 95  GLY A O   1 
ATOM 733  N N   . VAL A 1 96  ? 15.974  0.264   -11.273 1.00 38.54  ? 96  VAL A N   1 
ATOM 734  C CA  . VAL A 1 96  ? 14.539  0.023   -11.230 1.00 37.02  ? 96  VAL A CA  1 
ATOM 735  C C   . VAL A 1 96  ? 13.763  1.293   -11.548 1.00 38.11  ? 96  VAL A C   1 
ATOM 736  O O   . VAL A 1 96  ? 13.804  2.263   -10.791 1.00 40.68  ? 96  VAL A O   1 
ATOM 737  C CB  . VAL A 1 96  ? 14.136  -0.487  -9.837  1.00 35.66  ? 96  VAL A CB  1 
ATOM 738  C CG1 . VAL A 1 96  ? 12.645  -0.737  -9.791  1.00 36.34  ? 96  VAL A CG1 1 
ATOM 739  C CG2 . VAL A 1 96  ? 14.904  -1.745  -9.504  1.00 35.68  ? 96  VAL A CG2 1 
ATOM 740  N N   . ASN A 1 97  ? 13.048  1.285   -12.668 1.00 38.78  ? 97  ASN A N   1 
ATOM 741  C CA  . ASN A 1 97  ? 12.271  2.449   -13.074 1.00 36.86  ? 97  ASN A CA  1 
ATOM 742  C C   . ASN A 1 97  ? 10.799  2.311   -12.728 1.00 39.01  ? 97  ASN A C   1 
ATOM 743  O O   . ASN A 1 97  ? 10.045  1.643   -13.437 1.00 39.40  ? 97  ASN A O   1 
ATOM 744  C CB  . ASN A 1 97  ? 12.429  2.718   -14.554 1.00 38.99  ? 97  ASN A CB  1 
ATOM 745  C CG  . ASN A 1 97  ? 11.706  3.967   -14.990 1.00 41.54  ? 97  ASN A CG  1 
ATOM 746  O OD1 . ASN A 1 97  ? 10.875  4.523   -14.258 1.00 40.77  ? 97  ASN A OD1 1 
ATOM 747  N ND2 . ASN A 1 97  ? 12.009  4.422   -16.179 1.00 42.61  ? 97  ASN A ND2 1 
ATOM 748  N N   . VAL A 1 98  ? 10.394  2.962   -11.646 1.00 39.94  ? 98  VAL A N   1 
ATOM 749  C CA  . VAL A 1 98  ? 9.002   2.959   -11.217 1.00 37.93  ? 98  VAL A CA  1 
ATOM 750  C C   . VAL A 1 98  ? 8.357   4.333   -11.308 1.00 37.44  ? 98  VAL A C   1 
ATOM 751  O O   . VAL A 1 98  ? 7.358   4.602   -10.638 1.00 37.62  ? 98  VAL A O   1 
ATOM 752  C CB  . VAL A 1 98  ? 8.876   2.420   -9.778  1.00 36.62  ? 98  VAL A CB  1 
ATOM 753  C CG1 . VAL A 1 98  ? 9.242   0.956   -9.731  1.00 36.66  ? 98  VAL A CG1 1 
ATOM 754  C CG2 . VAL A 1 98  ? 9.805   3.202   -8.868  1.00 31.40  ? 98  VAL A CG2 1 
ATOM 755  N N   . GLU A 1 99  ? 8.904   5.195   -12.157 1.00 37.55  ? 99  GLU A N   1 
ATOM 756  C CA  . GLU A 1 99  ? 8.387   6.548   -12.293 1.00 39.08  ? 99  GLU A CA  1 
ATOM 757  C C   . GLU A 1 99  ? 6.998   6.596   -12.913 1.00 36.55  ? 99  GLU A C   1 
ATOM 758  O O   . GLU A 1 99  ? 6.217   7.497   -12.608 1.00 36.66  ? 99  GLU A O   1 
ATOM 759  C CB  . GLU A 1 99  ? 9.361   7.400   -13.097 1.00 40.39  ? 99  GLU A CB  1 
ATOM 760  C CG  . GLU A 1 99  ? 10.651  7.685   -12.347 1.00 42.21  ? 99  GLU A CG  1 
ATOM 761  C CD  . GLU A 1 99  ? 10.395  8.449   -11.076 1.00 45.44  ? 99  GLU A CD  1 
ATOM 762  O OE1 . GLU A 1 99  ? 9.723   9.450   -11.132 1.00 42.18  ? 99  GLU A OE1 1 
ATOM 763  O OE2 . GLU A 1 99  ? 10.846  8.023   -10.036 1.00 43.83  ? 99  GLU A OE2 1 
ATOM 764  N N   . LYS A 1 100 ? 6.678   5.631   -13.776 1.00 36.13  ? 100 LYS A N   1 
ATOM 765  C CA  . LYS A 1 100 ? 5.349   5.569   -14.379 1.00 36.11  ? 100 LYS A CA  1 
ATOM 766  C C   . LYS A 1 100 ? 4.232   5.209   -13.390 1.00 35.71  ? 100 LYS A C   1 
ATOM 767  O O   . LYS A 1 100 ? 3.059   5.272   -13.757 1.00 35.45  ? 100 LYS A O   1 
ATOM 768  C CB  . LYS A 1 100 ? 5.287   4.555   -15.523 1.00 39.20  ? 100 LYS A CB  1 
ATOM 769  C CG  . LYS A 1 100 ? 5.386   3.098   -15.099 1.00 39.17  ? 100 LYS A CG  1 
ATOM 770  C CD  . LYS A 1 100 ? 5.201   2.160   -16.287 1.00 41.89  ? 100 LYS A CD  1 
ATOM 771  C CE  . LYS A 1 100 ? 3.729   2.097   -16.708 1.00 46.61  ? 100 LYS A CE  1 
ATOM 772  N NZ  . LYS A 1 100 ? 3.488   1.137   -17.832 1.00 54.01  ? 100 LYS A NZ  1 
ATOM 773  N N   . PHE A 1 101 ? 4.570   4.796   -12.164 1.00 35.60  ? 101 PHE A N   1 
ATOM 774  C CA  . PHE A 1 101 ? 3.523   4.369   -11.259 1.00 33.95  ? 101 PHE A CA  1 
ATOM 775  C C   . PHE A 1 101 ? 3.154   5.497   -10.322 1.00 32.84  ? 101 PHE A C   1 
ATOM 776  O O   . PHE A 1 101 ? 4.017   6.245   -9.860  1.00 33.80  ? 101 PHE A O   1 
ATOM 777  C CB  . PHE A 1 101 ? 4.010   3.183   -10.453 1.00 32.17  ? 101 PHE A CB  1 
ATOM 778  C CG  . PHE A 1 101 ? 4.389   2.050   -11.341 1.00 33.15  ? 101 PHE A CG  1 
ATOM 779  C CD1 . PHE A 1 101 ? 3.461   1.335   -12.051 1.00 35.38  ? 101 PHE A CD1 1 
ATOM 780  C CD2 . PHE A 1 101 ? 5.718   1.740   -11.497 1.00 34.73  ? 101 PHE A CD2 1 
ATOM 781  C CE1 . PHE A 1 101 ? 3.859   0.323   -12.899 1.00 37.45  ? 101 PHE A CE1 1 
ATOM 782  C CE2 . PHE A 1 101 ? 6.134   0.734   -12.337 1.00 36.98  ? 101 PHE A CE2 1 
ATOM 783  C CZ  . PHE A 1 101 ? 5.200   0.025   -13.042 1.00 37.28  ? 101 PHE A CZ  1 
ATOM 784  N N   . ASN A 1 102 ? 1.868   5.617   -10.050 1.00 32.82  ? 102 ASN A N   1 
ATOM 785  C CA  . ASN A 1 102 ? 1.357   6.662   -9.184  1.00 33.41  ? 102 ASN A CA  1 
ATOM 786  C C   . ASN A 1 102 ? -0.007  6.296   -8.628  1.00 35.78  ? 102 ASN A C   1 
ATOM 787  O O   . ASN A 1 102 ? -0.530  5.216   -8.910  1.00 35.37  ? 102 ASN A O   1 
ATOM 788  C CB  . ASN A 1 102 ? 1.318   7.979   -9.936  1.00 34.01  ? 102 ASN A CB  1 
ATOM 789  C CG  . ASN A 1 102 ? 0.464   7.921   -11.166 1.00 34.54  ? 102 ASN A CG  1 
ATOM 790  O OD1 . ASN A 1 102 ? -0.621  7.330   -11.162 1.00 36.44  ? 102 ASN A OD1 1 
ATOM 791  N ND2 . ASN A 1 102 ? 0.936   8.524   -12.228 1.00 34.08  ? 102 ASN A ND2 1 
ATOM 792  N N   . VAL A 1 103 ? -0.589  7.206   -7.860  1.00 35.04  ? 103 VAL A N   1 
ATOM 793  C CA  . VAL A 1 103 ? -1.894  6.978   -7.251  1.00 34.47  ? 103 VAL A CA  1 
ATOM 794  C C   . VAL A 1 103 ? -2.990  6.656   -8.254  1.00 36.74  ? 103 VAL A C   1 
ATOM 795  O O   . VAL A 1 103 ? -3.813  5.772   -8.011  1.00 37.76  ? 103 VAL A O   1 
ATOM 796  C CB  . VAL A 1 103 ? -2.307  8.200   -6.441  1.00 33.47  ? 103 VAL A CB  1 
ATOM 797  C CG1 . VAL A 1 103 ? -3.749  8.060   -5.979  1.00 36.07  ? 103 VAL A CG1 1 
ATOM 798  C CG2 . VAL A 1 103 ? -1.373  8.320   -5.265  1.00 33.34  ? 103 VAL A CG2 1 
ATOM 799  N N   . GLU A 1 104 ? -3.019  7.383   -9.368  1.00 37.98  ? 104 GLU A N   1 
ATOM 800  C CA  . GLU A 1 104 ? -4.030  7.148   -10.391 1.00 38.90  ? 104 GLU A CA  1 
ATOM 801  C C   . GLU A 1 104 ? -3.859  5.766   -11.009 1.00 37.47  ? 104 GLU A C   1 
ATOM 802  O O   . GLU A 1 104 ? -4.841  5.067   -11.248 1.00 41.06  ? 104 GLU A O   1 
ATOM 803  C CB  . GLU A 1 104 ? -3.955  8.223   -11.469 1.00 41.61  ? 104 GLU A CB  1 
ATOM 804  C CG  . GLU A 1 104 ? -4.393  9.599   -10.995 1.00 46.87  ? 104 GLU A CG  1 
ATOM 805  C CD  . GLU A 1 104 ? -4.271  10.654  -12.057 1.00 58.17  ? 104 GLU A CD  1 
ATOM 806  O OE1 . GLU A 1 104 ? -3.758  10.358  -13.109 1.00 56.18  ? 104 GLU A OE1 1 
ATOM 807  O OE2 . GLU A 1 104 ? -4.693  11.761  -11.814 1.00 59.72  ? 104 GLU A OE2 1 
ATOM 808  N N   . TYR A 1 105 ? -2.611  5.357   -11.221 1.00 36.38  ? 105 TYR A N   1 
ATOM 809  C CA  . TYR A 1 105 ? -2.305  4.026   -11.738 1.00 35.88  ? 105 TYR A CA  1 
ATOM 810  C C   . TYR A 1 105 ? -2.949  2.951   -10.866 1.00 38.10  ? 105 TYR A C   1 
ATOM 811  O O   . TYR A 1 105 ? -3.537  1.996   -11.381 1.00 39.42  ? 105 TYR A O   1 
ATOM 812  C CB  . TYR A 1 105 ? -0.795  3.798   -11.803 1.00 35.58  ? 105 TYR A CB  1 
ATOM 813  C CG  . TYR A 1 105 ? -0.395  2.450   -12.349 1.00 34.21  ? 105 TYR A CG  1 
ATOM 814  C CD1 . TYR A 1 105 ? -0.310  1.374   -11.492 1.00 35.60  ? 105 TYR A CD1 1 
ATOM 815  C CD2 . TYR A 1 105 ? -0.130  2.282   -13.700 1.00 39.09  ? 105 TYR A CD2 1 
ATOM 816  C CE1 . TYR A 1 105 ? 0.047   0.131   -11.966 1.00 36.91  ? 105 TYR A CE1 1 
ATOM 817  C CE2 . TYR A 1 105 ? 0.233   1.035   -14.180 1.00 42.61  ? 105 TYR A CE2 1 
ATOM 818  C CZ  . TYR A 1 105 ? 0.320   -0.042  -13.302 1.00 40.21  ? 105 TYR A CZ  1 
ATOM 819  O OH  . TYR A 1 105 ? 0.689   -1.283  -13.764 1.00 44.60  ? 105 TYR A OH  1 
ATOM 820  N N   . PHE A 1 106 ? -2.832  3.110   -9.546  1.00 37.70  ? 106 PHE A N   1 
ATOM 821  C CA  . PHE A 1 106 ? -3.391  2.142   -8.607  1.00 37.21  ? 106 PHE A CA  1 
ATOM 822  C C   . PHE A 1 106 ? -4.817  2.460   -8.139  1.00 40.30  ? 106 PHE A C   1 
ATOM 823  O O   . PHE A 1 106 ? -5.289  1.867   -7.166  1.00 44.11  ? 106 PHE A O   1 
ATOM 824  C CB  . PHE A 1 106 ? -2.489  2.023   -7.383  1.00 32.61  ? 106 PHE A CB  1 
ATOM 825  C CG  . PHE A 1 106 ? -1.141  1.462   -7.692  1.00 30.19  ? 106 PHE A CG  1 
ATOM 826  C CD1 . PHE A 1 106 ? -0.974  0.116   -7.978  1.00 28.20  ? 106 PHE A CD1 1 
ATOM 827  C CD2 . PHE A 1 106 ? -0.036  2.290   -7.716  1.00 29.97  ? 106 PHE A CD2 1 
ATOM 828  C CE1 . PHE A 1 106 ? 0.272   -0.387  -8.290  1.00 27.11  ? 106 PHE A CE1 1 
ATOM 829  C CE2 . PHE A 1 106 ? 1.207   1.791   -8.028  1.00 30.97  ? 106 PHE A CE2 1 
ATOM 830  C CZ  . PHE A 1 106 ? 1.361   0.455   -8.319  1.00 26.99  ? 106 PHE A CZ  1 
ATOM 831  N N   . ALA A 1 107 ? -5.505  3.389   -8.808  1.00 43.61  ? 107 ALA A N   1 
ATOM 832  C CA  . ALA A 1 107 ? -6.873  3.730   -8.438  1.00 50.26  ? 107 ALA A CA  1 
ATOM 833  C C   . ALA A 1 107 ? -7.825  2.609   -8.837  1.00 61.39  ? 107 ALA A C   1 
ATOM 834  O O   . ALA A 1 107 ? -7.623  1.942   -9.854  1.00 58.97  ? 107 ALA A O   1 
ATOM 835  C CB  . ALA A 1 107 ? -7.289  5.039   -9.088  1.00 51.13  ? 107 ALA A CB  1 
ATOM 836  N N   . LYS A 1 108 ? -8.867  2.407   -8.038  1.00 69.50  ? 108 LYS A N   1 
ATOM 837  C CA  . LYS A 1 108 ? -9.848  1.362   -8.308  1.00 76.18  ? 108 LYS A CA  1 
ATOM 838  C C   . LYS A 1 108 ? -11.093 1.907   -8.992  1.00 85.69  ? 108 LYS A C   1 
ATOM 839  O O   . LYS A 1 108 ? -11.407 3.093   -8.884  1.00 89.69  ? 108 LYS A O   1 
ATOM 840  C CB  . LYS A 1 108 ? -10.235 0.650   -7.014  1.00 80.85  ? 108 LYS A CB  1 
ATOM 841  C CG  . LYS A 1 108 ? -9.099  -0.119  -6.361  1.00 78.96  ? 108 LYS A CG  1 
ATOM 842  C CD  . LYS A 1 108 ? -9.566  -0.833  -5.102  1.00 79.62  ? 108 LYS A CD  1 
ATOM 843  C CE  . LYS A 1 108 ? -8.433  -1.610  -4.450  1.00 74.38  ? 108 LYS A CE  1 
ATOM 844  N NZ  . LYS A 1 108 ? -8.877  -2.302  -3.210  1.00 62.00  ? 108 LYS A NZ  1 
ATOM 845  N N   . GLU A 1 109 ? -11.798 1.029   -9.696  1.00 96.36  ? 109 GLU A N   1 
ATOM 846  C CA  . GLU A 1 109 ? -13.020 1.392   -10.405 1.00 114.40 ? 109 GLU A CA  1 
ATOM 847  C C   . GLU A 1 109 ? -14.189 1.624   -9.460  1.00 121.85 ? 109 GLU A C   1 
ATOM 848  O O   . GLU A 1 109 ? -14.403 0.859   -8.518  1.00 125.47 ? 109 GLU A O   1 
ATOM 849  C CB  . GLU A 1 109 ? -13.394 0.306   -11.412 1.00 119.61 ? 109 GLU A CB  1 
ATOM 850  C CG  . GLU A 1 109 ? -14.613 0.633   -12.261 1.00 124.46 ? 109 GLU A CG  1 
ATOM 851  C CD  . GLU A 1 109 ? -14.914 -0.424  -13.285 1.00 123.16 ? 109 GLU A CD  1 
ATOM 852  O OE1 . GLU A 1 109 ? -14.192 -1.391  -13.342 1.00 120.41 ? 109 GLU A OE1 1 
ATOM 853  O OE2 . GLU A 1 109 ? -15.863 -0.262  -14.017 1.00 140.00 ? 109 GLU A OE2 1 
ATOM 854  N N   . LYS A 1 110 ? -14.943 2.692   -9.719  1.00 127.70 ? 110 LYS A N   1 
ATOM 855  C CA  . LYS A 1 110 ? -16.115 3.070   -8.928  1.00 135.21 ? 110 LYS A CA  1 
ATOM 856  C C   . LYS A 1 110 ? -17.275 2.074   -9.036  1.00 142.10 ? 110 LYS A C   1 
ATOM 857  O O   . LYS A 1 110 ? -18.277 2.352   -9.697  1.00 149.34 ? 110 LYS A O   1 
ATOM 858  C CB  . LYS A 1 110 ? -16.595 4.459   -9.339  1.00 137.51 ? 110 LYS A CB  1 
ATOM 859  C CG  . LYS A 1 110 ? -15.617 5.582   -9.013  1.00 139.35 ? 110 LYS A CG  1 
ATOM 860  C CD  . LYS A 1 110 ? -16.168 6.935   -9.435  1.00 149.38 ? 110 LYS A CD  1 
ATOM 861  C CE  . LYS A 1 110 ? -15.190 8.056   -9.112  1.00 143.66 ? 110 LYS A CE  1 
ATOM 862  N NZ  . LYS A 1 110 ? -15.707 9.383   -9.542  1.00 141.26 ? 110 LYS A NZ  1 
ATOM 863  N N   . LEU A 1 111 ? -17.135 0.930   -8.377  1.00 146.86 ? 111 LEU A N   1 
ATOM 864  C CA  . LEU A 1 111 ? -18.154 -0.113  -8.360  1.00 154.67 ? 111 LEU A CA  1 
ATOM 865  C C   . LEU A 1 111 ? -19.437 0.423   -7.725  1.00 163.41 ? 111 LEU A C   1 
ATOM 866  O O   . LEU A 1 111 ? -19.392 1.006   -6.640  1.00 166.34 ? 111 LEU A O   1 
ATOM 867  C CB  . LEU A 1 111 ? -17.631 -1.325  -7.581  1.00 159.01 ? 111 LEU A CB  1 
ATOM 868  C CG  . LEU A 1 111 ? -18.497 -2.584  -7.614  1.00 166.19 ? 111 LEU A CG  1 
ATOM 869  C CD1 . LEU A 1 111 ? -18.511 -3.126  -9.031  1.00 169.50 ? 111 LEU A CD1 1 
ATOM 870  C CD2 . LEU A 1 111 ? -17.927 -3.618  -6.657  1.00 168.58 ? 111 LEU A CD2 1 
ATOM 871  N N   . THR A 1 112 ? -20.575 0.249   -8.401  1.00 167.05 ? 112 THR A N   1 
ATOM 872  C CA  . THR A 1 112 ? -21.830 0.781   -7.876  1.00 170.41 ? 112 THR A CA  1 
ATOM 873  C C   . THR A 1 112 ? -22.479 -0.166  -6.891  1.00 175.68 ? 112 THR A C   1 
ATOM 874  O O   . THR A 1 112 ? -22.162 -1.350  -6.873  1.00 177.59 ? 112 THR A O   1 
ATOM 875  C CB  . THR A 1 112 ? -22.833 1.051   -9.004  1.00 171.48 ? 112 THR A CB  1 
ATOM 876  O OG1 . THR A 1 112 ? -23.165 -0.188  -9.640  1.00 175.66 ? 112 THR A OG1 1 
ATOM 877  C CG2 . THR A 1 112 ? -22.232 1.995   -10.031 1.00 169.07 ? 112 THR A CG2 1 
ATOM 878  N N   . LYS A 1 113 ? -23.415 0.369   -6.105  1.00 176.29 ? 113 LYS A N   1 
ATOM 879  C CA  . LYS A 1 113 ? -24.159 -0.391  -5.102  1.00 179.76 ? 113 LYS A CA  1 
ATOM 880  C C   . LYS A 1 113 ? -24.875 -1.585  -5.700  1.00 176.02 ? 113 LYS A C   1 
ATOM 881  O O   . LYS A 1 113 ? -24.865 -2.668  -5.115  1.00 175.80 ? 113 LYS A O   1 
ATOM 882  C CB  . LYS A 1 113 ? -25.172 0.503   -4.395  1.00 181.52 ? 113 LYS A CB  1 
ATOM 883  C CG  . LYS A 1 113 ? -25.965 -0.202  -3.307  1.00 183.05 ? 113 LYS A CG  1 
ATOM 884  C CD  . LYS A 1 113 ? -26.909 0.760   -2.602  1.00 188.51 ? 113 LYS A CD  1 
ATOM 885  C CE  . LYS A 1 113 ? -27.730 0.049   -1.535  1.00 204.50 ? 113 LYS A CE  1 
ATOM 886  N NZ  . LYS A 1 113 ? -28.654 0.983   -0.837  1.00 189.72 ? 113 LYS A NZ  1 
ATOM 887  N N   . LYS A 1 114 ? -25.507 -1.374  -6.855  1.00 173.94 ? 114 LYS A N   1 
ATOM 888  C CA  . LYS A 1 114 ? -26.195 -2.434  -7.579  1.00 172.82 ? 114 LYS A CA  1 
ATOM 889  C C   . LYS A 1 114 ? -25.251 -3.584  -7.849  1.00 191.82 ? 114 LYS A C   1 
ATOM 890  O O   . LYS A 1 114 ? -25.560 -4.737  -7.544  1.00 174.51 ? 114 LYS A O   1 
ATOM 891  C CB  . LYS A 1 114 ? -26.755 -1.901  -8.896  1.00 175.86 ? 114 LYS A CB  1 
ATOM 892  C CG  . LYS A 1 114 ? -27.485 -2.932  -9.753  1.00 179.65 ? 114 LYS A CG  1 
ATOM 893  C CD  . LYS A 1 114 ? -28.040 -2.285  -11.015 1.00 181.86 ? 114 LYS A CD  1 
ATOM 894  C CE  . LYS A 1 114 ? -28.862 -3.255  -11.856 1.00 181.65 ? 114 LYS A CE  1 
ATOM 895  N NZ  . LYS A 1 114 ? -28.024 -4.291  -12.522 1.00 186.06 ? 114 LYS A NZ  1 
ATOM 896  N N   . GLU A 1 115 ? -24.095 -3.250  -8.414  1.00 172.12 ? 115 GLU A N   1 
ATOM 897  C CA  . GLU A 1 115 ? -23.077 -4.228  -8.739  1.00 174.76 ? 115 GLU A CA  1 
ATOM 898  C C   . GLU A 1 115 ? -22.520 -4.903  -7.493  1.00 196.88 ? 115 GLU A C   1 
ATOM 899  O O   . GLU A 1 115 ? -22.262 -6.106  -7.513  1.00 172.00 ? 115 GLU A O   1 
ATOM 900  C CB  . GLU A 1 115 ? -21.969 -3.550  -9.522  1.00 171.24 ? 115 GLU A CB  1 
ATOM 901  C CG  . GLU A 1 115 ? -22.369 -3.133  -10.927 1.00 175.26 ? 115 GLU A CG  1 
ATOM 902  C CD  . GLU A 1 115 ? -21.347 -2.252  -11.585 1.00 176.36 ? 115 GLU A CD  1 
ATOM 903  O OE1 . GLU A 1 115 ? -20.965 -1.275  -10.975 1.00 170.55 ? 115 GLU A OE1 1 
ATOM 904  O OE2 . GLU A 1 115 ? -20.943 -2.548  -12.686 1.00 170.51 ? 115 GLU A OE2 1 
ATOM 905  N N   . LYS A 1 116 ? -22.358 -4.137  -6.408  1.00 170.46 ? 116 LYS A N   1 
ATOM 906  C CA  . LYS A 1 116 ? -21.878 -4.689  -5.149  1.00 180.48 ? 116 LYS A CA  1 
ATOM 907  C C   . LYS A 1 116 ? -22.839 -5.729  -4.614  1.00 166.72 ? 116 LYS A C   1 
ATOM 908  O O   . LYS A 1 116 ? -22.411 -6.789  -4.155  1.00 181.00 ? 116 LYS A O   1 
ATOM 909  C CB  . LYS A 1 116 ? -21.693 -3.583  -4.105  1.00 179.44 ? 116 LYS A CB  1 
ATOM 910  C CG  . LYS A 1 116 ? -20.517 -2.656  -4.348  1.00 170.89 ? 116 LYS A CG  1 
ATOM 911  C CD  . LYS A 1 116 ? -20.448 -1.566  -3.294  1.00 175.66 ? 116 LYS A CD  1 
ATOM 912  C CE  . LYS A 1 116 ? -19.263 -0.643  -3.531  1.00 174.20 ? 116 LYS A CE  1 
ATOM 913  N NZ  . LYS A 1 116 ? -19.192 0.443   -2.511  1.00 179.04 ? 116 LYS A NZ  1 
ATOM 914  N N   . LYS A 1 117 ? -24.138 -5.431  -4.692  1.00 191.80 ? 117 LYS A N   1 
ATOM 915  C CA  . LYS A 1 117 ? -25.169 -6.359  -4.261  1.00 179.33 ? 117 LYS A CA  1 
ATOM 916  C C   . LYS A 1 117 ? -25.106 -7.633  -5.063  1.00 167.82 ? 117 LYS A C   1 
ATOM 917  O O   . LYS A 1 117 ? -25.152 -8.721  -4.498  1.00 185.97 ? 117 LYS A O   1 
ATOM 918  C CB  . LYS A 1 117 ? -26.554 -5.737  -4.386  1.00 180.71 ? 117 LYS A CB  1 
ATOM 919  C CG  . LYS A 1 117 ? -27.680 -6.648  -3.918  1.00 181.81 ? 117 LYS A CG  1 
ATOM 920  C CD  . LYS A 1 117 ? -29.028 -5.950  -3.997  1.00 178.42 ? 117 LYS A CD  1 
ATOM 921  C CE  . LYS A 1 117 ? -30.157 -6.868  -3.548  1.00 182.73 ? 117 LYS A CE  1 
ATOM 922  N NZ  . LYS A 1 117 ? -31.478 -6.182  -3.599  1.00 180.83 ? 117 LYS A NZ  1 
ATOM 923  N N   . GLU A 1 118 ? -24.982 -7.492  -6.381  1.00 179.76 ? 118 GLU A N   1 
ATOM 924  C CA  . GLU A 1 118 ? -24.902 -8.628  -7.283  1.00 180.81 ? 118 GLU A CA  1 
ATOM 925  C C   . GLU A 1 118 ? -23.695 -9.500  -6.969  1.00 175.66 ? 118 GLU A C   1 
ATOM 926  O O   . GLU A 1 118 ? -23.796 -10.726 -6.988  1.00 182.65 ? 118 GLU A O   1 
ATOM 927  C CB  . GLU A 1 118 ? -24.846 -8.117  -8.718  1.00 179.19 ? 118 GLU A CB  1 
ATOM 928  C CG  . GLU A 1 118 ? -26.152 -7.489  -9.180  1.00 183.64 ? 118 GLU A CG  1 
ATOM 929  C CD  . GLU A 1 118 ? -26.044 -6.775  -10.497 1.00 179.28 ? 118 GLU A CD  1 
ATOM 930  O OE1 . GLU A 1 118 ? -24.963 -6.686  -11.027 1.00 180.46 ? 118 GLU A OE1 1 
ATOM 931  O OE2 . GLU A 1 118 ? -27.054 -6.303  -10.967 1.00 182.40 ? 118 GLU A OE2 1 
ATOM 932  N N   . ALA A 1 119 ? -22.564 -8.861  -6.664  1.00 178.45 ? 119 ALA A N   1 
ATOM 933  C CA  . ALA A 1 119 ? -21.347 -9.567  -6.288  1.00 181.71 ? 119 ALA A CA  1 
ATOM 934  C C   . ALA A 1 119 ? -21.546 -10.336 -4.989  1.00 186.73 ? 119 ALA A C   1 
ATOM 935  O O   . ALA A 1 119 ? -21.080 -11.464 -4.854  1.00 175.48 ? 119 ALA A O   1 
ATOM 936  C CB  . ALA A 1 119 ? -20.194 -8.587  -6.146  1.00 178.53 ? 119 ALA A CB  1 
ATOM 937  N N   . ASN A 1 120 ? -22.252 -9.731  -4.039  1.00 176.81 ? 120 ASN A N   1 
ATOM 938  C CA  . ASN A 1 120 ? -22.532 -10.385 -2.771  1.00 180.75 ? 120 ASN A CA  1 
ATOM 939  C C   . ASN A 1 120 ? -23.480 -11.560 -2.961  1.00 178.19 ? 120 ASN A C   1 
ATOM 940  O O   . ASN A 1 120 ? -23.333 -12.595 -2.309  1.00 176.11 ? 120 ASN A O   1 
ATOM 941  C CB  . ASN A 1 120 ? -23.107 -9.390  -1.786  1.00 183.72 ? 120 ASN A CB  1 
ATOM 942  C CG  . ASN A 1 120 ? -22.074 -8.422  -1.283  1.00 182.57 ? 120 ASN A CG  1 
ATOM 943  O OD1 . ASN A 1 120 ? -20.869 -8.692  -1.340  1.00 184.72 ? 120 ASN A OD1 1 
ATOM 944  N ND2 . ASN A 1 120 ? -22.523 -7.297  -0.789  1.00 184.77 ? 120 ASN A ND2 1 
ATOM 945  N N   . LEU A 1 121 ? -24.449 -11.399 -3.861  1.00 179.39 ? 121 LEU A N   1 
ATOM 946  C CA  . LEU A 1 121 ? -25.405 -12.447 -4.175  1.00 182.62 ? 121 LEU A CA  1 
ATOM 947  C C   . LEU A 1 121 ? -24.776 -13.610 -4.929  1.00 181.93 ? 121 LEU A C   1 
ATOM 948  O O   . LEU A 1 121 ? -25.145 -14.764 -4.706  1.00 177.83 ? 121 LEU A O   1 
ATOM 949  C CB  . LEU A 1 121 ? -26.542 -11.874 -5.026  1.00 182.03 ? 121 LEU A CB  1 
ATOM 950  C CG  . LEU A 1 121 ? -27.492 -10.893 -4.341  1.00 180.07 ? 121 LEU A CG  1 
ATOM 951  C CD1 . LEU A 1 121 ? -28.410 -10.286 -5.392  1.00 178.97 ? 121 LEU A CD1 1 
ATOM 952  C CD2 . LEU A 1 121 ? -28.290 -11.629 -3.279  1.00 181.75 ? 121 LEU A CD2 1 
ATOM 953  N N   . PHE A 1 122 ? -23.821 -13.311 -5.813  1.00 172.51 ? 122 PHE A N   1 
ATOM 954  C CA  . PHE A 1 122 ? -23.200 -14.344 -6.629  1.00 184.72 ? 122 PHE A CA  1 
ATOM 955  C C   . PHE A 1 122 ? -21.702 -14.121 -6.806  1.00 175.54 ? 122 PHE A C   1 
ATOM 956  O O   . PHE A 1 122 ? -21.251 -13.888 -7.929  1.00 176.31 ? 122 PHE A O   1 
ATOM 957  C CB  . PHE A 1 122 ? -23.816 -14.327 -8.030  1.00 180.28 ? 122 PHE A CB  1 
ATOM 958  C CG  . PHE A 1 122 ? -25.303 -14.500 -8.047  1.00 177.11 ? 122 PHE A CG  1 
ATOM 959  C CD1 . PHE A 1 122 ? -25.878 -15.750 -7.900  1.00 179.92 ? 122 PHE A CD1 1 
ATOM 960  C CD2 . PHE A 1 122 ? -26.131 -13.398 -8.210  1.00 181.44 ? 122 PHE A CD2 1 
ATOM 961  C CE1 . PHE A 1 122 ? -27.253 -15.896 -7.907  1.00 179.60 ? 122 PHE A CE1 1 
ATOM 962  C CE2 . PHE A 1 122 ? -27.502 -13.540 -8.220  1.00 179.32 ? 122 PHE A CE2 1 
ATOM 963  C CZ  . PHE A 1 122 ? -28.064 -14.791 -8.065  1.00 178.63 ? 122 PHE A CZ  1 
ATOM 964  N N   . PRO A 1 123 ? -20.912 -14.209 -5.730  1.00 177.67 ? 123 PRO A N   1 
ATOM 965  C CA  . PRO A 1 123 ? -19.467 -14.010 -5.672  1.00 177.24 ? 123 PRO A CA  1 
ATOM 966  C C   . PRO A 1 123 ? -18.721 -15.013 -6.543  1.00 174.74 ? 123 PRO A C   1 
ATOM 967  O O   . PRO A 1 123 ? -17.636 -14.722 -7.049  1.00 174.45 ? 123 PRO A O   1 
ATOM 968  C CB  . PRO A 1 123 ? -19.135 -14.223 -4.190  1.00 182.06 ? 123 PRO A CB  1 
ATOM 969  C CG  . PRO A 1 123 ? -20.241 -15.081 -3.668  1.00 179.65 ? 123 PRO A CG  1 
ATOM 970  C CD  . PRO A 1 123 ? -21.456 -14.659 -4.436  1.00 173.91 ? 123 PRO A CD  1 
ATOM 971  N N   . GLU A 1 124 ? -19.331 -16.179 -6.771  1.00 179.48 ? 124 GLU A N   1 
ATOM 972  C CA  . GLU A 1 124 ? -18.748 -17.212 -7.615  1.00 178.40 ? 124 GLU A CA  1 
ATOM 973  C C   . GLU A 1 124 ? -18.720 -16.825 -9.095  1.00 175.61 ? 124 GLU A C   1 
ATOM 974  O O   . GLU A 1 124 ? -18.070 -17.495 -9.897  1.00 172.21 ? 124 GLU A O   1 
ATOM 975  C CB  . GLU A 1 124 ? -19.520 -18.522 -7.458  1.00 178.28 ? 124 GLU A CB  1 
ATOM 976  C CG  . GLU A 1 124 ? -20.935 -18.494 -8.020  1.00 178.64 ? 124 GLU A CG  1 
ATOM 977  C CD  . GLU A 1 124 ? -21.951 -17.989 -7.043  1.00 182.31 ? 124 GLU A CD  1 
ATOM 978  O OE1 . GLU A 1 124 ? -21.561 -17.481 -6.021  1.00 179.15 ? 124 GLU A OE1 1 
ATOM 979  O OE2 . GLU A 1 124 ? -23.119 -18.113 -7.321  1.00 177.99 ? 124 GLU A OE2 1 
ATOM 980  N N   . GLN A 1 125 ? -19.416 -15.744 -9.457  1.00 173.59 ? 125 GLN A N   1 
ATOM 981  C CA  . GLN A 1 125 ? -19.447 -15.275 -10.825 1.00 172.62 ? 125 GLN A CA  1 
ATOM 982  C C   . GLN A 1 125 ? -18.380 -14.214 -11.073 1.00 169.32 ? 125 GLN A C   1 
ATOM 983  O O   . GLN A 1 125 ? -18.249 -13.717 -12.192 1.00 169.37 ? 125 GLN A O   1 
ATOM 984  C CB  . GLN A 1 125 ? -20.828 -14.707 -11.157 1.00 176.27 ? 125 GLN A CB  1 
ATOM 985  C CG  . GLN A 1 125 ? -21.964 -15.710 -11.044 1.00 175.52 ? 125 GLN A CG  1 
ATOM 986  C CD  . GLN A 1 125 ? -21.805 -16.878 -11.995 1.00 174.34 ? 125 GLN A CD  1 
ATOM 987  O OE1 . GLN A 1 125 ? -21.512 -16.693 -13.179 1.00 174.64 ? 125 GLN A OE1 1 
ATOM 988  N NE2 . GLN A 1 125 ? -22.009 -18.088 -11.489 1.00 178.12 ? 125 GLN A NE2 1 
ATOM 989  N N   . GLN A 1 126 ? -17.625 -13.853 -10.035 1.00 169.79 ? 126 GLN A N   1 
ATOM 990  C CA  . GLN A 1 126 ? -16.584 -12.855 -10.192 1.00 166.66 ? 126 GLN A CA  1 
ATOM 991  C C   . GLN A 1 126 ? -15.372 -13.449 -10.888 1.00 164.71 ? 126 GLN A C   1 
ATOM 992  O O   . GLN A 1 126 ? -14.798 -14.437 -10.427 1.00 164.31 ? 126 GLN A O   1 
ATOM 993  C CB  . GLN A 1 126 ? -16.177 -12.275 -8.843  1.00 167.73 ? 126 GLN A CB  1 
ATOM 994  C CG  . GLN A 1 126 ? -15.098 -11.218 -8.947  1.00 163.28 ? 126 GLN A CG  1 
ATOM 995  C CD  . GLN A 1 126 ? -15.596 -9.956  -9.626  1.00 166.94 ? 126 GLN A CD  1 
ATOM 996  O OE1 . GLN A 1 126 ? -16.563 -9.336  -9.174  1.00 168.22 ? 126 GLN A OE1 1 
ATOM 997  N NE2 . GLN A 1 126 ? -14.946 -9.571  -10.718 1.00 158.56 ? 126 GLN A NE2 1 
ATOM 998  N N   . ASN A 1 127 ? -14.977 -12.830 -11.991 1.00 161.30 ? 127 ASN A N   1 
ATOM 999  C CA  . ASN A 1 127 ? -13.837 -13.290 -12.768 1.00 156.53 ? 127 ASN A CA  1 
ATOM 1000 C C   . ASN A 1 127 ? -12.832 -12.170 -12.962 1.00 148.32 ? 127 ASN A C   1 
ATOM 1001 O O   . ASN A 1 127 ? -12.727 -11.595 -14.047 1.00 142.99 ? 127 ASN A O   1 
ATOM 1002 C CB  . ASN A 1 127 ? -14.288 -13.843 -14.106 1.00 159.96 ? 127 ASN A CB  1 
ATOM 1003 C CG  . ASN A 1 127 ? -15.160 -15.061 -13.971 1.00 164.70 ? 127 ASN A CG  1 
ATOM 1004 O OD1 . ASN A 1 127 ? -14.678 -16.148 -13.630 1.00 165.56 ? 127 ASN A OD1 1 
ATOM 1005 N ND2 . ASN A 1 127 ? -16.431 -14.902 -14.235 1.00 165.79 ? 127 ASN A ND2 1 
ATOM 1006 N N   . LYS A 1 128 ? -12.103 -11.853 -11.897 1.00 142.97 ? 128 LYS A N   1 
ATOM 1007 C CA  . LYS A 1 128 ? -11.096 -10.807 -11.944 1.00 133.42 ? 128 LYS A CA  1 
ATOM 1008 C C   . LYS A 1 128 ? -9.930  -11.213 -12.827 1.00 121.63 ? 128 LYS A C   1 
ATOM 1009 O O   . LYS A 1 128 ? -9.558  -12.386 -12.887 1.00 119.92 ? 128 LYS A O   1 
ATOM 1010 C CB  . LYS A 1 128 ? -10.581 -10.481 -10.543 1.00 139.91 ? 128 LYS A CB  1 
ATOM 1011 C CG  . LYS A 1 128 ? -11.601 -9.832  -9.625  1.00 144.38 ? 128 LYS A CG  1 
ATOM 1012 C CD  . LYS A 1 128 ? -10.995 -9.504  -8.270  1.00 152.38 ? 128 LYS A CD  1 
ATOM 1013 C CE  . LYS A 1 128 ? -12.018 -8.861  -7.345  1.00 155.83 ? 128 LYS A CE  1 
ATOM 1014 N NZ  . LYS A 1 128 ? -11.433 -8.535  -6.015  1.00 167.01 ? 128 LYS A NZ  1 
ATOM 1015 N N   . GLU A 1 129 ? -9.344  -10.233 -13.494 1.00 111.30 ? 129 GLU A N   1 
ATOM 1016 C CA  . GLU A 1 129 ? -8.203  -10.473 -14.357 1.00 98.80  ? 129 GLU A CA  1 
ATOM 1017 C C   . GLU A 1 129 ? -7.263  -9.288  -14.316 1.00 88.33  ? 129 GLU A C   1 
ATOM 1018 O O   . GLU A 1 129 ? -7.692  -8.137  -14.391 1.00 88.46  ? 129 GLU A O   1 
ATOM 1019 C CB  . GLU A 1 129 ? -8.655  -10.733 -15.792 1.00 100.29 ? 129 GLU A CB  1 
ATOM 1020 C CG  . GLU A 1 129 ? -7.521  -11.068 -16.752 1.00 99.73  ? 129 GLU A CG  1 
ATOM 1021 C CD  . GLU A 1 129 ? -8.007  -11.391 -18.136 1.00 101.83 ? 129 GLU A CD  1 
ATOM 1022 O OE1 . GLU A 1 129 ? -9.193  -11.332 -18.357 1.00 105.74 ? 129 GLU A OE1 1 
ATOM 1023 O OE2 . GLU A 1 129 ? -7.193  -11.702 -18.975 1.00 100.69 ? 129 GLU A OE2 1 
ATOM 1024 N N   . ILE A 1 130 ? -5.979  -9.575  -14.188 1.00 81.73  ? 130 ILE A N   1 
ATOM 1025 C CA  . ILE A 1 130 ? -4.980  -8.527  -14.118 1.00 74.29  ? 130 ILE A CA  1 
ATOM 1026 C C   . ILE A 1 130 ? -4.699  -7.992  -15.511 1.00 71.26  ? 130 ILE A C   1 
ATOM 1027 O O   . ILE A 1 130 ? -4.427  -8.764  -16.433 1.00 73.13  ? 130 ILE A O   1 
ATOM 1028 C CB  . ILE A 1 130 ? -3.681  -9.045  -13.478 1.00 70.83  ? 130 ILE A CB  1 
ATOM 1029 C CG1 . ILE A 1 130 ? -3.953  -9.500  -12.045 1.00 73.59  ? 130 ILE A CG1 1 
ATOM 1030 C CG2 . ILE A 1 130 ? -2.630  -7.948  -13.478 1.00 65.85  ? 130 ILE A CG2 1 
ATOM 1031 C CD1 . ILE A 1 130 ? -2.797  -10.249 -11.424 1.00 81.91  ? 130 ILE A CD1 1 
ATOM 1032 N N   . LYS A 1 131 ? -4.789  -6.674  -15.659 1.00 64.62  ? 131 LYS A N   1 
ATOM 1033 C CA  . LYS A 1 131 ? -4.537  -6.016  -16.934 1.00 62.68  ? 131 LYS A CA  1 
ATOM 1034 C C   . LYS A 1 131 ? -3.185  -6.430  -17.495 1.00 57.13  ? 131 LYS A C   1 
ATOM 1035 O O   . LYS A 1 131 ? -2.199  -6.465  -16.760 1.00 57.42  ? 131 LYS A O   1 
ATOM 1036 C CB  . LYS A 1 131 ? -4.563  -4.496  -16.783 1.00 61.20  ? 131 LYS A CB  1 
ATOM 1037 C CG  . LYS A 1 131 ? -4.439  -3.745  -18.101 1.00 63.52  ? 131 LYS A CG  1 
ATOM 1038 C CD  . LYS A 1 131 ? -4.414  -2.239  -17.911 1.00 63.23  ? 131 LYS A CD  1 
ATOM 1039 C CE  . LYS A 1 131 ? -4.356  -1.529  -19.260 1.00 69.48  ? 131 LYS A CE  1 
ATOM 1040 N NZ  . LYS A 1 131 ? -4.155  -0.061  -19.115 1.00 69.02  ? 131 LYS A NZ  1 
ATOM 1041 N N   . ALA A 1 132 ? -3.141  -6.715  -18.796 1.00 57.74  ? 132 ALA A N   1 
ATOM 1042 C CA  . ALA A 1 132 ? -1.908  -7.123  -19.468 1.00 57.55  ? 132 ALA A CA  1 
ATOM 1043 C C   . ALA A 1 132 ? -0.764  -6.161  -19.170 1.00 54.93  ? 132 ALA A C   1 
ATOM 1044 O O   . ALA A 1 132 ? 0.359   -6.599  -18.914 1.00 52.11  ? 132 ALA A O   1 
ATOM 1045 C CB  . ALA A 1 132 ? -2.135  -7.209  -20.967 1.00 59.71  ? 132 ALA A CB  1 
ATOM 1046 N N   . GLU A 1 133 ? -1.056  -4.860  -19.198 1.00 55.94  ? 133 GLU A N   1 
ATOM 1047 C CA  . GLU A 1 133 ? -0.079  -3.837  -18.863 1.00 56.14  ? 133 GLU A CA  1 
ATOM 1048 C C   . GLU A 1 133 ? 0.509   -4.067  -17.488 1.00 53.85  ? 133 GLU A C   1 
ATOM 1049 O O   . GLU A 1 133 ? 1.727   -4.043  -17.334 1.00 48.44  ? 133 GLU A O   1 
ATOM 1050 C CB  . GLU A 1 133 ? -0.694  -2.439  -18.889 1.00 58.44  ? 133 GLU A CB  1 
ATOM 1051 C CG  . GLU A 1 133 ? 0.319   -1.346  -18.567 1.00 58.70  ? 133 GLU A CG  1 
ATOM 1052 C CD  . GLU A 1 133 ? -0.243  0.051   -18.550 1.00 59.90  ? 133 GLU A CD  1 
ATOM 1053 O OE1 . GLU A 1 133 ? -1.439  0.206   -18.675 1.00 62.24  ? 133 GLU A OE1 1 
ATOM 1054 O OE2 . GLU A 1 133 ? 0.537   0.972   -18.416 1.00 59.62  ? 133 GLU A OE2 1 
ATOM 1055 N N   . ARG A 1 134 ? -0.361  -4.287  -16.499 1.00 51.17  ? 134 ARG A N   1 
ATOM 1056 C CA  . ARG A 1 134 ? 0.059   -4.516  -15.123 1.00 48.38  ? 134 ARG A CA  1 
ATOM 1057 C C   . ARG A 1 134 ? 0.946   -5.743  -15.014 1.00 46.96  ? 134 ARG A C   1 
ATOM 1058 O O   . ARG A 1 134 ? 1.922   -5.739  -14.261 1.00 46.53  ? 134 ARG A O   1 
ATOM 1059 C CB  . ARG A 1 134 ? -1.147  -4.694  -14.215 1.00 50.70  ? 134 ARG A CB  1 
ATOM 1060 C CG  . ARG A 1 134 ? -1.966  -3.443  -13.968 1.00 51.22  ? 134 ARG A CG  1 
ATOM 1061 C CD  . ARG A 1 134 ? -3.114  -3.707  -13.063 1.00 52.01  ? 134 ARG A CD  1 
ATOM 1062 N NE  . ARG A 1 134 ? -3.947  -2.526  -12.913 1.00 49.71  ? 134 ARG A NE  1 
ATOM 1063 C CZ  . ARG A 1 134 ? -3.695  -1.521  -12.053 1.00 50.97  ? 134 ARG A CZ  1 
ATOM 1064 N NH1 . ARG A 1 134 ? -2.650  -1.588  -11.260 1.00 41.82  ? 134 ARG A NH1 1 
ATOM 1065 N NH2 . ARG A 1 134 ? -4.493  -0.468  -12.013 1.00 47.08  ? 134 ARG A NH2 1 
ATOM 1066 N N   . VAL A 1 135 ? 0.618   -6.781  -15.781 1.00 47.42  ? 135 VAL A N   1 
ATOM 1067 C CA  . VAL A 1 135 ? 1.416   -7.994  -15.794 1.00 45.76  ? 135 VAL A CA  1 
ATOM 1068 C C   . VAL A 1 135 ? 2.820   -7.712  -16.308 1.00 44.38  ? 135 VAL A C   1 
ATOM 1069 O O   . VAL A 1 135 ? 3.805   -8.142  -15.705 1.00 43.22  ? 135 VAL A O   1 
ATOM 1070 C CB  . VAL A 1 135 ? 0.758   -9.070  -16.674 1.00 47.53  ? 135 VAL A CB  1 
ATOM 1071 C CG1 . VAL A 1 135 ? 1.700   -10.247 -16.836 1.00 45.87  ? 135 VAL A CG1 1 
ATOM 1072 C CG2 . VAL A 1 135 ? -0.557  -9.510  -16.053 1.00 50.03  ? 135 VAL A CG2 1 
ATOM 1073 N N   . GLU A 1 136 ? 2.904   -6.973  -17.413 1.00 45.64  ? 136 GLU A N   1 
ATOM 1074 C CA  . GLU A 1 136 ? 4.189   -6.651  -18.009 1.00 44.72  ? 136 GLU A CA  1 
ATOM 1075 C C   . GLU A 1 136 ? 4.979   -5.691  -17.135 1.00 43.36  ? 136 GLU A C   1 
ATOM 1076 O O   . GLU A 1 136 ? 6.200   -5.813  -17.035 1.00 41.79  ? 136 GLU A O   1 
ATOM 1077 C CB  . GLU A 1 136 ? 3.986   -6.060  -19.398 1.00 50.13  ? 136 GLU A CB  1 
ATOM 1078 C CG  . GLU A 1 136 ? 3.434   -7.050  -20.417 1.00 53.62  ? 136 GLU A CG  1 
ATOM 1079 C CD  . GLU A 1 136 ? 4.331   -8.236  -20.631 1.00 52.14  ? 136 GLU A CD  1 
ATOM 1080 O OE1 . GLU A 1 136 ? 5.512   -8.045  -20.800 1.00 52.69  ? 136 GLU A OE1 1 
ATOM 1081 O OE2 . GLU A 1 136 ? 3.839   -9.343  -20.622 1.00 48.48  ? 136 GLU A OE2 1 
ATOM 1082 N N   . ASP A 1 137 ? 4.283   -4.771  -16.471 1.00 43.56  ? 137 ASP A N   1 
ATOM 1083 C CA  . ASP A 1 137 ? 4.912   -3.854  -15.537 1.00 39.75  ? 137 ASP A CA  1 
ATOM 1084 C C   . ASP A 1 137 ? 5.587   -4.615  -14.415 1.00 39.78  ? 137 ASP A C   1 
ATOM 1085 O O   . ASP A 1 137 ? 6.718   -4.304  -14.041 1.00 37.13  ? 137 ASP A O   1 
ATOM 1086 C CB  . ASP A 1 137 ? 3.885   -2.881  -14.965 1.00 41.99  ? 137 ASP A CB  1 
ATOM 1087 C CG  . ASP A 1 137 ? 3.462   -1.787  -15.943 1.00 47.05  ? 137 ASP A CG  1 
ATOM 1088 O OD1 . ASP A 1 137 ? 4.169   -1.541  -16.894 1.00 48.06  ? 137 ASP A OD1 1 
ATOM 1089 O OD2 . ASP A 1 137 ? 2.437   -1.184  -15.724 1.00 49.20  ? 137 ASP A OD2 1 
ATOM 1090 N N   . GLN A 1 138 ? 4.892   -5.635  -13.903 1.00 38.65  ? 138 GLN A N   1 
ATOM 1091 C CA  . GLN A 1 138 ? 5.426   -6.471  -12.850 1.00 35.01  ? 138 GLN A CA  1 
ATOM 1092 C C   . GLN A 1 138 ? 6.670   -7.196  -13.322 1.00 35.94  ? 138 GLN A C   1 
ATOM 1093 O O   . GLN A 1 138 ? 7.650   -7.280  -12.587 1.00 36.13  ? 138 GLN A O   1 
ATOM 1094 C CB  . GLN A 1 138 ? 4.400   -7.509  -12.407 1.00 35.53  ? 138 GLN A CB  1 
ATOM 1095 C CG  . GLN A 1 138 ? 4.816   -8.288  -11.177 1.00 30.57  ? 138 GLN A CG  1 
ATOM 1096 C CD  . GLN A 1 138 ? 4.838   -7.386  -9.970  1.00 26.99  ? 138 GLN A CD  1 
ATOM 1097 O OE1 . GLN A 1 138 ? 3.813   -6.743  -9.730  1.00 26.62  ? 138 GLN A OE1 1 
ATOM 1098 N NE2 . GLN A 1 138 ? 5.946   -7.325  -9.232  1.00 27.59  ? 138 GLN A NE2 1 
ATOM 1099 N N   . LYS A 1 139 ? 6.639   -7.692  -14.564 1.00 36.86  ? 139 LYS A N   1 
ATOM 1100 C CA  . LYS A 1 139 ? 7.781   -8.398  -15.132 1.00 36.22  ? 139 LYS A CA  1 
ATOM 1101 C C   . LYS A 1 139 ? 9.022   -7.525  -15.189 1.00 36.69  ? 139 LYS A C   1 
ATOM 1102 O O   . LYS A 1 139 ? 10.118  -7.988  -14.872 1.00 38.19  ? 139 LYS A O   1 
ATOM 1103 C CB  . LYS A 1 139 ? 7.466   -8.887  -16.543 1.00 40.26  ? 139 LYS A CB  1 
ATOM 1104 C CG  . LYS A 1 139 ? 6.475   -10.032 -16.642 1.00 41.60  ? 139 LYS A CG  1 
ATOM 1105 C CD  . LYS A 1 139 ? 6.236   -10.372 -18.103 1.00 44.27  ? 139 LYS A CD  1 
ATOM 1106 C CE  . LYS A 1 139 ? 5.242   -11.506 -18.280 1.00 47.96  ? 139 LYS A CE  1 
ATOM 1107 N NZ  . LYS A 1 139 ? 4.974   -11.772 -19.721 1.00 54.70  ? 139 LYS A NZ  1 
ATOM 1108 N N   . VAL A 1 140 ? 8.842   -6.261  -15.572 1.00 37.40  ? 140 VAL A N   1 
ATOM 1109 C CA  . VAL A 1 140 ? 9.951   -5.322  -15.664 1.00 36.56  ? 140 VAL A CA  1 
ATOM 1110 C C   . VAL A 1 140 ? 10.553  -5.006  -14.306 1.00 35.97  ? 140 VAL A C   1 
ATOM 1111 O O   . VAL A 1 140 ? 11.776  -5.048  -14.141 1.00 37.26  ? 140 VAL A O   1 
ATOM 1112 C CB  . VAL A 1 140 ? 9.484   -4.017  -16.327 1.00 37.04  ? 140 VAL A CB  1 
ATOM 1113 C CG1 . VAL A 1 140 ? 10.581  -2.967  -16.241 1.00 39.52  ? 140 VAL A CG1 1 
ATOM 1114 C CG2 . VAL A 1 140 ? 9.128   -4.292  -17.779 1.00 34.90  ? 140 VAL A CG2 1 
ATOM 1115 N N   . VAL A 1 141 ? 9.691   -4.690  -13.341 1.00 36.14  ? 141 VAL A N   1 
ATOM 1116 C CA  . VAL A 1 141 ? 10.146  -4.364  -12.000 1.00 36.95  ? 141 VAL A CA  1 
ATOM 1117 C C   . VAL A 1 141 ? 10.851  -5.551  -11.365 1.00 34.07  ? 141 VAL A C   1 
ATOM 1118 O O   . VAL A 1 141 ? 11.924  -5.385  -10.779 1.00 37.13  ? 141 VAL A O   1 
ATOM 1119 C CB  . VAL A 1 141 ? 8.965   -3.912  -11.116 1.00 37.20  ? 141 VAL A CB  1 
ATOM 1120 C CG1 . VAL A 1 141 ? 9.420   -3.777  -9.673  1.00 35.71  ? 141 VAL A CG1 1 
ATOM 1121 C CG2 . VAL A 1 141 ? 8.426   -2.580  -11.625 1.00 36.48  ? 141 VAL A CG2 1 
ATOM 1122 N N   . ASP A 1 142 ? 10.250  -6.743  -11.484 1.00 35.69  ? 142 ASP A N   1 
ATOM 1123 C CA  . ASP A 1 142 ? 10.853  -7.948  -10.939 1.00 35.61  ? 142 ASP A CA  1 
ATOM 1124 C C   . ASP A 1 142 ? 12.209  -8.206  -11.551 1.00 35.35  ? 142 ASP A C   1 
ATOM 1125 O O   . ASP A 1 142 ? 13.163  -8.469  -10.832 1.00 35.98  ? 142 ASP A O   1 
ATOM 1126 C CB  . ASP A 1 142 ? 9.992   -9.201  -11.173 1.00 34.55  ? 142 ASP A CB  1 
ATOM 1127 C CG  . ASP A 1 142 ? 8.729   -9.313  -10.328 1.00 30.65  ? 142 ASP A CG  1 
ATOM 1128 O OD1 . ASP A 1 142 ? 8.504   -8.503  -9.460  1.00 30.18  ? 142 ASP A OD1 1 
ATOM 1129 O OD2 . ASP A 1 142 ? 8.017   -10.265 -10.523 1.00 31.69  ? 142 ASP A OD2 1 
ATOM 1130 N N   . LYS A 1 143 ? 12.299  -8.133  -12.880 1.00 36.33  ? 143 LYS A N   1 
ATOM 1131 C CA  . LYS A 1 143 ? 13.555  -8.374  -13.581 1.00 36.99  ? 143 LYS A CA  1 
ATOM 1132 C C   . LYS A 1 143 ? 14.700  -7.563  -13.011 1.00 35.98  ? 143 LYS A C   1 
ATOM 1133 O O   . LYS A 1 143 ? 15.761  -8.110  -12.700 1.00 36.65  ? 143 LYS A O   1 
ATOM 1134 C CB  . LYS A 1 143 ? 13.399  -8.054  -15.064 1.00 39.87  ? 143 LYS A CB  1 
ATOM 1135 C CG  . LYS A 1 143 ? 14.654  -8.288  -15.887 1.00 41.96  ? 143 LYS A CG  1 
ATOM 1136 C CD  . LYS A 1 143 ? 14.418  -7.970  -17.354 1.00 46.47  ? 143 LYS A CD  1 
ATOM 1137 C CE  . LYS A 1 143 ? 15.687  -8.152  -18.173 1.00 58.13  ? 143 LYS A CE  1 
ATOM 1138 N NZ  . LYS A 1 143 ? 15.469  -7.840  -19.611 1.00 56.20  ? 143 LYS A NZ  1 
ATOM 1139 N N   . ALA A 1 144 ? 14.483  -6.257  -12.888 1.00 36.68  ? 144 ALA A N   1 
ATOM 1140 C CA  . ALA A 1 144 ? 15.506  -5.363  -12.377 1.00 35.49  ? 144 ALA A CA  1 
ATOM 1141 C C   . ALA A 1 144 ? 15.870  -5.680  -10.923 1.00 34.93  ? 144 ALA A C   1 
ATOM 1142 O O   . ALA A 1 144 ? 17.056  -5.758  -10.584 1.00 36.04  ? 144 ALA A O   1 
ATOM 1143 C CB  . ALA A 1 144 ? 15.030  -3.930  -12.509 1.00 38.30  ? 144 ALA A CB  1 
ATOM 1144 N N   . LEU A 1 145 ? 14.859  -5.871  -10.072 1.00 35.75  ? 145 LEU A N   1 
ATOM 1145 C CA  . LEU A 1 145 ? 15.125  -6.165  -8.672  1.00 34.84  ? 145 LEU A CA  1 
ATOM 1146 C C   . LEU A 1 145 ? 15.835  -7.482  -8.468  1.00 34.16  ? 145 LEU A C   1 
ATOM 1147 O O   . LEU A 1 145 ? 16.782  -7.545  -7.691  1.00 36.28  ? 145 LEU A O   1 
ATOM 1148 C CB  . LEU A 1 145 ? 13.822  -6.184  -7.869  1.00 31.77  ? 145 LEU A CB  1 
ATOM 1149 C CG  . LEU A 1 145 ? 13.167  -4.829  -7.629  1.00 30.58  ? 145 LEU A CG  1 
ATOM 1150 C CD1 . LEU A 1 145 ? 11.793  -5.026  -6.996  1.00 27.87  ? 145 LEU A CD1 1 
ATOM 1151 C CD2 . LEU A 1 145 ? 14.076  -4.029  -6.716  1.00 31.83  ? 145 LEU A CD2 1 
ATOM 1152 N N   . ILE A 1 146 ? 15.401  -8.515  -9.181  1.00 33.26  ? 146 ILE A N   1 
ATOM 1153 C CA  . ILE A 1 146 ? 15.987  -9.838  -9.072  1.00 35.04  ? 146 ILE A CA  1 
ATOM 1154 C C   . ILE A 1 146 ? 17.434  -9.840  -9.488  1.00 34.94  ? 146 ILE A C   1 
ATOM 1155 O O   . ILE A 1 146 ? 18.260  -10.473 -8.832  1.00 37.67  ? 146 ILE A O   1 
ATOM 1156 C CB  . ILE A 1 146 ? 15.191  -10.865 -9.870  1.00 32.90  ? 146 ILE A CB  1 
ATOM 1157 C CG1 . ILE A 1 146 ? 13.828  -11.064 -9.203  1.00 33.14  ? 146 ILE A CG1 1 
ATOM 1158 C CG2 . ILE A 1 146 ? 15.957  -12.172 -9.930  1.00 38.90  ? 146 ILE A CG2 1 
ATOM 1159 C CD1 . ILE A 1 146 ? 12.841  -11.840 -10.037 1.00 30.26  ? 146 ILE A CD1 1 
ATOM 1160 N N   . ALA A 1 147 ? 17.754  -9.127  -10.565 1.00 35.64  ? 147 ALA A N   1 
ATOM 1161 C CA  . ALA A 1 147 ? 19.139  -9.017  -10.994 1.00 35.60  ? 147 ALA A CA  1 
ATOM 1162 C C   . ALA A 1 147 ? 20.013  -8.511  -9.845  1.00 36.27  ? 147 ALA A C   1 
ATOM 1163 O O   . ALA A 1 147 ? 21.113  -9.025  -9.625  1.00 35.29  ? 147 ALA A O   1 
ATOM 1164 C CB  . ALA A 1 147 ? 19.246  -8.088  -12.190 1.00 33.96  ? 147 ALA A CB  1 
ATOM 1165 N N   . GLU A 1 148 ? 19.512  -7.522  -9.098  1.00 36.96  ? 148 GLU A N   1 
ATOM 1166 C CA  . GLU A 1 148 ? 20.251  -7.012  -7.951  1.00 35.18  ? 148 GLU A CA  1 
ATOM 1167 C C   . GLU A 1 148 ? 20.231  -7.990  -6.772  1.00 34.22  ? 148 GLU A C   1 
ATOM 1168 O O   . GLU A 1 148 ? 21.241  -8.149  -6.089  1.00 36.20  ? 148 GLU A O   1 
ATOM 1169 C CB  . GLU A 1 148 ? 19.683  -5.660  -7.521  1.00 36.53  ? 148 GLU A CB  1 
ATOM 1170 C CG  . GLU A 1 148 ? 19.920  -4.553  -8.536  1.00 39.73  ? 148 GLU A CG  1 
ATOM 1171 C CD  . GLU A 1 148 ? 21.382  -4.294  -8.783  1.00 43.11  ? 148 GLU A CD  1 
ATOM 1172 O OE1 . GLU A 1 148 ? 22.128  -4.228  -7.832  1.00 42.00  ? 148 GLU A OE1 1 
ATOM 1173 O OE2 . GLU A 1 148 ? 21.764  -4.162  -9.922  1.00 44.24  ? 148 GLU A OE2 1 
ATOM 1174 N N   . ILE A 1 149 ? 19.105  -8.680  -6.568  1.00 34.83  ? 149 ILE A N   1 
ATOM 1175 C CA  . ILE A 1 149 ? 18.976  -9.668  -5.497  1.00 33.29  ? 149 ILE A CA  1 
ATOM 1176 C C   . ILE A 1 149 ? 20.005  -10.773 -5.597  1.00 34.67  ? 149 ILE A C   1 
ATOM 1177 O O   . ILE A 1 149 ? 20.581  -11.172 -4.585  1.00 35.89  ? 149 ILE A O   1 
ATOM 1178 C CB  . ILE A 1 149 ? 17.569  -10.281 -5.459  1.00 31.31  ? 149 ILE A CB  1 
ATOM 1179 C CG1 . ILE A 1 149 ? 16.563  -9.240  -4.985  1.00 31.39  ? 149 ILE A CG1 1 
ATOM 1180 C CG2 . ILE A 1 149 ? 17.539  -11.507 -4.572  1.00 31.34  ? 149 ILE A CG2 1 
ATOM 1181 C CD1 . ILE A 1 149 ? 15.130  -9.645  -5.191  1.00 31.67  ? 149 ILE A CD1 1 
ATOM 1182 N N   . LYS A 1 150 ? 20.254  -11.246 -6.819  1.00 35.54  ? 150 LYS A N   1 
ATOM 1183 C CA  . LYS A 1 150 ? 21.228  -12.304 -7.085  1.00 34.97  ? 150 LYS A CA  1 
ATOM 1184 C C   . LYS A 1 150 ? 22.650  -12.023 -6.577  1.00 36.38  ? 150 LYS A C   1 
ATOM 1185 O O   . LYS A 1 150 ? 23.455  -12.951 -6.478  1.00 37.89  ? 150 LYS A O   1 
ATOM 1186 C CB  . LYS A 1 150 ? 21.294  -12.592 -8.583  1.00 37.91  ? 150 LYS A CB  1 
ATOM 1187 C CG  . LYS A 1 150 ? 20.074  -13.296 -9.159  1.00 42.26  ? 150 LYS A CG  1 
ATOM 1188 C CD  . LYS A 1 150 ? 20.245  -13.531 -10.653 1.00 49.82  ? 150 LYS A CD  1 
ATOM 1189 C CE  . LYS A 1 150 ? 19.062  -14.283 -11.244 1.00 56.35  ? 150 LYS A CE  1 
ATOM 1190 N NZ  . LYS A 1 150 ? 19.227  -14.516 -12.706 1.00 50.91  ? 150 LYS A NZ  1 
ATOM 1191 N N   . LYS A 1 151 ? 22.974  -10.768 -6.256  1.00 36.17  ? 151 LYS A N   1 
ATOM 1192 C CA  . LYS A 1 151 ? 24.291  -10.425 -5.739  1.00 37.30  ? 151 LYS A CA  1 
ATOM 1193 C C   . LYS A 1 151 ? 24.544  -11.001 -4.333  1.00 40.37  ? 151 LYS A C   1 
ATOM 1194 O O   . LYS A 1 151 ? 25.695  -11.129 -3.912  1.00 40.05  ? 151 LYS A O   1 
ATOM 1195 C CB  . LYS A 1 151 ? 24.453  -8.911  -5.739  1.00 38.59  ? 151 LYS A CB  1 
ATOM 1196 C CG  . LYS A 1 151 ? 24.543  -8.318  -7.140  1.00 40.86  ? 151 LYS A CG  1 
ATOM 1197 C CD  . LYS A 1 151 ? 24.644  -6.803  -7.111  1.00 39.46  ? 151 LYS A CD  1 
ATOM 1198 C CE  . LYS A 1 151 ? 24.797  -6.241  -8.518  1.00 42.26  ? 151 LYS A CE  1 
ATOM 1199 N NZ  . LYS A 1 151 ? 24.815  -4.753  -8.523  1.00 48.35  ? 151 LYS A NZ  1 
ATOM 1200 N N   . THR A 1 152 ? 23.469  -11.347 -3.613  1.00 40.45  ? 152 THR A N   1 
ATOM 1201 C CA  . THR A 1 152 ? 23.567  -11.944 -2.284  1.00 39.41  ? 152 THR A CA  1 
ATOM 1202 C C   . THR A 1 152 ? 22.861  -13.307 -2.291  1.00 39.25  ? 152 THR A C   1 
ATOM 1203 O O   . THR A 1 152 ? 21.637  -13.362 -2.390  1.00 38.70  ? 152 THR A O   1 
ATOM 1204 C CB  . THR A 1 152 ? 22.937  -11.027 -1.218  1.00 39.22  ? 152 THR A CB  1 
ATOM 1205 O OG1 . THR A 1 152 ? 23.626  -9.771  -1.186  1.00 40.92  ? 152 THR A OG1 1 
ATOM 1206 C CG2 . THR A 1 152 ? 22.980  -11.672 0.159   1.00 41.25  ? 152 THR A CG2 1 
ATOM 1207 N N   . PRO A 1 153 ? 23.609  -14.410 -2.137  1.00 41.06  ? 153 PRO A N   1 
ATOM 1208 C CA  . PRO A 1 153 ? 23.175  -15.808 -2.261  1.00 43.03  ? 153 PRO A CA  1 
ATOM 1209 C C   . PRO A 1 153 ? 22.001  -16.224 -1.375  1.00 41.14  ? 153 PRO A C   1 
ATOM 1210 O O   . PRO A 1 153 ? 21.296  -17.179 -1.700  1.00 41.51  ? 153 PRO A O   1 
ATOM 1211 C CB  . PRO A 1 153 ? 24.413  -16.597 -1.824  1.00 44.56  ? 153 PRO A CB  1 
ATOM 1212 C CG  . PRO A 1 153 ? 25.148  -15.683 -0.908  1.00 41.87  ? 153 PRO A CG  1 
ATOM 1213 C CD  . PRO A 1 153 ? 24.913  -14.311 -1.455  1.00 40.17  ? 153 PRO A CD  1 
ATOM 1214 N N   . LEU A 1 154 ? 21.785  -15.526 -0.267  1.00 36.66  ? 154 LEU A N   1 
ATOM 1215 C CA  . LEU A 1 154 ? 20.692  -15.877 0.623   1.00 33.33  ? 154 LEU A CA  1 
ATOM 1216 C C   . LEU A 1 154 ? 19.557  -14.865 0.617   1.00 29.23  ? 154 LEU A C   1 
ATOM 1217 O O   . LEU A 1 154 ? 18.584  -15.035 1.350   1.00 27.70  ? 154 LEU A O   1 
ATOM 1218 C CB  . LEU A 1 154 ? 21.224  -16.024 2.043   1.00 33.96  ? 154 LEU A CB  1 
ATOM 1219 C CG  . LEU A 1 154 ? 22.283  -17.111 2.227   1.00 40.24  ? 154 LEU A CG  1 
ATOM 1220 C CD1 . LEU A 1 154 ? 22.783  -17.088 3.662   1.00 46.00  ? 154 LEU A CD1 1 
ATOM 1221 C CD2 . LEU A 1 154 ? 21.676  -18.459 1.875   1.00 36.76  ? 154 LEU A CD2 1 
ATOM 1222 N N   . LEU A 1 155 ? 19.692  -13.808 -0.172  1.00 29.69  ? 155 LEU A N   1 
ATOM 1223 C CA  . LEU A 1 155 ? 18.703  -12.741 -0.188  1.00 26.67  ? 155 LEU A CA  1 
ATOM 1224 C C   . LEU A 1 155 ? 17.385  -13.143 -0.809  1.00 24.35  ? 155 LEU A C   1 
ATOM 1225 O O   . LEU A 1 155 ? 16.332  -12.804 -0.277  1.00 22.84  ? 155 LEU A O   1 
ATOM 1226 C CB  . LEU A 1 155 ? 19.278  -11.532 -0.886  1.00 29.69  ? 155 LEU A CB  1 
ATOM 1227 C CG  . LEU A 1 155 ? 18.367  -10.323 -0.983  1.00 28.05  ? 155 LEU A CG  1 
ATOM 1228 C CD1 . LEU A 1 155 ? 17.910  -9.916  0.400   1.00 24.03  ? 155 LEU A CD1 1 
ATOM 1229 C CD2 . LEU A 1 155 ? 19.166  -9.207  -1.621  1.00 32.76  ? 155 LEU A CD2 1 
ATOM 1230 N N   . LYS A 1 156 ? 17.425  -13.840 -1.939  1.00 25.84  ? 156 LYS A N   1 
ATOM 1231 C CA  . LYS A 1 156 ? 16.189  -14.297 -2.557  1.00 24.19  ? 156 LYS A CA  1 
ATOM 1232 C C   . LYS A 1 156 ? 15.432  -15.205 -1.602  1.00 23.24  ? 156 LYS A C   1 
ATOM 1233 O O   . LYS A 1 156 ? 14.207  -15.122 -1.500  1.00 23.10  ? 156 LYS A O   1 
ATOM 1234 C CB  . LYS A 1 156 ? 16.454  -15.033 -3.863  1.00 25.92  ? 156 LYS A CB  1 
ATOM 1235 C CG  . LYS A 1 156 ? 15.181  -15.464 -4.576  1.00 28.30  ? 156 LYS A CG  1 
ATOM 1236 C CD  . LYS A 1 156 ? 15.484  -16.136 -5.904  1.00 36.57  ? 156 LYS A CD  1 
ATOM 1237 C CE  . LYS A 1 156 ? 14.206  -16.593 -6.594  1.00 41.97  ? 156 LYS A CE  1 
ATOM 1238 N NZ  . LYS A 1 156 ? 14.491  -17.286 -7.881  1.00 46.62  ? 156 LYS A NZ  1 
ATOM 1239 N N   . GLN A 1 157 ? 16.174  -16.076 -0.909  1.00 22.32  ? 157 GLN A N   1 
ATOM 1240 C CA  . GLN A 1 157 ? 15.610  -17.004 0.056   1.00 21.22  ? 157 GLN A CA  1 
ATOM 1241 C C   . GLN A 1 157 ? 14.997  -16.251 1.225   1.00 20.55  ? 157 GLN A C   1 
ATOM 1242 O O   . GLN A 1 157 ? 13.901  -16.585 1.674   1.00 20.23  ? 157 GLN A O   1 
ATOM 1243 C CB  . GLN A 1 157 ? 16.691  -17.956 0.561   1.00 24.12  ? 157 GLN A CB  1 
ATOM 1244 C CG  . GLN A 1 157 ? 17.200  -18.927 -0.482  1.00 27.49  ? 157 GLN A CG  1 
ATOM 1245 C CD  . GLN A 1 157 ? 18.321  -19.798 0.042   1.00 36.20  ? 157 GLN A CD  1 
ATOM 1246 O OE1 . GLN A 1 157 ? 18.515  -19.916 1.256   1.00 36.34  ? 157 GLN A OE1 1 
ATOM 1247 N NE2 . GLN A 1 157 ? 19.066  -20.415 -0.867  1.00 41.19  ? 157 GLN A NE2 1 
ATOM 1248 N N   . TYR A 1 158 ? 15.705  -15.221 1.688   1.00 21.09  ? 158 TYR A N   1 
ATOM 1249 C CA  . TYR A 1 158 ? 15.250  -14.338 2.751   1.00 17.19  ? 158 TYR A CA  1 
ATOM 1250 C C   . TYR A 1 158 ? 13.919  -13.711 2.405   1.00 17.46  ? 158 TYR A C   1 
ATOM 1251 O O   . TYR A 1 158 ? 12.984  -13.755 3.200   1.00 17.61  ? 158 TYR A O   1 
ATOM 1252 C CB  . TYR A 1 158 ? 16.312  -13.267 3.007   1.00 18.91  ? 158 TYR A CB  1 
ATOM 1253 C CG  . TYR A 1 158 ? 15.935  -12.154 3.951   1.00 16.48  ? 158 TYR A CG  1 
ATOM 1254 C CD1 . TYR A 1 158 ? 15.890  -12.371 5.317   1.00 15.11  ? 158 TYR A CD1 1 
ATOM 1255 C CD2 . TYR A 1 158 ? 15.669  -10.890 3.441   1.00 19.59  ? 158 TYR A CD2 1 
ATOM 1256 C CE1 . TYR A 1 158 ? 15.579  -11.330 6.169   1.00 15.92  ? 158 TYR A CE1 1 
ATOM 1257 C CE2 . TYR A 1 158 ? 15.362  -9.851  4.292   1.00 19.19  ? 158 TYR A CE2 1 
ATOM 1258 C CZ  . TYR A 1 158 ? 15.315  -10.066 5.650   1.00 17.95  ? 158 TYR A CZ  1 
ATOM 1259 O OH  . TYR A 1 158 ? 15.008  -9.029  6.500   1.00 21.37  ? 158 TYR A OH  1 
ATOM 1260 N N   . LEU A 1 159 ? 13.838  -13.131 1.216   1.00 18.38  ? 159 LEU A N   1 
ATOM 1261 C CA  . LEU A 1 159 ? 12.620  -12.497 0.751   1.00 17.72  ? 159 LEU A CA  1 
ATOM 1262 C C   . LEU A 1 159 ? 11.488  -13.507 0.558   1.00 17.24  ? 159 LEU A C   1 
ATOM 1263 O O   . LEU A 1 159 ? 10.331  -13.201 0.844   1.00 17.53  ? 159 LEU A O   1 
ATOM 1264 C CB  . LEU A 1 159 ? 12.906  -11.759 -0.553  1.00 18.58  ? 159 LEU A CB  1 
ATOM 1265 C CG  . LEU A 1 159 ? 13.822  -10.536 -0.418  1.00 18.38  ? 159 LEU A CG  1 
ATOM 1266 C CD1 . LEU A 1 159 ? 14.170  -10.011 -1.797  1.00 22.31  ? 159 LEU A CD1 1 
ATOM 1267 C CD2 . LEU A 1 159 ? 13.115  -9.474  0.403   1.00 18.77  ? 159 LEU A CD2 1 
ATOM 1268 N N   . SER A 1 160 ? 11.821  -14.711 0.090   1.00 18.07  ? 160 SER A N   1 
ATOM 1269 C CA  . SER A 1 160 ? 10.838  -15.778 -0.083  1.00 17.23  ? 160 SER A CA  1 
ATOM 1270 C C   . SER A 1 160 ? 10.201  -16.181 1.245   1.00 17.33  ? 160 SER A C   1 
ATOM 1271 O O   . SER A 1 160 ? 8.986   -16.368 1.330   1.00 18.82  ? 160 SER A O   1 
ATOM 1272 C CB  . SER A 1 160 ? 11.479  -16.984 -0.730  1.00 17.00  ? 160 SER A CB  1 
ATOM 1273 O OG  . SER A 1 160 ? 10.545  -18.014 -0.904  1.00 17.53  ? 160 SER A OG  1 
ATOM 1274 N N   . ALA A 1 161 ? 11.034  -16.328 2.273   1.00 17.42  ? 161 ALA A N   1 
ATOM 1275 C CA  . ALA A 1 161 ? 10.590  -16.706 3.610   1.00 15.50  ? 161 ALA A CA  1 
ATOM 1276 C C   . ALA A 1 161 ? 9.699   -15.648 4.249   1.00 17.87  ? 161 ALA A C   1 
ATOM 1277 O O   . ALA A 1 161 ? 9.881   -14.447 4.040   1.00 18.97  ? 161 ALA A O   1 
ATOM 1278 C CB  . ALA A 1 161 ? 11.792  -16.961 4.500   1.00 15.30  ? 161 ALA A CB  1 
ATOM 1279 N N   . SER A 1 162 ? 8.749   -16.107 5.058   1.00 18.72  ? 162 SER A N   1 
ATOM 1280 C CA  . SER A 1 162 ? 7.834   -15.222 5.768   1.00 15.92  ? 162 SER A CA  1 
ATOM 1281 C C   . SER A 1 162 ? 8.414   -14.786 7.111   1.00 16.17  ? 162 SER A C   1 
ATOM 1282 O O   . SER A 1 162 ? 9.446   -15.294 7.549   1.00 21.39  ? 162 SER A O   1 
ATOM 1283 C CB  . SER A 1 162 ? 6.502   -15.908 5.988   1.00 18.42  ? 162 SER A CB  1 
ATOM 1284 O OG  . SER A 1 162 ? 6.630   -16.969 6.893   1.00 21.69  ? 162 SER A OG  1 
ATOM 1285 N N   . PHE A 1 163 ? 7.754   -13.823 7.743   1.00 17.20  ? 163 PHE A N   1 
ATOM 1286 C CA  . PHE A 1 163 ? 8.161   -13.307 9.043   1.00 15.42  ? 163 PHE A CA  1 
ATOM 1287 C C   . PHE A 1 163 ? 7.132   -13.589 10.116  1.00 16.02  ? 163 PHE A C   1 
ATOM 1288 O O   . PHE A 1 163 ? 5.942   -13.328 9.937   1.00 17.51  ? 163 PHE A O   1 
ATOM 1289 C CB  . PHE A 1 163 ? 8.384   -11.801 8.988   1.00 15.65  ? 163 PHE A CB  1 
ATOM 1290 C CG  . PHE A 1 163 ? 8.691   -11.212 10.339  1.00 15.36  ? 163 PHE A CG  1 
ATOM 1291 C CD1 . PHE A 1 163 ? 9.959   -11.292 10.887  1.00 15.88  ? 163 PHE A CD1 1 
ATOM 1292 C CD2 . PHE A 1 163 ? 7.694   -10.582 11.071  1.00 15.93  ? 163 PHE A CD2 1 
ATOM 1293 C CE1 . PHE A 1 163 ? 10.225  -10.754 12.130  1.00 15.69  ? 163 PHE A CE1 1 
ATOM 1294 C CE2 . PHE A 1 163 ? 7.958   -10.042 12.314  1.00 14.98  ? 163 PHE A CE2 1 
ATOM 1295 C CZ  . PHE A 1 163 ? 9.227   -10.128 12.843  1.00 14.58  ? 163 PHE A CZ  1 
ATOM 1296 N N   . SER A 1 164 ? 7.602   -14.106 11.241  1.00 16.89  ? 164 SER A N   1 
ATOM 1297 C CA  . SER A 1 164 ? 6.742   -14.383 12.375  1.00 16.44  ? 164 SER A CA  1 
ATOM 1298 C C   . SER A 1 164 ? 7.534   -14.402 13.664  1.00 15.65  ? 164 SER A C   1 
ATOM 1299 O O   . SER A 1 164 ? 8.662   -14.895 13.701  1.00 18.32  ? 164 SER A O   1 
ATOM 1300 C CB  . SER A 1 164 ? 6.036   -15.708 12.198  1.00 20.08  ? 164 SER A CB  1 
ATOM 1301 O OG  . SER A 1 164 ? 5.223   -15.994 13.304  1.00 25.54  ? 164 SER A OG  1 
ATOM 1302 N N   . LEU A 1 165 ? 6.938   -13.874 14.726  1.00 18.31  ? 165 LEU A N   1 
ATOM 1303 C CA  . LEU A 1 165 ? 7.588   -13.881 16.027  1.00 17.09  ? 165 LEU A CA  1 
ATOM 1304 C C   . LEU A 1 165 ? 7.499   -15.264 16.643  1.00 16.83  ? 165 LEU A C   1 
ATOM 1305 O O   . LEU A 1 165 ? 6.528   -15.991 16.428  1.00 18.65  ? 165 LEU A O   1 
ATOM 1306 C CB  . LEU A 1 165 ? 6.950   -12.847 16.959  1.00 13.85  ? 165 LEU A CB  1 
ATOM 1307 C CG  . LEU A 1 165 ? 7.097   -11.384 16.528  1.00 16.11  ? 165 LEU A CG  1 
ATOM 1308 C CD1 . LEU A 1 165 ? 6.310   -10.501 17.482  1.00 15.67  ? 165 LEU A CD1 1 
ATOM 1309 C CD2 . LEU A 1 165 ? 8.571   -11.006 16.535  1.00 18.09  ? 165 LEU A CD2 1 
ATOM 1310 N N   . LYS A 1 166 ? 8.517   -15.617 17.408  1.00 17.99  ? 166 LYS A N   1 
ATOM 1311 C CA  . LYS A 1 166 ? 8.598   -16.916 18.052  1.00 18.18  ? 166 LYS A CA  1 
ATOM 1312 C C   . LYS A 1 166 ? 8.615   -16.755 19.560  1.00 19.43  ? 166 LYS A C   1 
ATOM 1313 O O   . LYS A 1 166 ? 8.729   -15.640 20.069  1.00 20.40  ? 166 LYS A O   1 
ATOM 1314 C CB  . LYS A 1 166 ? 9.844   -17.658 17.582  1.00 19.07  ? 166 LYS A CB  1 
ATOM 1315 C CG  . LYS A 1 166 ? 9.841   -17.982 16.096  1.00 20.77  ? 166 LYS A CG  1 
ATOM 1316 C CD  . LYS A 1 166 ? 11.089  -18.749 15.693  1.00 29.30  ? 166 LYS A CD  1 
ATOM 1317 C CE  . LYS A 1 166 ? 11.085  -19.059 14.205  1.00 34.44  ? 166 LYS A CE  1 
ATOM 1318 N NZ  . LYS A 1 166 ? 12.306  -19.802 13.793  1.00 54.11  ? 166 LYS A NZ  1 
ATOM 1319 N N   . ASN A 1 167 ? 8.474   -17.863 20.272  1.00 20.88  ? 167 ASN A N   1 
ATOM 1320 C CA  . ASN A 1 167 ? 8.460   -17.799 21.719  1.00 18.49  ? 167 ASN A CA  1 
ATOM 1321 C C   . ASN A 1 167 ? 9.796   -17.302 22.229  1.00 18.33  ? 167 ASN A C   1 
ATOM 1322 O O   . ASN A 1 167 ? 10.851  -17.803 21.838  1.00 19.80  ? 167 ASN A O   1 
ATOM 1323 C CB  . ASN A 1 167 ? 8.121   -19.150 22.307  1.00 18.46  ? 167 ASN A CB  1 
ATOM 1324 C CG  . ASN A 1 167 ? 6.706   -19.553 22.018  1.00 23.03  ? 167 ASN A CG  1 
ATOM 1325 O OD1 . ASN A 1 167 ? 5.824   -18.701 21.859  1.00 27.42  ? 167 ASN A OD1 1 
ATOM 1326 N ND2 . ASN A 1 167 ? 6.469   -20.837 21.944  1.00 21.91  ? 167 ASN A ND2 1 
ATOM 1327 N N   . GLY A 1 168 ? 9.740   -16.316 23.115  1.00 20.73  ? 168 GLY A N   1 
ATOM 1328 C CA  . GLY A 1 168 ? 10.933  -15.712 23.685  1.00 20.45  ? 168 GLY A CA  1 
ATOM 1329 C C   . GLY A 1 168 ? 11.364  -14.441 22.946  1.00 20.56  ? 168 GLY A C   1 
ATOM 1330 O O   . GLY A 1 168 ? 12.245  -13.724 23.423  1.00 23.31  ? 168 GLY A O   1 
ATOM 1331 N N   . ASP A 1 169 ? 10.750  -14.150 21.797  1.00 21.45  ? 169 ASP A N   1 
ATOM 1332 C CA  . ASP A 1 169 ? 11.087  -12.931 21.073  1.00 20.98  ? 169 ASP A CA  1 
ATOM 1333 C C   . ASP A 1 169 ? 10.588  -11.700 21.797  1.00 22.41  ? 169 ASP A C   1 
ATOM 1334 O O   . ASP A 1 169 ? 9.489   -11.686 22.352  1.00 22.64  ? 169 ASP A O   1 
ATOM 1335 C CB  . ASP A 1 169 ? 10.540  -12.961 19.652  1.00 19.54  ? 169 ASP A CB  1 
ATOM 1336 C CG  . ASP A 1 169 ? 11.344  -13.887 18.754  1.00 21.58  ? 169 ASP A CG  1 
ATOM 1337 O OD1 . ASP A 1 169 ? 12.432  -14.253 19.133  1.00 23.54  ? 169 ASP A OD1 1 
ATOM 1338 O OD2 . ASP A 1 169 ? 10.869  -14.220 17.697  1.00 21.53  ? 169 ASP A OD2 1 
ATOM 1339 N N   . LYS A 1 170 ? 11.409  -10.664 21.779  1.00 21.36  ? 170 LYS A N   1 
ATOM 1340 C CA  . LYS A 1 170 ? 11.114  -9.401  22.431  1.00 18.75  ? 170 LYS A CA  1 
ATOM 1341 C C   . LYS A 1 170 ? 11.336  -8.248  21.472  1.00 19.92  ? 170 LYS A C   1 
ATOM 1342 O O   . LYS A 1 170 ? 12.424  -7.683  21.477  1.00 21.39  ? 170 LYS A O   1 
ATOM 1343 C CB  . LYS A 1 170 ? 12.000  -9.229  23.662  1.00 21.89  ? 170 LYS A CB  1 
ATOM 1344 C CG  . LYS A 1 170 ? 11.742  -10.247 24.760  1.00 24.51  ? 170 LYS A CG  1 
ATOM 1345 C CD  . LYS A 1 170 ? 12.633  -10.007 25.964  1.00 26.82  ? 170 LYS A CD  1 
ATOM 1346 C CE  . LYS A 1 170 ? 12.374  -11.043 27.047  1.00 34.58  ? 170 LYS A CE  1 
ATOM 1347 N NZ  . LYS A 1 170 ? 13.245  -10.836 28.237  1.00 41.80  ? 170 LYS A NZ  1 
ATOM 1348 N N   . PRO A 1 171 ? 10.341  -7.900  20.646  1.00 17.91  ? 171 PRO A N   1 
ATOM 1349 C CA  . PRO A 1 171 ? 10.321  -6.876  19.594  1.00 18.62  ? 171 PRO A CA  1 
ATOM 1350 C C   . PRO A 1 171 ? 10.901  -5.529  20.020  1.00 19.13  ? 171 PRO A C   1 
ATOM 1351 O O   . PRO A 1 171 ? 11.512  -4.838  19.206  1.00 21.41  ? 171 PRO A O   1 
ATOM 1352 C CB  . PRO A 1 171 ? 8.830   -6.738  19.286  1.00 17.65  ? 171 PRO A CB  1 
ATOM 1353 C CG  . PRO A 1 171 ? 8.271   -8.078  19.584  1.00 17.65  ? 171 PRO A CG  1 
ATOM 1354 C CD  . PRO A 1 171 ? 9.011   -8.513  20.815  1.00 17.99  ? 171 PRO A CD  1 
ATOM 1355 N N   . HIS A 1 172 ? 10.727  -5.157  21.286  1.00 19.72  ? 172 HIS A N   1 
ATOM 1356 C CA  . HIS A 1 172 ? 11.276  -3.900  21.795  1.00 19.66  ? 172 HIS A CA  1 
ATOM 1357 C C   . HIS A 1 172 ? 12.796  -3.947  22.017  1.00 20.01  ? 172 HIS A C   1 
ATOM 1358 O O   . HIS A 1 172 ? 13.421  -2.918  22.280  1.00 21.79  ? 172 HIS A O   1 
ATOM 1359 C CB  . HIS A 1 172 ? 10.565  -3.506  23.089  1.00 20.34  ? 172 HIS A CB  1 
ATOM 1360 C CG  . HIS A 1 172 ? 10.770  -4.442  24.234  1.00 18.25  ? 172 HIS A CG  1 
ATOM 1361 N ND1 . HIS A 1 172 ? 10.211  -5.701  24.276  1.00 19.66  ? 172 HIS A ND1 1 
ATOM 1362 C CD2 . HIS A 1 172 ? 11.451  -4.291  25.391  1.00 19.76  ? 172 HIS A CD2 1 
ATOM 1363 C CE1 . HIS A 1 172 ? 10.544  -6.285  25.413  1.00 18.19  ? 172 HIS A CE1 1 
ATOM 1364 N NE2 . HIS A 1 172 ? 11.296  -5.452  26.106  1.00 18.18  ? 172 HIS A NE2 1 
ATOM 1365 N N   . MET A 1 173 ? 13.383  -5.133  21.891  1.00 20.72  ? 173 MET A N   1 
ATOM 1366 C CA  . MET A 1 173 ? 14.815  -5.351  22.009  1.00 22.72  ? 173 MET A CA  1 
ATOM 1367 C C   . MET A 1 173 ? 15.383  -5.815  20.674  1.00 21.44  ? 173 MET A C   1 
ATOM 1368 O O   . MET A 1 173 ? 16.550  -5.564  20.365  1.00 23.60  ? 173 MET A O   1 
ATOM 1369 C CB  . MET A 1 173 ? 15.115  -6.386  23.086  1.00 23.09  ? 173 MET A CB  1 
ATOM 1370 C CG  . MET A 1 173 ? 14.748  -5.960  24.493  1.00 24.50  ? 173 MET A CG  1 
ATOM 1371 S SD  . MET A 1 173 ? 15.075  -7.245  25.709  1.00 43.88  ? 173 MET A SD  1 
ATOM 1372 C CE  . MET A 1 173 ? 16.863  -7.262  25.695  1.00 48.81  ? 173 MET A CE  1 
ATOM 1373 N N   . LEU A 1 174 ? 14.550  -6.496  19.886  1.00 20.84  ? 174 LEU A N   1 
ATOM 1374 C CA  . LEU A 1 174 ? 14.963  -6.993  18.584  1.00 20.84  ? 174 LEU A CA  1 
ATOM 1375 C C   . LEU A 1 174 ? 15.266  -5.871  17.620  1.00 21.51  ? 174 LEU A C   1 
ATOM 1376 O O   . LEU A 1 174 ? 14.599  -4.835  17.608  1.00 22.13  ? 174 LEU A O   1 
ATOM 1377 C CB  . LEU A 1 174 ? 13.871  -7.876  17.970  1.00 19.19  ? 174 LEU A CB  1 
ATOM 1378 C CG  . LEU A 1 174 ? 13.597  -9.199  18.686  1.00 20.81  ? 174 LEU A CG  1 
ATOM 1379 C CD1 . LEU A 1 174 ? 12.399  -9.878  18.038  1.00 21.52  ? 174 LEU A CD1 1 
ATOM 1380 C CD2 . LEU A 1 174 ? 14.831  -10.080 18.602  1.00 23.56  ? 174 LEU A CD2 1 
ATOM 1381 N N   . LYS A 1 175 ? 16.272  -6.097  16.792  1.00 22.11  ? 175 LYS A N   1 
ATOM 1382 C CA  . LYS A 1 175 ? 16.675  -5.132  15.794  1.00 21.92  ? 175 LYS A CA  1 
ATOM 1383 C C   . LYS A 1 175 ? 16.422  -5.703  14.419  1.00 23.05  ? 175 LYS A C   1 
ATOM 1384 O O   . LYS A 1 175 ? 16.408  -6.920  14.237  1.00 23.39  ? 175 LYS A O   1 
ATOM 1385 C CB  . LYS A 1 175 ? 18.143  -4.760  15.969  1.00 22.31  ? 175 LYS A CB  1 
ATOM 1386 C CG  . LYS A 1 175 ? 18.446  -4.051  17.279  1.00 27.78  ? 175 LYS A CG  1 
ATOM 1387 C CD  . LYS A 1 175 ? 19.913  -3.673  17.382  1.00 33.90  ? 175 LYS A CD  1 
ATOM 1388 C CE  . LYS A 1 175 ? 20.212  -2.972  18.698  1.00 47.95  ? 175 LYS A CE  1 
ATOM 1389 N NZ  . LYS A 1 175 ? 21.649  -2.604  18.817  1.00 53.81  ? 175 LYS A NZ  1 
ATOM 1390 N N   . PHE A 1 176 ? 16.207  -4.823  13.458  1.00 25.86  ? 176 PHE A N   1 
ATOM 1391 C CA  . PHE A 1 176 ? 15.916  -5.242  12.101  1.00 25.94  ? 176 PHE A CA  1 
ATOM 1392 C C   . PHE A 1 176 ? 16.917  -4.669  11.110  1.00 28.01  ? 176 PHE A C   1 
ATOM 1393 O O   . PHE A 1 176 ? 17.311  -5.347  10.159  1.00 28.39  ? 176 PHE A O   1 
ATOM 1394 C CB  . PHE A 1 176 ? 14.500  -4.811  11.729  1.00 24.02  ? 176 PHE A CB  1 
ATOM 1395 C CG  . PHE A 1 176 ? 13.435  -5.480  12.549  1.00 21.53  ? 176 PHE A CG  1 
ATOM 1396 C CD1 . PHE A 1 176 ? 13.010  -4.929  13.748  1.00 20.09  ? 176 PHE A CD1 1 
ATOM 1397 C CD2 . PHE A 1 176 ? 12.857  -6.663  12.123  1.00 19.65  ? 176 PHE A CD2 1 
ATOM 1398 C CE1 . PHE A 1 176 ? 12.031  -5.547  14.503  1.00 18.41  ? 176 PHE A CE1 1 
ATOM 1399 C CE2 . PHE A 1 176 ? 11.879  -7.281  12.874  1.00 17.53  ? 176 PHE A CE2 1 
ATOM 1400 C CZ  . PHE A 1 176 ? 11.466  -6.725  14.066  1.00 17.00  ? 176 PHE A CZ  1 
ATOM 1401 O OXT . PHE A 1 176 ? 17.195  -3.474  11.157  1.00 27.77  ? 176 PHE A OXT 1 
# 
